data_1KPL
#
_entry.id   1KPL
#
_cell.length_a   185.719
_cell.length_b   90.159
_cell.length_c   80.753
_cell.angle_alpha   90.00
_cell.angle_beta   98.95
_cell.angle_gamma   90.00
#
_symmetry.space_group_name_H-M   'P 1 21 1'
#
loop_
_entity.id
_entity.type
_entity.pdbx_description
1 polymer 'putative ClC family, chlorine transport protein'
2 non-polymer 'CHLORIDE ION'
3 non-polymer 'SULFATE ION'
4 non-polymer N-OCTANE
5 non-polymer PENTADECANE
6 water water
#
_entity_poly.entity_id   1
_entity_poly.type   'polypeptide(L)'
_entity_poly.pdbx_seq_one_letter_code
;MKTDTSTFLAQQIVRLRRRDQIRRLLQRDKTPLAILFMAAVVGTLTGLVGVAFEKAVSWVQNMRIGALVQVADHAFLLWP
LAFILSALLAMVGYFLVRKFAPEAGGSGIPEIEGALEELRPVRWWRVLPVKFIGGMGTLGAGMVLGREGPTVQIGGNLGR
MVLDVFRMRSAEARHTLLATGAAAGLSAAFNAPLAGILFIIEEMRPQFRYNLISIKAVFTGVIMSSIVFRIFNGEAPIIE
VGKLSDAPVNTLWLYLILGIIFGVVGPVFNSLVLRTQDMFQRFHGGEIKKWVLMGGAIGGLCGILGLIEPAAAGGGFNLI
PIAAAGNFSVGLLLFIFITRVVTTLLCFSSGAPGGIFAPMLALGTLLGTAFGMAAAVLFPQYHLEAGTFAIAGMGALMAA
SVRAPLTGIVLVLEMTDNYQLILPMIITCLGATLLAQFLGGKPLYSTILARTLAKQDAEQAEKNQNAPADENT
;
_entity_poly.pdbx_strand_id   A,B,C,D
#
# COMPACT_ATOMS: atom_id res chain seq x y z
N THR A 31 -8.39 16.83 24.09
CA THR A 31 -9.04 16.71 22.79
C THR A 31 -9.73 15.37 22.59
N PRO A 32 -9.03 14.23 22.78
CA PRO A 32 -9.72 12.95 22.61
C PRO A 32 -10.98 12.77 23.47
N LEU A 33 -10.87 13.00 24.78
CA LEU A 33 -12.02 12.87 25.69
C LEU A 33 -13.18 13.75 25.25
N ALA A 34 -12.85 14.93 24.76
CA ALA A 34 -13.86 15.86 24.27
C ALA A 34 -14.65 15.13 23.18
N ILE A 35 -13.94 14.72 22.13
CA ILE A 35 -14.52 13.98 21.00
C ILE A 35 -15.34 12.82 21.54
N LEU A 36 -14.73 12.01 22.39
CA LEU A 36 -15.39 10.86 22.98
C LEU A 36 -16.70 11.31 23.62
N PHE A 37 -16.62 12.39 24.39
CA PHE A 37 -17.80 12.95 25.03
C PHE A 37 -18.81 13.41 23.99
N MET A 38 -18.35 14.27 23.08
CA MET A 38 -19.23 14.80 22.03
C MET A 38 -19.85 13.67 21.22
N ALA A 39 -19.05 12.66 20.90
CA ALA A 39 -19.50 11.50 20.15
C ALA A 39 -20.72 10.91 20.86
N ALA A 40 -20.60 10.75 22.17
CA ALA A 40 -21.66 10.22 22.99
C ALA A 40 -22.91 11.12 22.93
N VAL A 41 -22.71 12.44 22.86
CA VAL A 41 -23.82 13.39 22.79
C VAL A 41 -24.58 13.21 21.47
N VAL A 42 -23.83 13.25 20.36
CA VAL A 42 -24.42 13.08 19.04
C VAL A 42 -25.16 11.75 19.00
N GLY A 43 -24.56 10.74 19.62
CA GLY A 43 -25.22 9.46 19.63
C GLY A 43 -26.59 9.56 20.29
N THR A 44 -26.64 10.19 21.46
CA THR A 44 -27.90 10.33 22.20
C THR A 44 -28.93 11.17 21.45
N LEU A 45 -28.50 12.32 20.97
CA LEU A 45 -29.38 13.20 20.23
C LEU A 45 -30.02 12.43 19.08
N THR A 46 -29.16 11.82 18.25
CA THR A 46 -29.60 11.04 17.09
C THR A 46 -30.65 9.99 17.46
N GLY A 47 -30.46 9.37 18.62
CA GLY A 47 -31.40 8.38 19.10
C GLY A 47 -32.76 9.02 19.36
N LEU A 48 -32.75 10.15 20.07
CA LEU A 48 -33.97 10.90 20.38
C LEU A 48 -34.67 11.31 19.08
N VAL A 49 -33.98 12.15 18.29
CA VAL A 49 -34.53 12.61 17.02
C VAL A 49 -35.02 11.42 16.20
N GLY A 50 -34.22 10.36 16.17
CA GLY A 50 -34.60 9.17 15.44
C GLY A 50 -35.92 8.62 15.93
N VAL A 51 -35.99 8.30 17.23
CA VAL A 51 -37.23 7.76 17.76
C VAL A 51 -38.34 8.73 17.47
N ALA A 52 -38.03 10.02 17.59
CA ALA A 52 -39.00 11.09 17.33
C ALA A 52 -39.54 10.95 15.91
N PHE A 53 -38.65 10.96 14.95
CA PHE A 53 -39.04 10.81 13.57
C PHE A 53 -39.85 9.52 13.37
N GLU A 54 -39.40 8.44 13.98
CA GLU A 54 -40.07 7.16 13.82
C GLU A 54 -41.51 7.09 14.31
N LYS A 55 -41.84 7.92 15.30
CA LYS A 55 -43.21 7.94 15.82
C LYS A 55 -43.96 9.03 15.08
N ALA A 56 -43.24 10.10 14.75
CA ALA A 56 -43.80 11.22 14.02
C ALA A 56 -44.30 10.73 12.66
N VAL A 57 -43.71 9.67 12.16
CA VAL A 57 -44.11 9.13 10.88
C VAL A 57 -45.32 8.24 11.09
N SER A 58 -45.26 7.46 12.16
CA SER A 58 -46.33 6.54 12.52
C SER A 58 -47.65 7.30 12.69
N TRP A 59 -47.59 8.40 13.45
CA TRP A 59 -48.76 9.24 13.69
C TRP A 59 -49.35 9.71 12.35
N VAL A 60 -48.59 10.45 11.56
CA VAL A 60 -49.11 10.91 10.28
C VAL A 60 -49.76 9.73 9.53
N GLN A 61 -49.26 8.52 9.76
CA GLN A 61 -49.85 7.36 9.10
C GLN A 61 -51.15 7.02 9.79
N ASN A 62 -51.12 7.08 11.11
CA ASN A 62 -52.29 6.79 11.92
C ASN A 62 -53.41 7.75 11.54
N MET A 63 -53.07 9.01 11.31
CA MET A 63 -54.07 9.99 10.90
C MET A 63 -54.69 9.53 9.61
N ARG A 64 -53.89 9.59 8.54
CA ARG A 64 -54.33 9.17 7.23
C ARG A 64 -55.17 7.88 7.29
N ILE A 65 -54.83 6.97 8.18
CA ILE A 65 -55.59 5.72 8.28
C ILE A 65 -56.86 5.86 9.11
N GLY A 66 -56.77 6.62 10.20
CA GLY A 66 -57.93 6.82 11.07
C GLY A 66 -58.98 7.74 10.45
N ALA A 67 -58.56 8.54 9.48
CA ALA A 67 -59.45 9.48 8.80
C ALA A 67 -59.92 8.86 7.48
N LEU A 68 -59.29 7.76 7.11
CA LEU A 68 -59.64 7.07 5.88
C LEU A 68 -60.59 5.93 6.24
N VAL A 69 -60.68 5.68 7.54
CA VAL A 69 -61.55 4.63 8.05
C VAL A 69 -62.92 5.28 8.27
N GLN A 70 -62.90 6.59 8.48
CA GLN A 70 -64.13 7.35 8.69
C GLN A 70 -64.98 7.24 7.43
N VAL A 71 -64.52 7.84 6.34
CA VAL A 71 -65.25 7.81 5.08
C VAL A 71 -65.24 6.42 4.46
N ALA A 72 -64.89 5.41 5.25
CA ALA A 72 -64.82 4.03 4.76
C ALA A 72 -66.18 3.44 4.39
N ASP A 73 -67.25 4.13 4.80
CA ASP A 73 -68.61 3.67 4.54
C ASP A 73 -68.88 3.37 3.07
N HIS A 74 -68.70 4.38 2.23
CA HIS A 74 -68.93 4.25 0.80
C HIS A 74 -67.66 4.57 0.00
N ALA A 75 -67.55 3.97 -1.19
CA ALA A 75 -66.40 4.17 -2.04
C ALA A 75 -66.35 5.56 -2.70
N PHE A 76 -67.48 6.25 -2.72
CA PHE A 76 -67.55 7.59 -3.32
C PHE A 76 -66.49 8.53 -2.75
N LEU A 77 -66.22 8.39 -1.46
CA LEU A 77 -65.22 9.23 -0.80
C LEU A 77 -64.01 8.48 -0.23
N LEU A 78 -63.98 7.16 -0.42
CA LEU A 78 -62.86 6.36 0.06
C LEU A 78 -61.71 6.46 -0.93
N TRP A 79 -61.98 6.14 -2.19
CA TRP A 79 -60.95 6.22 -3.23
C TRP A 79 -60.32 7.61 -3.28
N PRO A 80 -61.14 8.66 -3.35
CA PRO A 80 -60.63 10.05 -3.41
C PRO A 80 -59.68 10.39 -2.27
N LEU A 81 -60.17 10.34 -1.03
CA LEU A 81 -59.32 10.66 0.13
C LEU A 81 -58.02 9.88 0.04
N ALA A 82 -58.14 8.56 -0.06
CA ALA A 82 -56.99 7.69 -0.16
C ALA A 82 -55.94 8.34 -1.04
N PHE A 83 -56.30 8.58 -2.30
CA PHE A 83 -55.40 9.20 -3.26
C PHE A 83 -54.97 10.61 -2.83
N ILE A 84 -55.94 11.46 -2.48
CA ILE A 84 -55.66 12.84 -2.08
C ILE A 84 -54.70 13.03 -0.90
N LEU A 85 -54.99 12.36 0.22
CA LEU A 85 -54.14 12.45 1.41
C LEU A 85 -52.67 12.21 1.09
N SER A 86 -52.34 10.96 0.77
CA SER A 86 -50.96 10.59 0.46
C SER A 86 -50.38 11.45 -0.67
N ALA A 87 -51.18 11.68 -1.72
CA ALA A 87 -50.73 12.49 -2.85
C ALA A 87 -50.31 13.88 -2.36
N LEU A 88 -51.06 14.39 -1.39
CA LEU A 88 -50.78 15.72 -0.85
C LEU A 88 -49.55 15.63 0.07
N LEU A 89 -49.57 14.66 0.99
CA LEU A 89 -48.47 14.43 1.92
C LEU A 89 -47.15 14.26 1.16
N ALA A 90 -47.22 13.60 0.00
CA ALA A 90 -46.06 13.39 -0.83
C ALA A 90 -45.55 14.72 -1.38
N MET A 91 -46.47 15.51 -1.95
CA MET A 91 -46.11 16.81 -2.51
C MET A 91 -45.42 17.69 -1.47
N VAL A 92 -45.91 17.63 -0.24
CA VAL A 92 -45.31 18.37 0.85
C VAL A 92 -43.83 18.03 0.83
N GLY A 93 -43.53 16.73 0.90
CA GLY A 93 -42.16 16.27 0.88
C GLY A 93 -41.36 16.77 -0.30
N TYR A 94 -41.80 16.40 -1.51
CA TYR A 94 -41.10 16.83 -2.72
C TYR A 94 -40.90 18.34 -2.73
N PHE A 95 -41.90 19.06 -2.22
CA PHE A 95 -41.81 20.51 -2.18
C PHE A 95 -40.63 21.01 -1.33
N LEU A 96 -40.69 20.74 -0.03
CA LEU A 96 -39.64 21.18 0.89
C LEU A 96 -38.23 20.90 0.36
N VAL A 97 -38.03 19.71 -0.20
CA VAL A 97 -36.73 19.35 -0.74
C VAL A 97 -36.34 20.31 -1.85
N ARG A 98 -37.04 20.20 -2.98
CA ARG A 98 -36.81 21.03 -4.16
C ARG A 98 -36.75 22.54 -3.88
N LYS A 99 -37.38 22.97 -2.78
CA LYS A 99 -37.38 24.38 -2.42
C LYS A 99 -36.25 24.78 -1.46
N PHE A 100 -36.27 24.25 -0.25
CA PHE A 100 -35.27 24.60 0.75
C PHE A 100 -33.98 23.78 0.80
N ALA A 101 -34.06 22.46 0.74
CA ALA A 101 -32.86 21.64 0.80
C ALA A 101 -32.89 20.53 -0.25
N PRO A 102 -32.26 20.76 -1.41
CA PRO A 102 -32.19 19.79 -2.50
C PRO A 102 -31.53 18.47 -2.08
N GLU A 103 -30.45 18.60 -1.31
CA GLU A 103 -29.68 17.46 -0.80
C GLU A 103 -30.41 16.55 0.20
N ALA A 104 -31.68 16.84 0.50
CA ALA A 104 -32.43 16.01 1.44
C ALA A 104 -33.30 15.05 0.67
N GLY A 105 -33.14 15.05 -0.65
CA GLY A 105 -33.92 14.16 -1.47
C GLY A 105 -33.27 12.80 -1.43
N GLY A 106 -34.02 11.76 -1.80
CA GLY A 106 -33.49 10.41 -1.79
C GLY A 106 -32.91 9.94 -0.46
N SER A 107 -32.01 8.97 -0.55
CA SER A 107 -31.34 8.36 0.60
C SER A 107 -30.77 9.32 1.64
N GLY A 108 -29.64 9.92 1.29
CA GLY A 108 -28.99 10.83 2.20
C GLY A 108 -27.62 10.26 2.51
N ILE A 109 -27.51 8.95 2.43
CA ILE A 109 -26.26 8.28 2.72
C ILE A 109 -25.18 8.75 1.75
N PRO A 110 -25.52 8.82 0.45
CA PRO A 110 -24.52 9.27 -0.52
C PRO A 110 -24.00 10.66 -0.10
N GLU A 111 -24.90 11.54 0.35
CA GLU A 111 -24.48 12.88 0.78
C GLU A 111 -23.50 12.81 1.95
N ILE A 112 -23.84 12.05 2.99
CA ILE A 112 -22.95 11.94 4.13
C ILE A 112 -21.60 11.38 3.69
N GLU A 113 -21.60 10.42 2.76
CA GLU A 113 -20.32 9.91 2.30
C GLU A 113 -19.53 11.09 1.71
N GLY A 114 -20.23 11.91 0.91
CA GLY A 114 -19.60 13.07 0.31
C GLY A 114 -19.07 14.07 1.33
N ALA A 115 -19.74 14.15 2.48
CA ALA A 115 -19.32 15.06 3.54
C ALA A 115 -18.01 14.58 4.15
N LEU A 116 -17.91 13.28 4.40
CA LEU A 116 -16.70 12.67 4.97
C LEU A 116 -15.51 12.79 4.04
N GLU A 117 -15.77 12.78 2.74
CA GLU A 117 -14.74 12.91 1.72
C GLU A 117 -14.34 14.34 1.47
N GLU A 118 -14.93 15.27 2.23
CA GLU A 118 -14.63 16.70 2.07
C GLU A 118 -14.93 17.12 0.63
N LEU A 119 -16.12 16.74 0.18
CA LEU A 119 -16.55 17.08 -1.16
C LEU A 119 -18.02 17.49 -1.17
N ARG A 120 -18.63 17.55 0.02
CA ARG A 120 -20.04 17.95 0.11
C ARG A 120 -20.31 18.66 1.44
N PRO A 121 -21.16 19.67 1.41
CA PRO A 121 -21.50 20.44 2.60
C PRO A 121 -22.48 19.68 3.47
N VAL A 122 -22.69 20.19 4.68
CA VAL A 122 -23.63 19.60 5.61
C VAL A 122 -24.40 20.78 6.19
N ARG A 123 -25.43 21.24 5.48
CA ARG A 123 -26.25 22.38 5.91
C ARG A 123 -27.41 21.85 6.77
N TRP A 124 -27.10 21.46 8.00
CA TRP A 124 -28.12 20.87 8.89
C TRP A 124 -29.28 21.84 9.13
N TRP A 125 -28.96 23.13 9.10
CA TRP A 125 -29.97 24.15 9.36
C TRP A 125 -31.14 24.08 8.40
N ARG A 126 -30.96 23.50 7.23
CA ARG A 126 -32.11 23.39 6.36
C ARG A 126 -32.44 21.93 6.09
N VAL A 127 -31.46 21.06 6.29
CA VAL A 127 -31.67 19.62 6.08
C VAL A 127 -32.48 18.98 7.22
N LEU A 128 -32.02 19.17 8.46
CA LEU A 128 -32.71 18.64 9.63
C LEU A 128 -34.19 18.88 9.53
N PRO A 129 -34.62 20.14 9.39
CA PRO A 129 -36.06 20.42 9.28
C PRO A 129 -36.70 19.73 8.06
N VAL A 130 -36.14 20.02 6.89
CA VAL A 130 -36.65 19.42 5.65
C VAL A 130 -36.75 17.91 5.69
N LYS A 131 -35.62 17.26 5.92
CA LYS A 131 -35.53 15.80 5.96
C LYS A 131 -36.59 15.21 6.90
N PHE A 132 -36.67 15.78 8.10
CA PHE A 132 -37.62 15.31 9.11
C PHE A 132 -39.05 15.50 8.65
N ILE A 133 -39.43 16.73 8.32
CA ILE A 133 -40.80 17.00 7.89
C ILE A 133 -41.14 16.34 6.56
N GLY A 134 -40.24 16.48 5.58
CA GLY A 134 -40.47 15.87 4.28
C GLY A 134 -40.68 14.37 4.41
N GLY A 135 -39.70 13.69 5.02
CA GLY A 135 -39.80 12.25 5.20
C GLY A 135 -41.12 11.93 5.86
N MET A 136 -41.47 12.75 6.86
CA MET A 136 -42.71 12.58 7.62
C MET A 136 -43.89 12.58 6.66
N GLY A 137 -43.78 13.36 5.59
CA GLY A 137 -44.85 13.41 4.62
C GLY A 137 -44.82 12.17 3.75
N THR A 138 -43.76 12.07 2.95
CA THR A 138 -43.55 10.97 2.03
C THR A 138 -43.75 9.56 2.61
N LEU A 139 -43.08 9.26 3.72
CA LEU A 139 -43.25 7.95 4.33
C LEU A 139 -44.64 7.83 4.95
N GLY A 140 -45.11 8.94 5.51
CA GLY A 140 -46.44 8.97 6.12
C GLY A 140 -47.51 8.74 5.08
N ALA A 141 -47.25 9.22 3.87
CA ALA A 141 -48.16 9.07 2.76
C ALA A 141 -48.34 7.58 2.43
N GLY A 142 -47.36 6.78 2.82
CA GLY A 142 -47.42 5.35 2.56
C GLY A 142 -46.54 4.93 1.41
N MET A 143 -45.70 5.85 0.93
CA MET A 143 -44.82 5.52 -0.19
C MET A 143 -43.86 4.41 0.24
N VAL A 144 -43.18 3.81 -0.72
CA VAL A 144 -42.23 2.74 -0.43
C VAL A 144 -40.81 3.28 -0.25
N LEU A 145 -40.55 3.72 0.97
CA LEU A 145 -39.26 4.28 1.35
C LEU A 145 -38.98 3.84 2.78
N GLY A 146 -37.71 3.77 3.15
CA GLY A 146 -37.38 3.35 4.49
C GLY A 146 -37.03 4.51 5.39
N ARG A 147 -36.96 4.26 6.69
CA ARG A 147 -36.62 5.30 7.65
C ARG A 147 -35.11 5.50 7.78
N GLU A 148 -34.33 4.48 7.46
CA GLU A 148 -32.88 4.55 7.58
C GLU A 148 -32.26 5.69 6.77
N GLY A 149 -32.62 5.78 5.50
CA GLY A 149 -32.10 6.85 4.67
C GLY A 149 -32.20 8.16 5.43
N PRO A 150 -33.42 8.55 5.83
CA PRO A 150 -33.65 9.78 6.57
C PRO A 150 -32.86 9.87 7.88
N THR A 151 -33.05 8.90 8.79
CA THR A 151 -32.34 8.96 10.07
C THR A 151 -30.82 9.12 9.89
N VAL A 152 -30.19 8.25 9.09
CA VAL A 152 -28.75 8.34 8.87
C VAL A 152 -28.30 9.73 8.41
N GLN A 153 -29.14 10.42 7.64
CA GLN A 153 -28.73 11.76 7.21
C GLN A 153 -29.01 12.78 8.30
N ILE A 154 -30.14 12.61 8.99
CA ILE A 154 -30.46 13.50 10.08
C ILE A 154 -29.32 13.41 11.09
N GLY A 155 -28.99 12.18 11.48
CA GLY A 155 -27.92 11.94 12.42
C GLY A 155 -26.61 12.47 11.86
N GLY A 156 -26.39 12.25 10.57
CA GLY A 156 -25.17 12.74 9.97
C GLY A 156 -25.07 14.24 10.21
N ASN A 157 -26.18 14.94 10.00
CA ASN A 157 -26.22 16.39 10.18
C ASN A 157 -26.14 16.76 11.67
N LEU A 158 -26.87 16.05 12.53
CA LEU A 158 -26.80 16.36 13.95
C LEU A 158 -25.36 16.37 14.38
N GLY A 159 -24.58 15.45 13.83
CA GLY A 159 -23.17 15.40 14.19
C GLY A 159 -22.54 16.75 13.88
N ARG A 160 -22.73 17.18 12.64
CA ARG A 160 -22.21 18.45 12.17
C ARG A 160 -22.65 19.62 13.05
N MET A 161 -23.96 19.68 13.29
CA MET A 161 -24.55 20.74 14.11
C MET A 161 -23.77 20.80 15.41
N VAL A 162 -23.94 19.78 16.23
CA VAL A 162 -23.24 19.73 17.50
C VAL A 162 -21.83 20.25 17.32
N LEU A 163 -21.15 19.74 16.31
CA LEU A 163 -19.77 20.13 16.02
C LEU A 163 -19.60 21.64 15.89
N ASP A 164 -20.61 22.31 15.32
CA ASP A 164 -20.56 23.75 15.13
C ASP A 164 -21.04 24.58 16.33
N VAL A 165 -21.99 24.05 17.08
CA VAL A 165 -22.47 24.78 18.23
C VAL A 165 -21.55 24.56 19.42
N PHE A 166 -20.32 24.12 19.15
CA PHE A 166 -19.30 23.91 20.17
C PHE A 166 -17.97 24.39 19.62
N ARG A 167 -18.05 25.05 18.46
CA ARG A 167 -16.90 25.59 17.78
C ARG A 167 -15.68 24.67 17.84
N MET A 168 -15.85 23.44 17.35
CA MET A 168 -14.77 22.44 17.28
C MET A 168 -14.35 22.46 15.79
N ARG A 169 -13.05 22.44 15.51
CA ARG A 169 -12.62 22.50 14.13
C ARG A 169 -11.43 21.64 13.73
N SER A 170 -11.31 20.47 14.34
CA SER A 170 -10.23 19.55 14.00
C SER A 170 -10.80 18.52 13.01
N ALA A 171 -9.96 18.03 12.11
CA ALA A 171 -10.42 17.02 11.16
C ALA A 171 -10.96 15.83 11.93
N GLU A 172 -10.24 15.44 12.98
CA GLU A 172 -10.65 14.31 13.79
C GLU A 172 -12.09 14.53 14.27
N ALA A 173 -12.29 15.63 14.99
CA ALA A 173 -13.61 15.94 15.49
C ALA A 173 -14.68 15.92 14.38
N ARG A 174 -14.40 16.65 13.30
CA ARG A 174 -15.35 16.77 12.20
C ARG A 174 -15.82 15.44 11.61
N HIS A 175 -14.88 14.59 11.23
CA HIS A 175 -15.21 13.31 10.63
C HIS A 175 -15.77 12.29 11.62
N THR A 176 -15.29 12.34 12.87
CA THR A 176 -15.78 11.39 13.85
C THR A 176 -17.25 11.65 14.22
N LEU A 177 -17.60 12.92 14.40
CA LEU A 177 -18.96 13.21 14.80
C LEU A 177 -19.91 13.01 13.63
N LEU A 178 -19.44 13.35 12.44
CA LEU A 178 -20.26 13.19 11.26
C LEU A 178 -20.55 11.70 11.10
N ALA A 179 -19.55 10.88 11.38
CA ALA A 179 -19.63 9.42 11.29
C ALA A 179 -20.55 8.87 12.34
N THR A 180 -20.41 9.39 13.56
CA THR A 180 -21.22 8.94 14.69
C THR A 180 -22.68 9.19 14.38
N GLY A 181 -22.95 10.35 13.83
CA GLY A 181 -24.32 10.67 13.48
C GLY A 181 -24.81 9.57 12.55
N ALA A 182 -24.13 9.42 11.42
CA ALA A 182 -24.51 8.41 10.43
C ALA A 182 -24.69 7.02 11.06
N ALA A 183 -23.70 6.58 11.84
CA ALA A 183 -23.77 5.27 12.48
C ALA A 183 -24.99 5.14 13.40
N ALA A 184 -25.10 6.06 14.35
CA ALA A 184 -26.21 6.08 15.31
C ALA A 184 -27.57 6.14 14.61
N GLY A 185 -27.60 6.82 13.46
CA GLY A 185 -28.83 6.93 12.70
C GLY A 185 -29.29 5.58 12.21
N LEU A 186 -28.46 4.91 11.42
CA LEU A 186 -28.82 3.58 10.92
C LEU A 186 -29.09 2.66 12.10
N SER A 187 -28.30 2.81 13.16
CA SER A 187 -28.48 1.98 14.33
C SER A 187 -29.93 2.11 14.79
N ALA A 188 -30.38 3.36 14.94
CA ALA A 188 -31.75 3.68 15.38
C ALA A 188 -32.85 3.25 14.41
N ALA A 189 -32.57 3.31 13.11
CA ALA A 189 -33.54 2.89 12.11
C ALA A 189 -33.86 1.38 12.19
N PHE A 190 -32.88 0.54 12.55
CA PHE A 190 -33.17 -0.89 12.62
C PHE A 190 -32.96 -1.51 14.02
N ASN A 191 -32.60 -0.67 14.99
CA ASN A 191 -32.33 -1.13 16.35
C ASN A 191 -31.24 -2.21 16.21
N ALA A 192 -30.21 -1.84 15.46
CA ALA A 192 -29.11 -2.71 15.19
C ALA A 192 -27.80 -1.96 15.42
N PRO A 193 -27.27 -2.06 16.65
CA PRO A 193 -26.02 -1.41 17.04
C PRO A 193 -24.86 -1.87 16.17
N LEU A 194 -24.58 -3.17 16.18
CA LEU A 194 -23.47 -3.76 15.40
C LEU A 194 -23.49 -3.34 13.94
N ALA A 195 -24.60 -3.56 13.26
CA ALA A 195 -24.73 -3.19 11.85
C ALA A 195 -24.33 -1.73 11.70
N GLY A 196 -24.73 -0.91 12.65
CA GLY A 196 -24.42 0.51 12.61
C GLY A 196 -22.95 0.83 12.39
N ILE A 197 -22.07 0.41 13.27
CA ILE A 197 -20.66 0.72 13.00
C ILE A 197 -20.14 -0.09 11.82
N LEU A 198 -20.64 -1.31 11.61
CA LEU A 198 -20.14 -2.09 10.48
C LEU A 198 -20.37 -1.33 9.20
N PHE A 199 -21.52 -0.69 9.09
CA PHE A 199 -21.85 0.10 7.90
C PHE A 199 -20.86 1.27 7.73
N ILE A 200 -20.37 1.82 8.83
CA ILE A 200 -19.40 2.92 8.78
C ILE A 200 -18.03 2.39 8.35
N ILE A 201 -17.65 1.27 8.95
CA ILE A 201 -16.38 0.62 8.67
C ILE A 201 -16.33 0.06 7.25
N GLU A 202 -17.44 -0.51 6.80
CA GLU A 202 -17.49 -1.12 5.49
C GLU A 202 -17.93 -0.24 4.32
N GLU A 203 -18.83 0.72 4.54
CA GLU A 203 -19.33 1.54 3.45
C GLU A 203 -19.19 3.05 3.57
N MET A 204 -19.59 3.63 4.68
CA MET A 204 -19.52 5.07 4.84
C MET A 204 -18.14 5.73 4.69
N ARG A 205 -17.15 5.33 5.48
CA ARG A 205 -15.83 5.97 5.39
C ARG A 205 -15.02 5.67 4.15
N PRO A 206 -14.40 6.70 3.58
CA PRO A 206 -13.55 6.71 2.38
C PRO A 206 -12.36 5.81 2.69
N GLN A 207 -12.41 4.58 2.21
CA GLN A 207 -11.38 3.62 2.52
C GLN A 207 -9.94 4.03 2.32
N PHE A 208 -9.68 4.56 1.14
CA PHE A 208 -8.38 5.00 0.68
C PHE A 208 -7.89 6.28 1.35
N ARG A 209 -8.47 6.69 2.47
CA ARG A 209 -8.06 7.94 3.14
C ARG A 209 -7.74 7.88 4.63
N TYR A 210 -7.00 8.89 5.08
CA TYR A 210 -6.71 9.00 6.50
C TYR A 210 -7.78 9.98 7.00
N ASN A 211 -8.94 9.45 7.38
CA ASN A 211 -10.02 10.30 7.82
C ASN A 211 -9.92 10.77 9.25
N LEU A 212 -9.18 10.05 10.08
CA LEU A 212 -9.02 10.38 11.49
C LEU A 212 -10.31 10.17 12.29
N ILE A 213 -11.16 9.27 11.83
CA ILE A 213 -12.42 8.93 12.49
C ILE A 213 -12.06 7.97 13.62
N SER A 214 -12.69 8.13 14.77
CA SER A 214 -12.42 7.23 15.88
C SER A 214 -13.58 6.25 16.00
N ILE A 215 -13.34 5.01 15.58
CA ILE A 215 -14.35 3.97 15.66
C ILE A 215 -14.87 3.80 17.09
N LYS A 216 -13.96 3.74 18.06
CA LYS A 216 -14.37 3.59 19.45
C LYS A 216 -15.37 4.70 19.80
N ALA A 217 -15.05 5.94 19.43
CA ALA A 217 -15.95 7.05 19.69
C ALA A 217 -17.31 6.83 18.97
N VAL A 218 -17.25 6.57 17.67
CA VAL A 218 -18.46 6.34 16.90
C VAL A 218 -19.29 5.25 17.56
N PHE A 219 -18.64 4.18 18.01
CA PHE A 219 -19.33 3.07 18.65
C PHE A 219 -20.02 3.58 19.93
N THR A 220 -19.32 4.42 20.67
CA THR A 220 -19.88 5.01 21.88
C THR A 220 -21.18 5.72 21.53
N GLY A 221 -21.18 6.47 20.43
CA GLY A 221 -22.41 7.12 20.01
C GLY A 221 -23.49 6.10 19.69
N VAL A 222 -23.13 5.09 18.91
CA VAL A 222 -24.07 4.06 18.52
C VAL A 222 -24.66 3.37 19.73
N ILE A 223 -23.85 3.13 20.75
CA ILE A 223 -24.39 2.44 21.90
C ILE A 223 -25.40 3.34 22.62
N MET A 224 -25.12 4.64 22.65
CA MET A 224 -26.02 5.59 23.29
C MET A 224 -27.37 5.50 22.63
N SER A 225 -27.40 5.75 21.32
CA SER A 225 -28.65 5.71 20.56
C SER A 225 -29.41 4.40 20.80
N SER A 226 -28.69 3.30 20.96
CA SER A 226 -29.38 2.06 21.21
C SER A 226 -30.07 2.13 22.55
N ILE A 227 -29.37 2.64 23.56
CA ILE A 227 -29.97 2.78 24.89
C ILE A 227 -31.28 3.56 24.76
N VAL A 228 -31.19 4.78 24.22
CA VAL A 228 -32.39 5.61 24.01
C VAL A 228 -33.49 4.76 23.39
N PHE A 229 -33.18 4.11 22.28
CA PHE A 229 -34.14 3.27 21.60
C PHE A 229 -34.88 2.34 22.60
N ARG A 230 -34.12 1.72 23.50
CA ARG A 230 -34.68 0.78 24.49
C ARG A 230 -35.57 1.49 25.50
N ILE A 231 -35.14 2.67 25.92
CA ILE A 231 -35.91 3.48 26.84
C ILE A 231 -37.28 3.82 26.25
N PHE A 232 -37.34 4.01 24.94
CA PHE A 232 -38.61 4.34 24.30
C PHE A 232 -39.40 3.21 23.67
N ASN A 233 -38.77 2.09 23.33
CA ASN A 233 -39.52 1.02 22.69
C ASN A 233 -39.42 -0.29 23.44
N GLY A 234 -38.59 -0.31 24.48
CA GLY A 234 -38.44 -1.51 25.28
C GLY A 234 -37.70 -2.62 24.59
N GLU A 235 -37.93 -3.84 25.04
CA GLU A 235 -37.24 -5.00 24.46
C GLU A 235 -37.73 -5.34 23.05
N ALA A 236 -39.02 -5.61 22.92
CA ALA A 236 -39.65 -5.97 21.64
C ALA A 236 -38.88 -5.53 20.41
N PRO A 237 -38.45 -6.51 19.59
CA PRO A 237 -37.69 -6.22 18.36
C PRO A 237 -38.63 -5.62 17.32
N ILE A 238 -38.05 -5.08 16.26
CA ILE A 238 -38.86 -4.52 15.19
C ILE A 238 -39.57 -5.66 14.49
N ILE A 239 -38.83 -6.33 13.60
CA ILE A 239 -39.31 -7.49 12.84
C ILE A 239 -39.29 -8.68 13.80
N GLU A 240 -40.24 -9.60 13.65
CA GLU A 240 -40.34 -10.73 14.57
C GLU A 240 -40.61 -12.09 13.92
N VAL A 241 -39.54 -12.83 13.63
CA VAL A 241 -39.64 -14.16 13.04
C VAL A 241 -39.46 -15.11 14.23
N GLY A 242 -39.83 -16.37 14.07
CA GLY A 242 -39.65 -17.27 15.19
C GLY A 242 -38.28 -17.89 15.07
N LYS A 243 -38.09 -19.09 15.59
CA LYS A 243 -36.82 -19.74 15.43
C LYS A 243 -37.04 -20.70 14.28
N LEU A 244 -36.39 -20.41 13.15
CA LEU A 244 -36.48 -21.21 11.95
C LEU A 244 -35.72 -22.50 12.09
N SER A 245 -35.76 -23.35 11.07
CA SER A 245 -35.04 -24.61 11.20
C SER A 245 -33.53 -24.44 10.96
N ASP A 246 -32.84 -25.56 10.89
CA ASP A 246 -31.41 -25.54 10.70
C ASP A 246 -31.10 -25.66 9.21
N ALA A 247 -29.82 -25.51 8.87
CA ALA A 247 -29.39 -25.62 7.47
C ALA A 247 -28.29 -26.66 7.33
N PRO A 248 -28.65 -27.94 7.20
CA PRO A 248 -27.66 -29.00 7.07
C PRO A 248 -26.76 -28.79 5.85
N VAL A 249 -25.49 -29.18 6.02
CA VAL A 249 -24.46 -29.05 4.99
C VAL A 249 -24.94 -29.33 3.58
N ASN A 250 -25.56 -30.50 3.41
CA ASN A 250 -26.08 -30.98 2.12
C ASN A 250 -27.06 -30.02 1.46
N THR A 251 -27.28 -28.88 2.13
CA THR A 251 -28.20 -27.87 1.67
C THR A 251 -27.52 -26.56 1.24
N LEU A 252 -26.38 -26.27 1.84
CA LEU A 252 -25.67 -25.04 1.52
C LEU A 252 -25.54 -24.68 0.05
N TRP A 253 -25.24 -25.66 -0.80
CA TRP A 253 -25.07 -25.36 -2.23
C TRP A 253 -26.25 -24.56 -2.77
N LEU A 254 -27.45 -24.88 -2.30
CA LEU A 254 -28.64 -24.18 -2.74
C LEU A 254 -28.54 -22.68 -2.51
N TYR A 255 -28.02 -22.28 -1.34
CA TYR A 255 -27.88 -20.86 -1.04
C TYR A 255 -26.88 -20.22 -1.98
N LEU A 256 -25.93 -21.03 -2.46
CA LEU A 256 -24.94 -20.52 -3.40
C LEU A 256 -25.69 -20.15 -4.68
N ILE A 257 -26.57 -21.04 -5.12
CA ILE A 257 -27.36 -20.79 -6.31
C ILE A 257 -28.21 -19.54 -6.05
N LEU A 258 -28.87 -19.52 -4.89
CA LEU A 258 -29.67 -18.35 -4.55
C LEU A 258 -28.83 -17.07 -4.58
N GLY A 259 -27.58 -17.18 -4.11
CA GLY A 259 -26.70 -16.03 -4.11
C GLY A 259 -26.40 -15.55 -5.52
N ILE A 260 -26.20 -16.48 -6.45
CA ILE A 260 -25.95 -16.11 -7.83
C ILE A 260 -27.14 -15.35 -8.40
N ILE A 261 -28.36 -15.84 -8.16
CA ILE A 261 -29.54 -15.14 -8.66
C ILE A 261 -29.45 -13.67 -8.27
N PHE A 262 -29.14 -13.37 -7.00
CA PHE A 262 -29.02 -11.98 -6.56
C PHE A 262 -27.81 -11.32 -7.20
N GLY A 263 -26.82 -12.13 -7.54
CA GLY A 263 -25.64 -11.59 -8.17
C GLY A 263 -25.98 -10.99 -9.52
N VAL A 264 -27.05 -11.49 -10.14
CA VAL A 264 -27.46 -10.98 -11.44
C VAL A 264 -28.47 -9.84 -11.31
N VAL A 265 -29.36 -9.96 -10.33
CA VAL A 265 -30.38 -8.96 -10.08
C VAL A 265 -29.86 -7.66 -9.48
N GLY A 266 -28.86 -7.78 -8.59
CA GLY A 266 -28.27 -6.62 -7.92
C GLY A 266 -27.86 -5.51 -8.87
N PRO A 267 -26.92 -5.80 -9.79
CA PRO A 267 -26.45 -4.81 -10.77
C PRO A 267 -27.63 -4.34 -11.63
N VAL A 268 -28.48 -5.27 -12.07
CA VAL A 268 -29.67 -4.93 -12.86
C VAL A 268 -30.53 -3.88 -12.14
N PHE A 269 -30.71 -4.11 -10.84
CA PHE A 269 -31.51 -3.23 -10.02
C PHE A 269 -30.88 -1.83 -9.94
N ASN A 270 -29.56 -1.76 -9.79
CA ASN A 270 -28.91 -0.45 -9.73
C ASN A 270 -29.05 0.25 -11.06
N SER A 271 -29.04 -0.53 -12.13
CA SER A 271 -29.20 0.01 -13.45
C SER A 271 -30.54 0.73 -13.54
N LEU A 272 -31.60 0.01 -13.17
CA LEU A 272 -32.94 0.60 -13.21
C LEU A 272 -33.06 1.82 -12.32
N VAL A 273 -32.47 1.75 -11.13
CA VAL A 273 -32.55 2.90 -10.25
C VAL A 273 -31.99 4.14 -10.94
N LEU A 274 -30.84 3.96 -11.57
CA LEU A 274 -30.20 5.06 -12.28
C LEU A 274 -30.99 5.49 -13.51
N ARG A 275 -31.49 4.51 -14.28
CA ARG A 275 -32.28 4.84 -15.46
C ARG A 275 -33.48 5.67 -15.02
N THR A 276 -34.40 5.01 -14.35
CA THR A 276 -35.61 5.66 -13.86
C THR A 276 -35.32 7.04 -13.26
N GLN A 277 -34.17 7.19 -12.64
CA GLN A 277 -33.85 8.49 -12.04
C GLN A 277 -33.69 9.54 -13.13
N ASP A 278 -33.07 9.14 -14.23
CA ASP A 278 -32.84 10.02 -15.40
C ASP A 278 -34.19 10.35 -16.00
N MET A 279 -34.96 9.30 -16.28
CA MET A 279 -36.29 9.42 -16.85
C MET A 279 -37.07 10.57 -16.24
N PHE A 280 -37.11 10.65 -14.92
CA PHE A 280 -37.85 11.72 -14.26
C PHE A 280 -37.25 13.09 -14.56
N GLN A 281 -35.93 13.17 -14.67
CA GLN A 281 -35.28 14.43 -14.99
C GLN A 281 -35.79 14.94 -16.32
N ARG A 282 -35.87 14.03 -17.29
CA ARG A 282 -36.36 14.39 -18.61
C ARG A 282 -37.81 14.86 -18.52
N PHE A 283 -38.56 14.31 -17.57
CA PHE A 283 -39.95 14.69 -17.43
C PHE A 283 -40.12 16.10 -16.88
N HIS A 284 -39.65 16.33 -15.66
CA HIS A 284 -39.79 17.65 -15.06
C HIS A 284 -38.66 18.62 -15.38
N GLY A 285 -37.62 18.12 -16.03
CA GLY A 285 -36.49 18.97 -16.35
C GLY A 285 -35.88 19.61 -15.11
N GLY A 286 -36.44 19.30 -13.94
CA GLY A 286 -35.93 19.85 -12.70
C GLY A 286 -36.71 21.06 -12.23
N GLU A 287 -37.82 21.35 -12.87
CA GLU A 287 -38.65 22.50 -12.49
C GLU A 287 -39.59 22.09 -11.34
N ILE A 288 -39.49 22.80 -10.22
CA ILE A 288 -40.31 22.49 -9.04
C ILE A 288 -41.78 22.15 -9.35
N LYS A 289 -42.49 23.11 -9.90
CA LYS A 289 -43.91 22.95 -10.24
C LYS A 289 -44.23 21.53 -10.67
N LYS A 290 -43.50 21.05 -11.68
CA LYS A 290 -43.66 19.71 -12.24
C LYS A 290 -43.30 18.59 -11.27
N TRP A 291 -42.11 18.69 -10.71
CA TRP A 291 -41.58 17.70 -9.77
C TRP A 291 -42.60 17.41 -8.69
N VAL A 292 -42.95 18.45 -7.96
CA VAL A 292 -43.92 18.31 -6.89
C VAL A 292 -45.22 17.67 -7.36
N LEU A 293 -45.64 18.02 -8.57
CA LEU A 293 -46.88 17.46 -9.09
C LEU A 293 -46.85 15.96 -9.31
N MET A 294 -45.84 15.45 -10.01
CA MET A 294 -45.79 14.01 -10.20
C MET A 294 -45.53 13.38 -8.83
N GLY A 295 -44.88 14.13 -7.94
CA GLY A 295 -44.63 13.65 -6.60
C GLY A 295 -45.97 13.31 -5.96
N GLY A 296 -46.94 14.20 -6.14
CA GLY A 296 -48.25 13.96 -5.59
C GLY A 296 -48.86 12.80 -6.35
N ALA A 297 -48.57 12.74 -7.64
CA ALA A 297 -49.08 11.67 -8.50
C ALA A 297 -48.57 10.34 -7.99
N ILE A 298 -47.24 10.22 -7.96
CA ILE A 298 -46.58 9.01 -7.49
C ILE A 298 -47.01 8.75 -6.05
N GLY A 299 -47.04 9.80 -5.23
CA GLY A 299 -47.45 9.64 -3.85
C GLY A 299 -48.87 9.09 -3.75
N GLY A 300 -49.77 9.58 -4.60
CA GLY A 300 -51.15 9.13 -4.59
C GLY A 300 -51.28 7.68 -5.01
N LEU A 301 -50.49 7.28 -6.00
CA LEU A 301 -50.56 5.91 -6.47
C LEU A 301 -50.36 4.97 -5.29
N CYS A 302 -49.51 5.36 -4.34
CA CYS A 302 -49.27 4.56 -3.15
C CYS A 302 -50.43 4.64 -2.17
N GLY A 303 -51.28 5.64 -2.38
CA GLY A 303 -52.45 5.78 -1.53
C GLY A 303 -53.47 4.75 -1.96
N ILE A 304 -53.57 4.56 -3.26
CA ILE A 304 -54.51 3.62 -3.83
C ILE A 304 -54.09 2.19 -3.55
N LEU A 305 -52.86 1.85 -3.94
CA LEU A 305 -52.34 0.52 -3.69
C LEU A 305 -52.48 0.21 -2.21
N GLY A 306 -52.26 1.24 -1.40
CA GLY A 306 -52.36 1.11 0.05
C GLY A 306 -53.53 0.27 0.53
N LEU A 307 -54.70 0.49 -0.07
CA LEU A 307 -55.89 -0.27 0.33
C LEU A 307 -56.22 -1.46 -0.58
N ILE A 308 -55.74 -1.44 -1.82
CA ILE A 308 -55.99 -2.55 -2.73
C ILE A 308 -54.69 -3.27 -3.07
N GLU A 309 -54.34 -4.24 -2.23
CA GLU A 309 -53.11 -5.02 -2.40
C GLU A 309 -51.95 -4.20 -1.79
N PRO A 310 -51.93 -4.07 -0.45
CA PRO A 310 -50.95 -3.35 0.38
C PRO A 310 -49.49 -3.81 0.27
N ALA A 311 -49.28 -5.10 0.03
CA ALA A 311 -47.93 -5.60 -0.09
C ALA A 311 -47.14 -4.80 -1.12
N ALA A 312 -47.83 -4.18 -2.07
CA ALA A 312 -47.16 -3.41 -3.11
C ALA A 312 -46.64 -2.09 -2.60
N ALA A 313 -47.26 -1.55 -1.56
CA ALA A 313 -46.81 -0.28 -1.01
C ALA A 313 -46.28 -0.50 0.40
N GLY A 314 -45.90 0.59 1.06
CA GLY A 314 -45.38 0.47 2.41
C GLY A 314 -43.88 0.34 2.47
N GLY A 315 -43.30 0.81 3.59
CA GLY A 315 -41.86 0.73 3.78
C GLY A 315 -41.32 -0.63 3.44
N GLY A 316 -42.04 -1.67 3.80
CA GLY A 316 -41.56 -2.99 3.47
C GLY A 316 -41.61 -4.02 4.57
N PHE A 317 -40.61 -4.04 5.45
CA PHE A 317 -40.64 -5.04 6.48
C PHE A 317 -41.81 -4.87 7.40
N ASN A 318 -42.41 -3.68 7.35
CA ASN A 318 -43.56 -3.32 8.18
C ASN A 318 -44.48 -4.51 8.51
N LEU A 319 -44.49 -5.50 7.63
CA LEU A 319 -45.33 -6.65 7.87
C LEU A 319 -44.93 -7.80 6.95
N ILE A 320 -44.10 -7.51 5.95
CA ILE A 320 -43.73 -8.55 5.00
C ILE A 320 -42.70 -9.62 5.31
N PRO A 321 -41.47 -9.25 5.73
CA PRO A 321 -40.49 -10.29 6.04
C PRO A 321 -41.08 -11.34 6.93
N ILE A 322 -41.86 -10.89 7.89
CA ILE A 322 -42.50 -11.76 8.86
C ILE A 322 -43.48 -12.77 8.23
N ALA A 323 -44.36 -12.28 7.36
CA ALA A 323 -45.34 -13.13 6.69
C ALA A 323 -44.64 -14.03 5.67
N ALA A 324 -43.65 -13.49 4.97
CA ALA A 324 -42.91 -14.26 3.97
C ALA A 324 -42.17 -15.45 4.60
N ALA A 325 -41.75 -15.30 5.86
CA ALA A 325 -41.05 -16.37 6.56
C ALA A 325 -42.04 -17.39 7.12
N GLY A 326 -43.32 -17.25 6.72
CA GLY A 326 -44.38 -18.17 7.13
C GLY A 326 -44.70 -19.13 6.00
N ASN A 327 -45.43 -18.67 4.98
CA ASN A 327 -45.81 -19.48 3.79
C ASN A 327 -46.62 -18.59 2.83
N PHE A 328 -46.46 -18.82 1.53
CA PHE A 328 -47.15 -18.03 0.49
C PHE A 328 -47.07 -18.78 -0.85
N SER A 329 -47.82 -18.32 -1.84
CA SER A 329 -47.83 -18.95 -3.17
C SER A 329 -46.69 -18.44 -4.08
N VAL A 330 -45.83 -19.35 -4.55
CA VAL A 330 -44.72 -18.94 -5.40
C VAL A 330 -45.07 -17.76 -6.31
N GLY A 331 -46.11 -17.92 -7.12
CA GLY A 331 -46.52 -16.86 -8.02
C GLY A 331 -47.00 -15.63 -7.28
N LEU A 332 -47.78 -15.83 -6.22
CA LEU A 332 -48.29 -14.69 -5.45
C LEU A 332 -47.10 -13.92 -4.89
N LEU A 333 -46.11 -14.68 -4.48
CA LEU A 333 -44.89 -14.17 -3.90
C LEU A 333 -44.08 -13.50 -4.99
N LEU A 334 -43.92 -14.21 -6.09
CA LEU A 334 -43.16 -13.72 -7.23
C LEU A 334 -43.86 -12.55 -7.90
N PHE A 335 -45.17 -12.41 -7.65
CA PHE A 335 -45.95 -11.32 -8.22
C PHE A 335 -45.72 -10.07 -7.39
N ILE A 336 -45.77 -10.24 -6.08
CA ILE A 336 -45.56 -9.12 -5.16
C ILE A 336 -44.15 -8.56 -5.40
N PHE A 337 -43.21 -9.46 -5.66
CA PHE A 337 -41.84 -9.08 -5.91
C PHE A 337 -41.76 -8.05 -7.03
N ILE A 338 -42.41 -8.34 -8.16
CA ILE A 338 -42.36 -7.45 -9.31
C ILE A 338 -43.11 -6.14 -9.15
N THR A 339 -44.27 -6.17 -8.50
CA THR A 339 -45.01 -4.93 -8.30
C THR A 339 -44.26 -4.07 -7.31
N ARG A 340 -43.43 -4.72 -6.49
CA ARG A 340 -42.66 -3.98 -5.51
C ARG A 340 -41.39 -3.42 -6.11
N VAL A 341 -40.92 -4.05 -7.18
CA VAL A 341 -39.72 -3.56 -7.85
C VAL A 341 -40.10 -2.24 -8.50
N VAL A 342 -41.22 -2.25 -9.23
CA VAL A 342 -41.70 -1.05 -9.91
C VAL A 342 -42.03 0.04 -8.88
N THR A 343 -42.75 -0.34 -7.83
CA THR A 343 -43.13 0.60 -6.78
C THR A 343 -41.93 1.29 -6.11
N THR A 344 -40.92 0.51 -5.70
CA THR A 344 -39.74 1.09 -5.06
C THR A 344 -38.98 1.99 -6.02
N LEU A 345 -38.81 1.53 -7.26
CA LEU A 345 -38.11 2.33 -8.27
C LEU A 345 -38.78 3.69 -8.41
N LEU A 346 -40.10 3.71 -8.54
CA LEU A 346 -40.85 4.96 -8.66
C LEU A 346 -40.55 5.88 -7.47
N CYS A 347 -41.04 5.49 -6.30
CA CYS A 347 -40.84 6.29 -5.09
C CYS A 347 -39.41 6.73 -4.86
N PHE A 348 -38.47 5.80 -4.96
CA PHE A 348 -37.09 6.17 -4.72
C PHE A 348 -36.54 7.06 -5.82
N SER A 349 -36.58 6.60 -7.07
CA SER A 349 -36.03 7.39 -8.17
C SER A 349 -36.66 8.77 -8.29
N SER A 350 -37.95 8.86 -7.99
CA SER A 350 -38.68 10.13 -8.05
C SER A 350 -37.82 11.23 -7.47
N GLY A 351 -37.26 10.98 -6.29
CA GLY A 351 -36.43 11.96 -5.61
C GLY A 351 -36.89 12.28 -4.20
N ALA A 352 -38.01 11.69 -3.78
CA ALA A 352 -38.56 11.94 -2.44
C ALA A 352 -37.57 11.60 -1.32
N PRO A 353 -37.72 12.25 -0.14
CA PRO A 353 -36.83 11.96 0.99
C PRO A 353 -37.27 10.57 1.44
N GLY A 354 -36.31 9.66 1.59
CA GLY A 354 -36.64 8.32 2.00
C GLY A 354 -35.52 7.37 1.62
N GLY A 355 -35.68 6.09 1.93
CA GLY A 355 -34.62 5.16 1.62
C GLY A 355 -34.92 4.02 0.70
N ILE A 356 -33.87 3.57 0.00
CA ILE A 356 -33.96 2.45 -0.91
C ILE A 356 -33.47 1.22 -0.13
N PHE A 357 -32.73 1.47 0.95
CA PHE A 357 -32.16 0.43 1.80
C PHE A 357 -33.21 -0.56 2.29
N ALA A 358 -33.97 -0.16 3.31
CA ALA A 358 -35.00 -1.03 3.89
C ALA A 358 -35.87 -1.67 2.81
N PRO A 359 -36.32 -0.88 1.82
CA PRO A 359 -37.14 -1.45 0.76
C PRO A 359 -36.48 -2.65 0.12
N MET A 360 -35.16 -2.55 -0.09
CA MET A 360 -34.43 -3.67 -0.69
C MET A 360 -34.40 -4.91 0.18
N LEU A 361 -34.47 -4.75 1.50
CA LEU A 361 -34.45 -5.92 2.36
C LEU A 361 -35.75 -6.70 2.17
N ALA A 362 -36.82 -5.98 1.82
CA ALA A 362 -38.11 -6.62 1.59
C ALA A 362 -38.04 -7.39 0.26
N LEU A 363 -37.53 -6.75 -0.77
CA LEU A 363 -37.42 -7.41 -2.07
C LEU A 363 -36.61 -8.68 -1.89
N GLY A 364 -35.50 -8.57 -1.15
CA GLY A 364 -34.66 -9.72 -0.91
C GLY A 364 -35.41 -10.87 -0.28
N THR A 365 -36.15 -10.59 0.79
CA THR A 365 -36.90 -11.62 1.47
C THR A 365 -37.92 -12.26 0.53
N LEU A 366 -38.56 -11.44 -0.29
CA LEU A 366 -39.56 -11.93 -1.23
C LEU A 366 -38.97 -12.94 -2.18
N LEU A 367 -37.95 -12.50 -2.91
CA LEU A 367 -37.29 -13.34 -3.88
C LEU A 367 -36.64 -14.55 -3.23
N GLY A 368 -36.11 -14.38 -2.02
CA GLY A 368 -35.49 -15.48 -1.32
C GLY A 368 -36.51 -16.50 -0.90
N THR A 369 -37.72 -16.03 -0.59
CA THR A 369 -38.78 -16.93 -0.18
C THR A 369 -39.36 -17.67 -1.38
N ALA A 370 -39.36 -17.02 -2.54
CA ALA A 370 -39.87 -17.65 -3.77
C ALA A 370 -38.93 -18.78 -4.15
N PHE A 371 -37.64 -18.48 -4.16
CA PHE A 371 -36.63 -19.47 -4.48
C PHE A 371 -36.82 -20.66 -3.56
N GLY A 372 -36.65 -20.42 -2.27
CA GLY A 372 -36.78 -21.48 -1.29
C GLY A 372 -38.08 -22.23 -1.38
N MET A 373 -39.13 -21.53 -1.78
CA MET A 373 -40.45 -22.14 -1.90
C MET A 373 -40.31 -23.23 -2.99
N ALA A 374 -39.74 -22.85 -4.12
CA ALA A 374 -39.53 -23.78 -5.22
C ALA A 374 -38.58 -24.91 -4.80
N ALA A 375 -37.48 -24.52 -4.15
CA ALA A 375 -36.50 -25.49 -3.69
C ALA A 375 -37.12 -26.66 -2.93
N ALA A 376 -37.98 -26.37 -1.96
CA ALA A 376 -38.63 -27.41 -1.18
C ALA A 376 -39.28 -28.46 -2.09
N VAL A 377 -40.10 -28.00 -3.01
CA VAL A 377 -40.79 -28.86 -3.96
C VAL A 377 -39.82 -29.67 -4.79
N LEU A 378 -38.94 -28.96 -5.47
CA LEU A 378 -37.95 -29.55 -6.33
C LEU A 378 -37.04 -30.56 -5.59
N PHE A 379 -36.86 -30.36 -4.29
CA PHE A 379 -36.02 -31.27 -3.49
C PHE A 379 -36.73 -31.63 -2.19
N PRO A 380 -37.63 -32.61 -2.24
CA PRO A 380 -38.37 -33.05 -1.07
C PRO A 380 -37.47 -33.68 0.00
N GLN A 381 -36.45 -34.40 -0.46
CA GLN A 381 -35.50 -35.09 0.42
C GLN A 381 -34.84 -34.21 1.48
N TYR A 382 -34.75 -32.91 1.22
CA TYR A 382 -34.13 -31.98 2.16
C TYR A 382 -35.06 -31.55 3.29
N HIS A 383 -36.35 -31.49 3.01
CA HIS A 383 -37.32 -31.06 4.02
C HIS A 383 -36.99 -29.60 4.32
N LEU A 384 -36.92 -28.80 3.27
CA LEU A 384 -36.59 -27.38 3.38
C LEU A 384 -37.73 -26.54 3.90
N GLU A 385 -37.44 -25.25 4.08
CA GLU A 385 -38.41 -24.26 4.56
C GLU A 385 -38.07 -22.96 3.86
N ALA A 386 -39.04 -22.34 3.22
CA ALA A 386 -38.75 -21.09 2.53
C ALA A 386 -38.22 -20.08 3.54
N GLY A 387 -38.57 -20.28 4.80
CA GLY A 387 -38.12 -19.38 5.84
C GLY A 387 -36.62 -19.18 5.82
N THR A 388 -35.88 -20.27 5.89
CA THR A 388 -34.44 -20.16 5.89
C THR A 388 -34.01 -19.33 4.69
N PHE A 389 -34.53 -19.64 3.51
CA PHE A 389 -34.16 -18.87 2.32
C PHE A 389 -34.64 -17.42 2.36
N ALA A 390 -35.77 -17.16 3.02
CA ALA A 390 -36.28 -15.80 3.12
C ALA A 390 -35.22 -14.99 3.86
N ILE A 391 -34.74 -15.57 4.95
CA ILE A 391 -33.71 -14.94 5.77
C ILE A 391 -32.42 -14.84 5.02
N ALA A 392 -31.97 -15.96 4.45
CA ALA A 392 -30.72 -15.98 3.71
C ALA A 392 -30.72 -14.87 2.67
N GLY A 393 -31.83 -14.73 1.97
CA GLY A 393 -31.90 -13.72 0.94
C GLY A 393 -32.26 -12.31 1.42
N MET A 394 -32.75 -12.20 2.65
CA MET A 394 -33.14 -10.89 3.15
C MET A 394 -32.08 -9.83 2.93
N GLY A 395 -30.82 -10.16 3.21
CA GLY A 395 -29.76 -9.17 3.03
C GLY A 395 -28.98 -9.20 1.72
N ALA A 396 -29.21 -10.22 0.90
CA ALA A 396 -28.49 -10.39 -0.37
C ALA A 396 -28.71 -9.33 -1.45
N LEU A 397 -29.95 -8.95 -1.70
CA LEU A 397 -30.18 -7.94 -2.73
C LEU A 397 -29.41 -6.69 -2.37
N MET A 398 -29.57 -6.24 -1.15
CA MET A 398 -28.86 -5.06 -0.70
C MET A 398 -27.33 -5.29 -0.79
N ALA A 399 -26.87 -6.51 -0.53
CA ALA A 399 -25.43 -6.80 -0.59
C ALA A 399 -24.86 -6.76 -2.01
N ALA A 400 -25.70 -7.07 -3.00
CA ALA A 400 -25.28 -7.05 -4.39
C ALA A 400 -25.43 -5.64 -4.98
N SER A 401 -26.28 -4.80 -4.39
CA SER A 401 -26.46 -3.46 -4.92
C SER A 401 -25.60 -2.43 -4.23
N VAL A 402 -25.63 -2.43 -2.92
CA VAL A 402 -24.88 -1.48 -2.14
C VAL A 402 -23.47 -1.98 -1.93
N ARG A 403 -23.32 -3.29 -1.85
CA ARG A 403 -22.00 -3.94 -1.63
C ARG A 403 -21.51 -3.82 -0.20
N ALA A 404 -22.39 -4.13 0.76
CA ALA A 404 -22.05 -4.12 2.17
C ALA A 404 -22.47 -5.52 2.59
N PRO A 405 -21.67 -6.53 2.21
CA PRO A 405 -21.95 -7.93 2.54
C PRO A 405 -21.97 -8.12 4.03
N LEU A 406 -20.93 -7.60 4.66
CA LEU A 406 -20.77 -7.74 6.08
C LEU A 406 -21.91 -7.04 6.81
N THR A 407 -22.20 -5.81 6.41
CA THR A 407 -23.28 -5.06 7.03
C THR A 407 -24.60 -5.79 6.83
N GLY A 408 -24.84 -6.22 5.60
CA GLY A 408 -26.05 -6.96 5.28
C GLY A 408 -26.22 -8.15 6.21
N ILE A 409 -25.22 -9.02 6.24
CA ILE A 409 -25.29 -10.19 7.09
C ILE A 409 -25.53 -9.85 8.56
N VAL A 410 -24.65 -9.05 9.15
CA VAL A 410 -24.85 -8.73 10.56
C VAL A 410 -26.20 -8.06 10.80
N LEU A 411 -26.59 -7.12 9.93
CA LEU A 411 -27.87 -6.44 10.07
C LEU A 411 -28.97 -7.50 10.21
N VAL A 412 -29.05 -8.41 9.25
CA VAL A 412 -30.06 -9.47 9.28
C VAL A 412 -30.01 -10.27 10.57
N LEU A 413 -28.80 -10.59 11.03
CA LEU A 413 -28.63 -11.37 12.24
C LEU A 413 -29.32 -10.69 13.40
N GLU A 414 -28.97 -9.43 13.63
CA GLU A 414 -29.56 -8.67 14.74
C GLU A 414 -31.07 -8.55 14.63
N MET A 415 -31.60 -8.50 13.42
CA MET A 415 -33.04 -8.36 13.25
C MET A 415 -33.83 -9.65 13.34
N THR A 416 -33.30 -10.74 12.78
CA THR A 416 -34.01 -12.00 12.80
C THR A 416 -33.51 -13.00 13.85
N ASP A 417 -32.33 -12.76 14.40
CA ASP A 417 -31.73 -13.60 15.43
C ASP A 417 -31.88 -15.12 15.25
N ASN A 418 -31.35 -15.64 14.14
CA ASN A 418 -31.38 -17.07 13.82
C ASN A 418 -29.98 -17.54 13.41
N TYR A 419 -29.02 -17.37 14.34
CA TYR A 419 -27.61 -17.72 14.11
C TYR A 419 -27.34 -19.12 13.55
N GLN A 420 -28.30 -20.03 13.63
CA GLN A 420 -28.02 -21.34 13.09
C GLN A 420 -28.00 -21.25 11.56
N LEU A 421 -28.39 -20.09 11.03
CA LEU A 421 -28.38 -19.89 9.57
C LEU A 421 -27.26 -18.93 9.12
N ILE A 422 -26.26 -18.72 9.95
CA ILE A 422 -25.15 -17.81 9.62
C ILE A 422 -24.45 -18.18 8.30
N LEU A 423 -24.21 -19.46 8.06
CA LEU A 423 -23.56 -19.88 6.81
C LEU A 423 -24.48 -19.54 5.62
N PRO A 424 -25.71 -20.08 5.60
CA PRO A 424 -26.60 -19.75 4.48
C PRO A 424 -26.57 -18.23 4.27
N MET A 425 -26.62 -17.47 5.35
CA MET A 425 -26.60 -16.02 5.22
C MET A 425 -25.33 -15.51 4.57
N ILE A 426 -24.18 -15.99 5.02
CA ILE A 426 -22.90 -15.55 4.46
C ILE A 426 -22.68 -16.05 3.04
N ILE A 427 -23.13 -17.27 2.76
CA ILE A 427 -22.99 -17.80 1.41
C ILE A 427 -23.85 -16.95 0.48
N THR A 428 -25.14 -16.87 0.75
CA THR A 428 -25.97 -16.09 -0.13
C THR A 428 -25.49 -14.65 -0.31
N CYS A 429 -25.26 -13.92 0.78
CA CYS A 429 -24.83 -12.53 0.68
C CYS A 429 -23.48 -12.29 0.03
N LEU A 430 -22.51 -13.11 0.38
CA LEU A 430 -21.18 -12.95 -0.20
C LEU A 430 -21.26 -13.35 -1.67
N GLY A 431 -21.88 -14.50 -1.94
CA GLY A 431 -22.03 -14.99 -3.30
C GLY A 431 -22.56 -13.93 -4.25
N ALA A 432 -23.60 -13.23 -3.82
CA ALA A 432 -24.20 -12.17 -4.62
C ALA A 432 -23.19 -11.05 -4.89
N THR A 433 -22.46 -10.66 -3.85
CA THR A 433 -21.46 -9.60 -3.95
C THR A 433 -20.32 -9.98 -4.90
N LEU A 434 -19.85 -11.21 -4.81
CA LEU A 434 -18.80 -11.66 -5.70
C LEU A 434 -19.29 -11.53 -7.12
N LEU A 435 -20.37 -12.25 -7.42
CA LEU A 435 -20.94 -12.23 -8.74
C LEU A 435 -21.35 -10.83 -9.23
N ALA A 436 -21.77 -9.97 -8.32
CA ALA A 436 -22.15 -8.62 -8.72
C ALA A 436 -20.99 -7.82 -9.29
N GLN A 437 -19.76 -8.03 -8.79
CA GLN A 437 -18.64 -7.28 -9.34
C GLN A 437 -18.23 -7.98 -10.63
N PHE A 438 -18.13 -9.30 -10.55
CA PHE A 438 -17.73 -10.09 -11.70
C PHE A 438 -18.69 -9.88 -12.87
N LEU A 439 -19.83 -9.26 -12.59
CA LEU A 439 -20.83 -9.07 -13.61
C LEU A 439 -20.94 -7.62 -14.06
N GLY A 440 -20.02 -6.77 -13.62
CA GLY A 440 -20.05 -5.37 -14.01
C GLY A 440 -20.76 -4.41 -13.08
N GLY A 441 -21.28 -4.92 -11.96
CA GLY A 441 -21.99 -4.06 -11.03
C GLY A 441 -21.12 -3.05 -10.31
N LYS A 442 -21.76 -2.00 -9.79
CA LYS A 442 -21.07 -0.93 -9.04
C LYS A 442 -21.87 -0.68 -7.75
N PRO A 443 -21.19 -0.31 -6.65
CA PRO A 443 -21.90 -0.03 -5.39
C PRO A 443 -22.87 1.13 -5.61
N LEU A 444 -24.14 0.89 -5.32
CA LEU A 444 -25.17 1.90 -5.53
C LEU A 444 -24.90 3.30 -5.00
N TYR A 445 -24.60 3.41 -3.71
CA TYR A 445 -24.32 4.71 -3.12
C TYR A 445 -23.14 5.37 -3.82
N SER A 446 -22.06 4.61 -3.99
CA SER A 446 -20.87 5.12 -4.66
C SER A 446 -21.20 5.72 -6.05
N THR A 447 -22.14 5.08 -6.74
CA THR A 447 -22.56 5.55 -8.07
C THR A 447 -23.39 6.82 -7.94
N ILE A 448 -24.36 6.83 -7.04
CA ILE A 448 -25.17 8.03 -6.86
C ILE A 448 -24.30 9.22 -6.45
N LEU A 449 -23.31 9.00 -5.58
CA LEU A 449 -22.47 10.10 -5.14
C LEU A 449 -21.70 10.56 -6.38
N ALA A 450 -21.12 9.59 -7.08
CA ALA A 450 -20.36 9.84 -8.29
C ALA A 450 -21.16 10.73 -9.23
N ARG A 451 -22.43 10.40 -9.42
CA ARG A 451 -23.28 11.18 -10.31
C ARG A 451 -23.50 12.60 -9.80
N THR A 452 -23.55 12.77 -8.49
CA THR A 452 -23.78 14.11 -7.95
C THR A 452 -22.53 14.99 -8.04
N LEU A 453 -21.36 14.39 -7.83
CA LEU A 453 -20.08 15.09 -7.93
C LEU A 453 -19.80 15.38 -9.40
N ALA A 454 -20.30 14.50 -10.27
CA ALA A 454 -20.14 14.67 -11.70
C ALA A 454 -21.03 15.82 -12.12
N LYS A 455 -22.31 15.70 -11.79
CA LYS A 455 -23.28 16.73 -12.13
C LYS A 455 -22.87 18.08 -11.51
N GLN A 456 -22.32 18.06 -10.31
CA GLN A 456 -21.93 19.29 -9.65
C GLN A 456 -21.01 20.16 -10.52
N ASP A 457 -19.73 19.80 -10.57
CA ASP A 457 -18.75 20.57 -11.35
C ASP A 457 -19.23 20.86 -12.76
N ALA A 458 -20.00 19.92 -13.34
CA ALA A 458 -20.50 20.11 -14.69
C ALA A 458 -21.41 21.34 -14.77
N GLU A 459 -22.56 21.30 -14.11
CA GLU A 459 -23.51 22.43 -14.14
C GLU A 459 -22.75 23.73 -13.99
N GLN A 460 -22.20 23.93 -12.80
CA GLN A 460 -21.45 25.12 -12.46
C GLN A 460 -20.26 25.41 -13.36
N GLN B 12 -9.64 25.10 -8.46
CA GLN B 12 -8.92 24.21 -9.35
C GLN B 12 -8.62 22.83 -8.70
N ILE B 13 -8.23 22.87 -7.42
CA ILE B 13 -7.91 21.65 -6.67
C ILE B 13 -9.14 20.81 -6.34
N VAL B 14 -10.27 21.47 -6.12
CA VAL B 14 -11.49 20.73 -5.80
C VAL B 14 -12.06 20.06 -7.04
N ARG B 15 -12.03 20.75 -8.18
CA ARG B 15 -12.56 20.16 -9.41
C ARG B 15 -11.72 18.94 -9.77
N LEU B 16 -10.48 18.97 -9.29
CA LEU B 16 -9.53 17.89 -9.50
C LEU B 16 -9.76 16.75 -8.53
N ARG B 17 -9.87 17.07 -7.24
CA ARG B 17 -10.10 16.03 -6.24
C ARG B 17 -11.41 15.28 -6.50
N ARG B 18 -12.30 15.87 -7.29
CA ARG B 18 -13.58 15.23 -7.61
C ARG B 18 -13.34 14.16 -8.66
N ARG B 19 -12.55 14.51 -9.67
CA ARG B 19 -12.22 13.57 -10.73
C ARG B 19 -11.69 12.31 -10.05
N ASP B 20 -10.56 12.48 -9.38
CA ASP B 20 -9.89 11.40 -8.68
C ASP B 20 -10.75 10.64 -7.70
N GLN B 21 -11.77 11.28 -7.14
CA GLN B 21 -12.60 10.58 -6.18
C GLN B 21 -13.71 9.74 -6.81
N ILE B 22 -14.24 10.16 -7.95
CA ILE B 22 -15.29 9.36 -8.56
C ILE B 22 -14.67 8.06 -9.09
N ARG B 23 -13.35 8.06 -9.26
CA ARG B 23 -12.67 6.86 -9.74
C ARG B 23 -12.53 5.89 -8.56
N ARG B 24 -11.96 6.35 -7.45
CA ARG B 24 -11.78 5.49 -6.27
C ARG B 24 -13.12 4.91 -5.85
N LEU B 25 -14.20 5.58 -6.23
CA LEU B 25 -15.56 5.17 -5.87
C LEU B 25 -16.18 4.15 -6.79
N LEU B 26 -16.19 4.46 -8.08
CA LEU B 26 -16.76 3.59 -9.10
C LEU B 26 -15.89 2.34 -9.30
N GLN B 27 -14.92 2.14 -8.40
CA GLN B 27 -14.04 0.98 -8.46
C GLN B 27 -13.71 0.47 -7.06
N ARG B 28 -14.46 0.98 -6.08
CA ARG B 28 -14.32 0.58 -4.68
C ARG B 28 -14.45 -0.93 -4.61
N ASP B 29 -13.80 -1.53 -3.61
CA ASP B 29 -13.78 -2.99 -3.43
C ASP B 29 -14.07 -3.75 -4.74
N LYS B 30 -12.97 -4.09 -5.41
CA LYS B 30 -12.98 -4.82 -6.66
C LYS B 30 -11.76 -5.69 -6.41
N THR B 31 -11.93 -7.00 -6.45
CA THR B 31 -10.80 -7.88 -6.17
C THR B 31 -10.41 -8.76 -7.33
N PRO B 32 -9.12 -8.77 -7.66
CA PRO B 32 -8.59 -9.59 -8.76
C PRO B 32 -9.03 -11.05 -8.56
N LEU B 33 -9.52 -11.67 -9.63
CA LEU B 33 -10.03 -13.03 -9.55
C LEU B 33 -9.06 -14.09 -9.08
N ALA B 34 -7.78 -13.85 -9.29
CA ALA B 34 -6.78 -14.82 -8.86
C ALA B 34 -6.77 -14.88 -7.35
N ILE B 35 -6.66 -13.72 -6.72
CA ILE B 35 -6.64 -13.62 -5.28
C ILE B 35 -7.90 -14.24 -4.72
N LEU B 36 -9.01 -13.85 -5.32
CA LEU B 36 -10.31 -14.33 -4.91
C LEU B 36 -10.30 -15.85 -4.97
N PHE B 37 -9.96 -16.42 -6.11
CA PHE B 37 -9.92 -17.85 -6.26
C PHE B 37 -9.05 -18.51 -5.18
N MET B 38 -7.85 -17.98 -4.98
CA MET B 38 -6.90 -18.52 -4.01
C MET B 38 -7.27 -18.35 -2.54
N ALA B 39 -7.97 -17.25 -2.23
CA ALA B 39 -8.43 -17.03 -0.87
C ALA B 39 -9.31 -18.22 -0.52
N ALA B 40 -10.11 -18.67 -1.48
CA ALA B 40 -10.97 -19.82 -1.26
C ALA B 40 -10.13 -21.06 -1.00
N VAL B 41 -9.12 -21.29 -1.83
CA VAL B 41 -8.25 -22.45 -1.66
C VAL B 41 -7.59 -22.39 -0.29
N VAL B 42 -7.02 -21.23 0.03
CA VAL B 42 -6.35 -21.01 1.31
C VAL B 42 -7.27 -21.21 2.49
N GLY B 43 -8.54 -20.82 2.34
CA GLY B 43 -9.49 -20.97 3.43
C GLY B 43 -9.84 -22.41 3.70
N THR B 44 -10.02 -23.16 2.63
CA THR B 44 -10.35 -24.58 2.69
C THR B 44 -9.23 -25.34 3.35
N LEU B 45 -8.04 -25.09 2.84
CA LEU B 45 -6.83 -25.72 3.33
C LEU B 45 -6.59 -25.45 4.81
N THR B 46 -6.89 -24.24 5.25
CA THR B 46 -6.72 -23.83 6.64
C THR B 46 -7.72 -24.52 7.57
N GLY B 47 -8.94 -24.69 7.09
CA GLY B 47 -9.95 -25.38 7.88
C GLY B 47 -9.56 -26.85 8.05
N LEU B 48 -9.06 -27.45 6.99
CA LEU B 48 -8.64 -28.84 7.06
C LEU B 48 -7.55 -28.95 8.09
N VAL B 49 -6.40 -28.33 7.83
CA VAL B 49 -5.30 -28.39 8.79
C VAL B 49 -5.77 -27.88 10.13
N GLY B 50 -6.75 -26.99 10.09
CA GLY B 50 -7.29 -26.44 11.31
C GLY B 50 -7.98 -27.50 12.13
N VAL B 51 -8.99 -28.13 11.55
CA VAL B 51 -9.71 -29.15 12.29
C VAL B 51 -8.79 -30.34 12.58
N ALA B 52 -7.82 -30.58 11.71
CA ALA B 52 -6.87 -31.67 11.88
C ALA B 52 -6.11 -31.50 13.18
N PHE B 53 -5.70 -30.27 13.45
CA PHE B 53 -4.95 -29.94 14.65
C PHE B 53 -5.81 -30.18 15.89
N GLU B 54 -7.06 -29.71 15.81
CA GLU B 54 -8.02 -29.84 16.89
C GLU B 54 -8.21 -31.30 17.24
N LYS B 55 -8.32 -32.15 16.21
CA LYS B 55 -8.49 -33.57 16.43
C LYS B 55 -7.22 -34.11 17.07
N ALA B 56 -6.08 -33.68 16.55
CA ALA B 56 -4.79 -34.13 17.06
C ALA B 56 -4.57 -33.78 18.53
N VAL B 57 -4.89 -32.55 18.92
CA VAL B 57 -4.71 -32.15 20.31
C VAL B 57 -5.62 -32.99 21.21
N SER B 58 -6.84 -33.21 20.73
CA SER B 58 -7.82 -33.99 21.49
C SER B 58 -7.33 -35.43 21.64
N TRP B 59 -6.62 -35.91 20.62
CA TRP B 59 -6.09 -37.26 20.63
C TRP B 59 -5.04 -37.37 21.73
N VAL B 60 -3.97 -36.58 21.62
CA VAL B 60 -2.91 -36.59 22.61
C VAL B 60 -3.47 -36.48 24.03
N GLN B 61 -4.62 -35.84 24.17
CA GLN B 61 -5.22 -35.69 25.49
C GLN B 61 -5.89 -36.96 25.95
N ASN B 62 -6.44 -37.72 25.01
CA ASN B 62 -7.11 -38.97 25.33
C ASN B 62 -6.06 -40.02 25.70
N MET B 63 -5.00 -40.11 24.89
CA MET B 63 -3.90 -41.04 25.15
C MET B 63 -3.55 -40.88 26.62
N ARG B 64 -3.17 -39.66 26.97
CA ARG B 64 -2.79 -39.29 28.31
C ARG B 64 -3.84 -39.66 29.35
N ILE B 65 -4.94 -38.92 29.36
CA ILE B 65 -6.03 -39.15 30.31
C ILE B 65 -6.55 -40.58 30.32
N GLY B 66 -6.37 -41.30 29.22
CA GLY B 66 -6.85 -42.68 29.14
C GLY B 66 -5.85 -43.67 29.69
N ALA B 67 -4.59 -43.51 29.27
CA ALA B 67 -3.53 -44.39 29.73
C ALA B 67 -3.07 -43.95 31.12
N LEU B 68 -3.79 -43.02 31.71
CA LEU B 68 -3.45 -42.51 33.03
C LEU B 68 -4.50 -43.00 34.01
N VAL B 69 -5.65 -43.38 33.47
CA VAL B 69 -6.74 -43.85 34.31
C VAL B 69 -6.67 -45.35 34.50
N GLN B 70 -5.67 -45.99 33.91
CA GLN B 70 -5.52 -47.43 34.09
C GLN B 70 -4.74 -47.67 35.38
N VAL B 71 -3.86 -46.73 35.71
CA VAL B 71 -3.10 -46.82 36.94
C VAL B 71 -3.86 -45.98 37.96
N ALA B 72 -5.17 -45.93 37.79
CA ALA B 72 -6.06 -45.16 38.66
C ALA B 72 -6.02 -45.60 40.12
N ASP B 73 -6.07 -46.91 40.34
CA ASP B 73 -6.05 -47.46 41.70
C ASP B 73 -4.65 -47.58 42.32
N HIS B 74 -3.64 -47.13 41.60
CA HIS B 74 -2.26 -47.16 42.08
C HIS B 74 -1.81 -45.76 42.47
N ALA B 75 -2.35 -45.24 43.55
CA ALA B 75 -2.03 -43.89 44.04
C ALA B 75 -0.59 -43.40 43.83
N PHE B 76 0.40 -44.29 43.99
CA PHE B 76 1.80 -43.89 43.82
C PHE B 76 2.27 -43.97 42.37
N LEU B 77 1.55 -44.72 41.55
CA LEU B 77 1.92 -44.84 40.15
C LEU B 77 1.03 -43.89 39.34
N LEU B 78 0.44 -42.92 40.04
CA LEU B 78 -0.43 -41.95 39.40
C LEU B 78 0.24 -40.58 39.37
N TRP B 79 0.47 -39.98 40.53
CA TRP B 79 1.13 -38.68 40.54
C TRP B 79 2.38 -38.62 39.66
N PRO B 80 3.20 -39.69 39.66
CA PRO B 80 4.42 -39.70 38.84
C PRO B 80 4.10 -39.60 37.35
N LEU B 81 3.13 -40.37 36.88
CA LEU B 81 2.75 -40.32 35.47
C LEU B 81 2.13 -38.98 35.12
N ALA B 82 1.19 -38.53 35.93
CA ALA B 82 0.54 -37.24 35.68
C ALA B 82 1.62 -36.21 35.39
N PHE B 83 2.72 -36.28 36.12
CA PHE B 83 3.81 -35.35 35.93
C PHE B 83 4.58 -35.64 34.66
N ILE B 84 5.18 -36.83 34.60
CA ILE B 84 5.95 -37.23 33.43
C ILE B 84 5.24 -37.03 32.09
N LEU B 85 4.09 -37.68 31.89
CA LEU B 85 3.34 -37.56 30.63
C LEU B 85 3.22 -36.12 30.14
N SER B 86 2.67 -35.25 31.00
CA SER B 86 2.52 -33.85 30.64
C SER B 86 3.91 -33.24 30.44
N ALA B 87 4.84 -33.58 31.32
CA ALA B 87 6.21 -33.07 31.24
C ALA B 87 6.91 -33.42 29.92
N LEU B 88 6.79 -34.68 29.50
CA LEU B 88 7.41 -35.09 28.25
C LEU B 88 6.75 -34.34 27.11
N LEU B 89 5.44 -34.54 26.96
CA LEU B 89 4.66 -33.86 25.92
C LEU B 89 5.00 -32.39 25.82
N ALA B 90 4.96 -31.70 26.95
CA ALA B 90 5.31 -30.29 26.94
C ALA B 90 6.72 -30.14 26.40
N MET B 91 7.66 -30.90 26.96
CA MET B 91 9.02 -30.78 26.47
C MET B 91 9.11 -30.94 24.97
N VAL B 92 8.36 -31.87 24.41
CA VAL B 92 8.37 -32.07 22.97
C VAL B 92 8.09 -30.74 22.28
N GLY B 93 7.11 -30.01 22.82
CA GLY B 93 6.74 -28.71 22.26
C GLY B 93 7.84 -27.68 22.40
N TYR B 94 8.32 -27.46 23.61
CA TYR B 94 9.39 -26.51 23.82
C TYR B 94 10.61 -26.81 22.97
N PHE B 95 11.02 -28.08 22.96
CA PHE B 95 12.19 -28.47 22.20
C PHE B 95 12.06 -28.10 20.73
N LEU B 96 11.07 -28.70 20.04
CA LEU B 96 10.88 -28.44 18.63
C LEU B 96 10.88 -26.95 18.29
N VAL B 97 10.40 -26.14 19.22
CA VAL B 97 10.36 -24.71 18.99
C VAL B 97 11.76 -24.12 19.05
N ARG B 98 12.42 -24.29 20.20
CA ARG B 98 13.75 -23.78 20.44
C ARG B 98 14.79 -24.20 19.40
N LYS B 99 14.69 -25.42 18.89
CA LYS B 99 15.64 -25.90 17.91
C LYS B 99 15.32 -25.60 16.44
N PHE B 100 14.16 -26.07 15.96
CA PHE B 100 13.77 -25.89 14.57
C PHE B 100 13.06 -24.61 14.13
N ALA B 101 12.19 -24.05 14.97
CA ALA B 101 11.48 -22.84 14.56
C ALA B 101 10.98 -21.99 15.71
N PRO B 102 11.81 -21.06 16.20
CA PRO B 102 11.56 -20.14 17.30
C PRO B 102 10.30 -19.27 17.19
N GLU B 103 10.06 -18.71 16.01
CA GLU B 103 8.89 -17.86 15.81
C GLU B 103 7.57 -18.59 16.06
N ALA B 104 7.63 -19.92 16.12
CA ALA B 104 6.45 -20.73 16.35
C ALA B 104 6.14 -20.85 17.83
N GLY B 105 7.04 -20.36 18.67
CA GLY B 105 6.79 -20.41 20.09
C GLY B 105 5.81 -19.30 20.39
N GLY B 106 5.24 -19.30 21.60
CA GLY B 106 4.30 -18.26 21.97
C GLY B 106 3.00 -18.28 21.19
N SER B 107 2.31 -17.15 21.22
CA SER B 107 1.02 -16.95 20.55
C SER B 107 1.06 -17.23 19.06
N GLY B 108 1.90 -16.48 18.36
CA GLY B 108 2.01 -16.67 16.92
C GLY B 108 1.34 -15.54 16.15
N ILE B 109 0.34 -14.91 16.76
CA ILE B 109 -0.34 -13.83 16.08
C ILE B 109 0.56 -12.64 15.87
N PRO B 110 1.38 -12.30 16.88
CA PRO B 110 2.27 -11.16 16.68
C PRO B 110 3.26 -11.37 15.52
N GLU B 111 3.48 -12.61 15.12
CA GLU B 111 4.39 -12.88 13.99
C GLU B 111 3.60 -12.67 12.70
N ILE B 112 2.39 -13.20 12.63
CA ILE B 112 1.57 -13.00 11.46
C ILE B 112 1.34 -11.51 11.29
N GLU B 113 1.26 -10.80 12.40
CA GLU B 113 1.08 -9.37 12.36
C GLU B 113 2.34 -8.73 11.78
N GLY B 114 3.50 -9.23 12.18
CA GLY B 114 4.73 -8.70 11.65
C GLY B 114 4.86 -8.97 10.16
N ALA B 115 4.47 -10.17 9.74
CA ALA B 115 4.55 -10.54 8.34
C ALA B 115 3.73 -9.56 7.50
N LEU B 116 2.55 -9.18 7.97
CA LEU B 116 1.73 -8.26 7.22
C LEU B 116 2.32 -6.86 7.16
N GLU B 117 3.44 -6.64 7.84
CA GLU B 117 4.03 -5.32 7.83
C GLU B 117 5.45 -5.25 7.32
N GLU B 118 5.91 -6.35 6.71
CA GLU B 118 7.25 -6.42 6.13
C GLU B 118 8.32 -6.53 7.20
N LEU B 119 7.92 -6.54 8.46
CA LEU B 119 8.88 -6.63 9.57
C LEU B 119 9.20 -8.04 9.99
N ARG B 120 8.55 -9.01 9.39
CA ARG B 120 8.78 -10.35 9.89
C ARG B 120 8.54 -11.38 8.81
N PRO B 121 9.47 -12.33 8.63
CA PRO B 121 9.40 -13.41 7.65
C PRO B 121 8.40 -14.51 8.03
N VAL B 122 7.92 -15.22 7.01
CA VAL B 122 6.98 -16.31 7.22
C VAL B 122 7.61 -17.57 6.67
N ARG B 123 8.38 -18.26 7.52
CA ARG B 123 9.07 -19.49 7.13
C ARG B 123 8.19 -20.72 7.29
N TRP B 124 7.17 -20.80 6.45
CA TRP B 124 6.21 -21.89 6.51
C TRP B 124 6.77 -23.31 6.50
N TRP B 125 7.95 -23.49 5.93
CA TRP B 125 8.55 -24.82 5.85
C TRP B 125 8.91 -25.37 7.20
N ARG B 126 9.28 -24.51 8.14
CA ARG B 126 9.59 -24.99 9.48
C ARG B 126 8.49 -24.69 10.50
N VAL B 127 7.77 -23.60 10.34
CA VAL B 127 6.71 -23.27 11.30
C VAL B 127 5.47 -24.17 11.21
N LEU B 128 5.06 -24.52 9.99
CA LEU B 128 3.89 -25.38 9.83
C LEU B 128 3.95 -26.67 10.65
N PRO B 129 5.00 -27.50 10.47
CA PRO B 129 5.14 -28.76 11.21
C PRO B 129 5.49 -28.51 12.68
N VAL B 130 6.42 -27.60 12.92
CA VAL B 130 6.83 -27.29 14.29
C VAL B 130 5.63 -26.92 15.15
N LYS B 131 4.91 -25.87 14.74
CA LYS B 131 3.76 -25.35 15.46
C LYS B 131 2.69 -26.39 15.67
N PHE B 132 2.47 -27.19 14.63
CA PHE B 132 1.47 -28.24 14.69
C PHE B 132 1.83 -29.22 15.80
N ILE B 133 2.92 -29.96 15.61
CA ILE B 133 3.35 -30.93 16.61
C ILE B 133 3.64 -30.26 17.95
N GLY B 134 4.30 -29.11 17.90
CA GLY B 134 4.61 -28.41 19.13
C GLY B 134 3.35 -28.12 19.92
N GLY B 135 2.34 -27.59 19.23
CA GLY B 135 1.08 -27.27 19.86
C GLY B 135 0.36 -28.53 20.28
N MET B 136 0.55 -29.58 19.50
CA MET B 136 -0.05 -30.87 19.79
C MET B 136 0.47 -31.41 21.12
N GLY B 137 1.74 -31.11 21.40
CA GLY B 137 2.35 -31.56 22.63
C GLY B 137 1.90 -30.71 23.82
N THR B 138 2.27 -29.44 23.82
CA THR B 138 1.93 -28.50 24.90
C THR B 138 0.44 -28.40 25.23
N LEU B 139 -0.41 -28.55 24.22
CA LEU B 139 -1.85 -28.47 24.46
C LEU B 139 -2.38 -29.81 24.95
N GLY B 140 -1.88 -30.89 24.37
CA GLY B 140 -2.30 -32.22 24.76
C GLY B 140 -1.80 -32.51 26.16
N ALA B 141 -0.79 -31.75 26.58
CA ALA B 141 -0.19 -31.90 27.90
C ALA B 141 -1.23 -31.49 28.94
N GLY B 142 -1.95 -30.41 28.66
CA GLY B 142 -2.97 -29.94 29.58
C GLY B 142 -2.69 -28.51 30.00
N MET B 143 -1.60 -27.95 29.48
CA MET B 143 -1.21 -26.58 29.79
C MET B 143 -2.31 -25.59 29.43
N VAL B 144 -2.32 -24.45 30.10
CA VAL B 144 -3.31 -23.42 29.87
C VAL B 144 -2.98 -22.61 28.61
N LEU B 145 -3.28 -23.19 27.46
CA LEU B 145 -3.00 -22.53 26.20
C LEU B 145 -4.19 -22.64 25.28
N GLY B 146 -4.32 -21.68 24.37
CA GLY B 146 -5.42 -21.70 23.43
C GLY B 146 -4.98 -22.32 22.12
N ARG B 147 -5.95 -22.80 21.34
CA ARG B 147 -5.66 -23.41 20.07
C ARG B 147 -5.65 -22.42 18.89
N GLU B 148 -6.06 -21.18 19.14
CA GLU B 148 -6.08 -20.18 18.09
C GLU B 148 -4.65 -19.72 17.79
N GLY B 149 -3.81 -19.72 18.82
CA GLY B 149 -2.42 -19.32 18.63
C GLY B 149 -1.93 -20.05 17.40
N PRO B 150 -1.80 -21.38 17.49
CA PRO B 150 -1.35 -22.17 16.36
C PRO B 150 -2.18 -21.98 15.09
N THR B 151 -3.50 -22.18 15.16
CA THR B 151 -4.33 -22.06 13.96
C THR B 151 -4.20 -20.76 13.19
N VAL B 152 -4.12 -19.63 13.88
CA VAL B 152 -3.98 -18.38 13.18
C VAL B 152 -2.62 -18.31 12.51
N GLN B 153 -1.58 -18.79 13.20
CA GLN B 153 -0.24 -18.75 12.63
C GLN B 153 -0.16 -19.78 11.54
N ILE B 154 -0.74 -20.95 11.78
CA ILE B 154 -0.73 -22.01 10.79
C ILE B 154 -1.46 -21.52 9.55
N GLY B 155 -2.60 -20.86 9.77
CA GLY B 155 -3.39 -20.32 8.67
C GLY B 155 -2.59 -19.30 7.90
N GLY B 156 -1.93 -18.40 8.64
CA GLY B 156 -1.12 -17.38 8.01
C GLY B 156 -0.03 -18.01 7.18
N ASN B 157 0.64 -19.02 7.74
CA ASN B 157 1.70 -19.72 7.03
C ASN B 157 1.19 -20.50 5.83
N LEU B 158 0.07 -21.20 5.99
CA LEU B 158 -0.50 -21.93 4.87
C LEU B 158 -0.74 -20.97 3.74
N GLY B 159 -1.22 -19.78 4.09
CA GLY B 159 -1.48 -18.75 3.09
C GLY B 159 -0.23 -18.38 2.33
N ARG B 160 0.85 -18.14 3.04
CA ARG B 160 2.09 -17.78 2.39
C ARG B 160 2.62 -18.94 1.55
N MET B 161 2.43 -20.17 2.04
CA MET B 161 2.89 -21.33 1.30
C MET B 161 2.27 -21.33 -0.06
N VAL B 162 0.95 -21.51 -0.08
CA VAL B 162 0.17 -21.52 -1.30
C VAL B 162 0.62 -20.41 -2.22
N LEU B 163 0.73 -19.23 -1.66
CA LEU B 163 1.15 -18.07 -2.39
C LEU B 163 2.49 -18.30 -3.10
N ASP B 164 3.42 -18.97 -2.42
CA ASP B 164 4.74 -19.25 -2.99
C ASP B 164 4.76 -20.31 -4.07
N VAL B 165 4.05 -21.42 -3.84
CA VAL B 165 4.05 -22.48 -4.83
C VAL B 165 3.36 -22.09 -6.11
N PHE B 166 2.41 -21.17 -6.09
CA PHE B 166 1.77 -20.79 -7.34
C PHE B 166 2.41 -19.55 -7.93
N ARG B 167 3.38 -19.02 -7.21
CA ARG B 167 4.12 -17.85 -7.63
C ARG B 167 3.38 -16.52 -7.78
N MET B 168 2.60 -16.16 -6.76
CA MET B 168 1.90 -14.88 -6.74
C MET B 168 2.71 -13.93 -5.87
N ARG B 169 3.27 -12.90 -6.50
CA ARG B 169 4.11 -11.93 -5.83
C ARG B 169 3.51 -10.55 -5.67
N SER B 170 2.30 -10.33 -6.15
CA SER B 170 1.68 -9.03 -6.02
C SER B 170 1.45 -8.72 -4.56
N ALA B 171 1.86 -7.54 -4.12
CA ALA B 171 1.70 -7.16 -2.73
C ALA B 171 0.31 -7.46 -2.22
N GLU B 172 -0.69 -7.25 -3.08
CA GLU B 172 -2.09 -7.49 -2.70
C GLU B 172 -2.40 -8.99 -2.50
N ALA B 173 -1.86 -9.83 -3.35
CA ALA B 173 -2.12 -11.25 -3.21
C ALA B 173 -1.42 -11.68 -1.94
N ARG B 174 -0.23 -11.14 -1.70
CA ARG B 174 0.51 -11.51 -0.52
C ARG B 174 -0.15 -11.07 0.78
N HIS B 175 -0.53 -9.81 0.87
CA HIS B 175 -1.19 -9.34 2.08
C HIS B 175 -2.58 -9.95 2.27
N THR B 176 -3.31 -10.16 1.18
CA THR B 176 -4.64 -10.72 1.30
C THR B 176 -4.65 -12.18 1.73
N LEU B 177 -3.85 -13.04 1.10
CA LEU B 177 -3.91 -14.44 1.49
C LEU B 177 -3.31 -14.71 2.86
N LEU B 178 -2.33 -13.92 3.26
CA LEU B 178 -1.74 -14.10 4.57
C LEU B 178 -2.85 -13.81 5.60
N ALA B 179 -3.53 -12.68 5.41
CA ALA B 179 -4.62 -12.25 6.27
C ALA B 179 -5.82 -13.22 6.20
N THR B 180 -6.03 -13.79 5.02
CA THR B 180 -7.14 -14.70 4.84
C THR B 180 -6.84 -15.96 5.63
N GLY B 181 -5.57 -16.36 5.62
CA GLY B 181 -5.20 -17.54 6.37
C GLY B 181 -5.42 -17.29 7.85
N ALA B 182 -5.02 -16.11 8.32
CA ALA B 182 -5.18 -15.76 9.72
C ALA B 182 -6.63 -15.79 10.15
N ALA B 183 -7.50 -15.11 9.39
CA ALA B 183 -8.92 -15.06 9.70
C ALA B 183 -9.60 -16.44 9.65
N ALA B 184 -9.25 -17.23 8.64
CA ALA B 184 -9.80 -18.56 8.52
C ALA B 184 -9.35 -19.40 9.72
N GLY B 185 -8.17 -19.09 10.24
CA GLY B 185 -7.62 -19.82 11.38
C GLY B 185 -8.33 -19.47 12.66
N LEU B 186 -8.59 -18.16 12.84
CA LEU B 186 -9.28 -17.67 14.03
C LEU B 186 -10.72 -18.20 14.10
N SER B 187 -11.37 -18.34 12.95
CA SER B 187 -12.75 -18.83 12.96
C SER B 187 -12.77 -20.32 13.11
N ALA B 188 -11.66 -20.98 12.79
CA ALA B 188 -11.59 -22.43 12.92
C ALA B 188 -11.43 -22.75 14.40
N ALA B 189 -10.70 -21.91 15.11
CA ALA B 189 -10.51 -22.11 16.53
C ALA B 189 -11.79 -21.94 17.34
N PHE B 190 -12.74 -21.13 16.86
CA PHE B 190 -13.99 -20.93 17.61
C PHE B 190 -15.26 -21.15 16.81
N ASN B 191 -15.12 -21.62 15.58
CA ASN B 191 -16.27 -21.82 14.73
C ASN B 191 -17.03 -20.47 14.74
N ALA B 192 -16.25 -19.41 14.57
CA ALA B 192 -16.77 -18.07 14.57
C ALA B 192 -16.35 -17.30 13.32
N PRO B 193 -17.06 -17.52 12.19
CA PRO B 193 -16.73 -16.83 10.93
C PRO B 193 -16.69 -15.31 11.05
N LEU B 194 -17.77 -14.69 11.50
CA LEU B 194 -17.80 -13.24 11.64
C LEU B 194 -16.66 -12.70 12.48
N ALA B 195 -16.30 -13.42 13.54
CA ALA B 195 -15.23 -12.93 14.39
C ALA B 195 -13.91 -12.91 13.64
N GLY B 196 -13.63 -13.98 12.92
CA GLY B 196 -12.40 -14.07 12.15
C GLY B 196 -12.26 -12.91 11.20
N ILE B 197 -13.28 -12.69 10.38
CA ILE B 197 -13.23 -11.61 9.42
C ILE B 197 -13.14 -10.27 10.13
N LEU B 198 -13.77 -10.17 11.30
CA LEU B 198 -13.74 -8.91 12.03
C LEU B 198 -12.43 -8.60 12.69
N PHE B 199 -11.74 -9.62 13.15
CA PHE B 199 -10.46 -9.42 13.79
C PHE B 199 -9.52 -8.71 12.80
N ILE B 200 -9.71 -9.00 11.52
CA ILE B 200 -8.87 -8.42 10.46
C ILE B 200 -9.25 -6.97 10.16
N ILE B 201 -10.53 -6.74 9.96
CA ILE B 201 -11.03 -5.41 9.68
C ILE B 201 -10.65 -4.44 10.79
N GLU B 202 -10.91 -4.84 12.02
CA GLU B 202 -10.65 -4.04 13.19
C GLU B 202 -9.17 -3.92 13.52
N GLU B 203 -8.32 -4.79 12.99
CA GLU B 203 -6.91 -4.71 13.33
C GLU B 203 -5.97 -4.34 12.20
N MET B 204 -6.47 -4.19 10.97
CA MET B 204 -5.59 -3.86 9.86
C MET B 204 -6.01 -2.61 9.07
N ARG B 205 -6.75 -1.68 9.68
CA ARG B 205 -7.20 -0.50 8.93
C ARG B 205 -6.20 -0.01 7.92
N PRO B 206 -4.94 0.20 8.32
CA PRO B 206 -3.90 0.68 7.40
C PRO B 206 -3.74 -0.21 6.15
N GLN B 207 -3.82 -1.53 6.34
CA GLN B 207 -3.72 -2.44 5.21
C GLN B 207 -4.80 -2.13 4.17
N PHE B 208 -5.96 -1.67 4.60
CA PHE B 208 -7.04 -1.38 3.67
C PHE B 208 -6.92 0.02 3.10
N ARG B 209 -6.31 0.93 3.84
CA ARG B 209 -6.19 2.28 3.33
C ARG B 209 -5.32 2.18 2.08
N TYR B 210 -4.29 1.34 2.15
CA TYR B 210 -3.44 1.06 0.97
C TYR B 210 -4.37 -0.02 0.47
N ASN B 211 -4.50 -0.23 -0.81
CA ASN B 211 -5.48 -1.21 -1.25
C ASN B 211 -4.95 -2.66 -1.26
N LEU B 212 -4.36 -3.09 -0.14
CA LEU B 212 -3.75 -4.42 -0.01
C LEU B 212 -4.63 -5.59 0.41
N ILE B 213 -5.71 -5.33 1.13
CA ILE B 213 -6.59 -6.41 1.53
C ILE B 213 -8.02 -6.12 1.04
N SER B 214 -8.78 -7.17 0.81
CA SER B 214 -10.16 -6.98 0.39
C SER B 214 -11.04 -7.82 1.31
N ILE B 215 -12.13 -7.23 1.77
CA ILE B 215 -13.05 -7.94 2.66
C ILE B 215 -13.61 -9.19 1.96
N LYS B 216 -13.94 -9.07 0.67
CA LYS B 216 -14.49 -10.19 -0.06
C LYS B 216 -13.54 -11.39 -0.05
N ALA B 217 -12.25 -11.14 -0.30
CA ALA B 217 -11.26 -12.22 -0.30
C ALA B 217 -11.19 -12.91 1.04
N VAL B 218 -10.97 -12.13 2.08
CA VAL B 218 -10.88 -12.68 3.42
C VAL B 218 -12.17 -13.44 3.76
N PHE B 219 -13.31 -12.88 3.39
CA PHE B 219 -14.60 -13.49 3.69
C PHE B 219 -14.76 -14.82 2.97
N THR B 220 -14.32 -14.85 1.73
CA THR B 220 -14.36 -16.06 0.93
C THR B 220 -13.54 -17.11 1.68
N GLY B 221 -12.31 -16.78 2.02
CA GLY B 221 -11.49 -17.73 2.74
C GLY B 221 -12.11 -18.18 4.06
N VAL B 222 -12.58 -17.23 4.85
CA VAL B 222 -13.16 -17.57 6.13
C VAL B 222 -14.37 -18.48 5.97
N ILE B 223 -15.25 -18.20 5.02
CA ILE B 223 -16.41 -19.05 4.90
C ILE B 223 -16.04 -20.45 4.43
N MET B 224 -14.93 -20.62 3.74
CA MET B 224 -14.58 -21.98 3.33
C MET B 224 -14.18 -22.77 4.56
N SER B 225 -13.41 -22.16 5.44
CA SER B 225 -12.99 -22.88 6.64
C SER B 225 -14.20 -23.18 7.51
N SER B 226 -15.17 -22.28 7.50
CA SER B 226 -16.36 -22.46 8.30
C SER B 226 -17.12 -23.68 7.80
N ILE B 227 -17.13 -23.89 6.50
CA ILE B 227 -17.81 -25.05 5.95
C ILE B 227 -17.09 -26.34 6.29
N VAL B 228 -15.78 -26.41 6.10
CA VAL B 228 -15.07 -27.65 6.42
C VAL B 228 -15.28 -27.99 7.89
N PHE B 229 -15.38 -26.97 8.72
CA PHE B 229 -15.59 -27.20 10.13
C PHE B 229 -16.88 -28.00 10.30
N ARG B 230 -17.97 -27.52 9.70
CA ARG B 230 -19.28 -28.19 9.80
C ARG B 230 -19.21 -29.58 9.24
N ILE B 231 -18.47 -29.76 8.15
CA ILE B 231 -18.33 -31.07 7.57
C ILE B 231 -17.74 -32.05 8.57
N PHE B 232 -16.70 -31.63 9.30
CA PHE B 232 -16.07 -32.51 10.27
C PHE B 232 -16.58 -32.44 11.69
N ASN B 233 -17.42 -31.45 12.01
CA ASN B 233 -17.88 -31.31 13.39
C ASN B 233 -19.36 -31.15 13.64
N GLY B 234 -20.14 -31.00 12.58
CA GLY B 234 -21.58 -30.85 12.76
C GLY B 234 -22.04 -29.55 13.38
N GLU B 235 -23.35 -29.49 13.66
CA GLU B 235 -23.99 -28.32 14.25
C GLU B 235 -23.61 -28.06 15.71
N ALA B 236 -23.28 -29.11 16.44
CA ALA B 236 -22.91 -28.99 17.85
C ALA B 236 -21.90 -27.86 18.08
N PRO B 237 -22.31 -26.83 18.86
CA PRO B 237 -21.51 -25.65 19.22
C PRO B 237 -20.36 -25.95 20.20
N ILE B 238 -19.27 -25.19 20.08
CA ILE B 238 -18.11 -25.39 20.96
C ILE B 238 -18.56 -25.44 22.42
N ILE B 239 -19.30 -24.43 22.86
CA ILE B 239 -19.80 -24.42 24.23
C ILE B 239 -21.28 -24.01 24.24
N GLU B 240 -22.05 -24.66 25.10
CA GLU B 240 -23.46 -24.38 25.20
C GLU B 240 -23.83 -23.74 26.52
N VAL B 241 -24.26 -22.48 26.47
CA VAL B 241 -24.70 -21.76 27.65
C VAL B 241 -26.21 -21.93 27.48
N GLY B 242 -27.02 -21.38 28.37
CA GLY B 242 -28.45 -21.55 28.15
C GLY B 242 -29.01 -20.28 27.52
N LYS B 243 -30.31 -20.06 27.70
CA LYS B 243 -30.95 -18.84 27.20
C LYS B 243 -30.83 -18.04 28.48
N LEU B 244 -29.88 -17.13 28.57
CA LEU B 244 -29.77 -16.36 29.79
C LEU B 244 -30.90 -15.35 29.83
N SER B 245 -31.13 -14.76 30.99
CA SER B 245 -32.21 -13.79 31.11
C SER B 245 -31.94 -12.51 30.33
N ASP B 246 -32.90 -11.60 30.36
CA ASP B 246 -32.79 -10.31 29.70
C ASP B 246 -31.94 -9.36 30.54
N ALA B 247 -31.73 -8.15 30.00
CA ALA B 247 -30.94 -7.15 30.71
C ALA B 247 -31.63 -5.81 30.62
N PRO B 248 -32.62 -5.57 31.48
CA PRO B 248 -33.37 -4.32 31.52
C PRO B 248 -32.49 -3.09 31.57
N VAL B 249 -33.01 -2.01 31.00
CA VAL B 249 -32.31 -0.72 30.91
C VAL B 249 -31.70 -0.26 32.21
N ASN B 250 -32.42 -0.48 33.31
CA ASN B 250 -31.98 -0.07 34.64
C ASN B 250 -30.80 -0.90 35.17
N THR B 251 -30.36 -1.88 34.38
CA THR B 251 -29.25 -2.75 34.75
C THR B 251 -27.92 -2.28 34.17
N LEU B 252 -27.97 -1.82 32.92
CA LEU B 252 -26.78 -1.36 32.21
C LEU B 252 -25.67 -0.62 32.97
N TRP B 253 -25.99 0.41 33.75
CA TRP B 253 -24.92 1.14 34.46
C TRP B 253 -23.94 0.17 35.16
N LEU B 254 -24.44 -0.98 35.61
CA LEU B 254 -23.59 -1.96 36.26
C LEU B 254 -22.47 -2.40 35.32
N TYR B 255 -22.84 -2.82 34.11
CA TYR B 255 -21.90 -3.28 33.08
C TYR B 255 -20.82 -2.24 32.78
N LEU B 256 -21.18 -0.96 32.90
CA LEU B 256 -20.21 0.09 32.67
C LEU B 256 -19.15 0.02 33.77
N ILE B 257 -19.56 -0.36 34.98
CA ILE B 257 -18.65 -0.49 36.11
C ILE B 257 -17.77 -1.72 35.87
N LEU B 258 -18.41 -2.86 35.62
CA LEU B 258 -17.71 -4.10 35.31
C LEU B 258 -16.72 -3.80 34.18
N GLY B 259 -17.16 -2.98 33.24
CA GLY B 259 -16.28 -2.60 32.15
C GLY B 259 -15.09 -1.86 32.69
N ILE B 260 -15.31 -1.04 33.72
CA ILE B 260 -14.24 -0.26 34.35
C ILE B 260 -13.22 -1.16 35.05
N ILE B 261 -13.68 -2.23 35.69
CA ILE B 261 -12.77 -3.14 36.34
C ILE B 261 -11.80 -3.73 35.31
N PHE B 262 -12.35 -4.17 34.17
CA PHE B 262 -11.53 -4.74 33.11
C PHE B 262 -10.55 -3.73 32.52
N GLY B 263 -11.04 -2.52 32.27
CA GLY B 263 -10.15 -1.51 31.73
C GLY B 263 -8.90 -1.37 32.59
N VAL B 264 -8.99 -1.77 33.84
CA VAL B 264 -7.84 -1.67 34.73
C VAL B 264 -7.06 -2.97 34.73
N VAL B 265 -7.78 -4.08 34.86
CA VAL B 265 -7.15 -5.39 34.87
C VAL B 265 -6.41 -5.61 33.56
N GLY B 266 -7.03 -5.17 32.46
CA GLY B 266 -6.46 -5.31 31.13
C GLY B 266 -4.98 -4.98 31.05
N PRO B 267 -4.64 -3.70 31.14
CA PRO B 267 -3.25 -3.25 31.09
C PRO B 267 -2.34 -3.91 32.13
N VAL B 268 -2.89 -4.22 33.30
CA VAL B 268 -2.12 -4.87 34.36
C VAL B 268 -1.71 -6.27 33.93
N PHE B 269 -2.69 -7.00 33.43
CA PHE B 269 -2.45 -8.35 32.96
C PHE B 269 -1.37 -8.32 31.88
N ASN B 270 -1.49 -7.40 30.91
CA ASN B 270 -0.49 -7.31 29.83
C ASN B 270 0.92 -7.17 30.36
N SER B 271 1.11 -6.29 31.35
CA SER B 271 2.44 -6.11 31.92
C SER B 271 2.87 -7.42 32.57
N LEU B 272 2.00 -8.02 33.37
CA LEU B 272 2.37 -9.28 33.99
C LEU B 272 2.85 -10.24 32.91
N VAL B 273 2.15 -10.26 31.78
CA VAL B 273 2.54 -11.15 30.70
C VAL B 273 3.99 -10.87 30.31
N LEU B 274 4.31 -9.61 30.07
CA LEU B 274 5.66 -9.22 29.68
C LEU B 274 6.70 -9.52 30.76
N ARG B 275 6.46 -9.01 31.97
CA ARG B 275 7.39 -9.22 33.08
C ARG B 275 7.68 -10.69 33.36
N THR B 276 6.65 -11.52 33.41
CA THR B 276 6.84 -12.94 33.65
C THR B 276 7.65 -13.53 32.49
N GLN B 277 7.46 -12.93 31.32
CA GLN B 277 8.15 -13.37 30.12
C GLN B 277 9.64 -13.08 30.30
N ASP B 278 9.93 -12.05 31.09
CA ASP B 278 11.31 -11.65 31.40
C ASP B 278 11.93 -12.55 32.46
N MET B 279 11.20 -12.77 33.55
CA MET B 279 11.70 -13.65 34.61
C MET B 279 12.19 -14.91 33.91
N PHE B 280 11.30 -15.58 33.22
CA PHE B 280 11.69 -16.78 32.52
C PHE B 280 12.96 -16.60 31.71
N GLN B 281 13.15 -15.40 31.18
CA GLN B 281 14.33 -15.11 30.34
C GLN B 281 15.62 -15.16 31.15
N ARG B 282 15.64 -14.42 32.26
CA ARG B 282 16.82 -14.37 33.13
C ARG B 282 17.18 -15.81 33.54
N PHE B 283 16.15 -16.60 33.81
CA PHE B 283 16.32 -17.98 34.25
C PHE B 283 17.13 -18.87 33.32
N HIS B 284 16.59 -19.17 32.15
CA HIS B 284 17.27 -20.03 31.19
C HIS B 284 18.25 -19.27 30.29
N GLY B 285 18.26 -17.95 30.40
CA GLY B 285 19.15 -17.14 29.60
C GLY B 285 18.92 -17.25 28.12
N GLY B 286 18.38 -18.38 27.68
CA GLY B 286 18.13 -18.61 26.27
C GLY B 286 18.63 -19.97 25.85
N GLU B 287 19.39 -20.62 26.72
CA GLU B 287 19.93 -21.94 26.43
C GLU B 287 18.84 -22.97 26.21
N ILE B 288 18.99 -23.74 25.14
CA ILE B 288 18.03 -24.76 24.75
C ILE B 288 17.68 -25.74 25.86
N LYS B 289 18.65 -26.23 26.62
CA LYS B 289 18.32 -27.20 27.66
C LYS B 289 17.70 -26.64 28.92
N LYS B 290 18.02 -25.41 29.29
CA LYS B 290 17.41 -24.83 30.48
C LYS B 290 15.93 -24.59 30.16
N TRP B 291 15.69 -24.02 28.98
CA TRP B 291 14.37 -23.71 28.49
C TRP B 291 13.52 -24.97 28.40
N VAL B 292 14.06 -25.99 27.76
CA VAL B 292 13.34 -27.24 27.57
C VAL B 292 13.05 -27.99 28.87
N LEU B 293 13.72 -27.61 29.95
CA LEU B 293 13.47 -28.29 31.20
C LEU B 293 12.46 -27.51 32.00
N MET B 294 12.64 -26.19 32.07
CA MET B 294 11.68 -25.36 32.82
C MET B 294 10.34 -25.41 32.10
N GLY B 295 10.35 -25.92 30.88
CA GLY B 295 9.13 -26.04 30.11
C GLY B 295 8.45 -27.33 30.52
N GLY B 296 9.26 -28.35 30.77
CA GLY B 296 8.71 -29.64 31.18
C GLY B 296 8.19 -29.60 32.60
N ALA B 297 8.74 -28.69 33.40
CA ALA B 297 8.33 -28.53 34.78
C ALA B 297 6.96 -27.88 34.78
N ILE B 298 6.90 -26.74 34.09
CA ILE B 298 5.69 -25.96 33.98
C ILE B 298 4.63 -26.85 33.33
N GLY B 299 5.06 -27.68 32.38
CA GLY B 299 4.14 -28.59 31.69
C GLY B 299 3.67 -29.73 32.58
N GLY B 300 4.59 -30.29 33.36
CA GLY B 300 4.25 -31.39 34.25
C GLY B 300 3.38 -30.84 35.36
N LEU B 301 3.65 -29.58 35.73
CA LEU B 301 2.93 -28.88 36.78
C LEU B 301 1.44 -28.90 36.44
N CYS B 302 1.13 -28.75 35.16
CA CYS B 302 -0.25 -28.78 34.67
C CYS B 302 -0.82 -30.18 34.71
N GLY B 303 0.06 -31.17 34.61
CA GLY B 303 -0.37 -32.56 34.66
C GLY B 303 -0.96 -32.85 36.04
N ILE B 304 -0.32 -32.30 37.07
CA ILE B 304 -0.79 -32.45 38.43
C ILE B 304 -2.10 -31.70 38.63
N LEU B 305 -2.11 -30.39 38.39
CA LEU B 305 -3.34 -29.64 38.54
C LEU B 305 -4.44 -30.33 37.77
N GLY B 306 -4.06 -30.91 36.64
CA GLY B 306 -5.03 -31.60 35.80
C GLY B 306 -6.01 -32.51 36.52
N LEU B 307 -5.50 -33.29 37.46
CA LEU B 307 -6.35 -34.18 38.21
C LEU B 307 -6.71 -33.61 39.59
N ILE B 308 -5.86 -32.71 40.09
CA ILE B 308 -6.09 -32.06 41.36
C ILE B 308 -6.21 -30.56 41.04
N GLU B 309 -7.42 -30.01 41.14
CA GLU B 309 -7.67 -28.57 40.85
C GLU B 309 -7.74 -28.35 39.33
N PRO B 310 -8.62 -29.09 38.65
CA PRO B 310 -8.82 -29.03 37.20
C PRO B 310 -9.18 -27.66 36.64
N ALA B 311 -9.87 -26.85 37.42
CA ALA B 311 -10.26 -25.53 36.95
C ALA B 311 -9.06 -24.63 36.73
N ALA B 312 -7.96 -24.94 37.40
CA ALA B 312 -6.76 -24.12 37.25
C ALA B 312 -5.97 -24.41 35.98
N ALA B 313 -6.31 -25.50 35.32
CA ALA B 313 -5.62 -25.87 34.09
C ALA B 313 -6.59 -25.96 32.92
N GLY B 314 -6.12 -26.55 31.82
CA GLY B 314 -6.94 -26.69 30.64
C GLY B 314 -6.98 -25.41 29.80
N GLY B 315 -7.32 -25.58 28.53
CA GLY B 315 -7.39 -24.45 27.63
C GLY B 315 -8.19 -23.29 28.18
N GLY B 316 -9.26 -23.58 28.92
CA GLY B 316 -10.05 -22.51 29.49
C GLY B 316 -11.54 -22.71 29.38
N PHE B 317 -12.08 -22.52 28.19
CA PHE B 317 -13.51 -22.70 28.06
C PHE B 317 -13.82 -24.16 28.02
N ASN B 318 -12.77 -24.95 27.79
CA ASN B 318 -12.86 -26.42 27.70
C ASN B 318 -13.85 -27.00 28.71
N LEU B 319 -14.16 -26.22 29.72
CA LEU B 319 -15.07 -26.69 30.73
C LEU B 319 -15.63 -25.50 31.52
N ILE B 320 -14.97 -24.36 31.47
CA ILE B 320 -15.41 -23.26 32.30
C ILE B 320 -16.51 -22.21 31.98
N PRO B 321 -16.38 -21.34 30.94
CA PRO B 321 -17.49 -20.40 30.78
C PRO B 321 -18.87 -21.02 30.70
N ILE B 322 -18.97 -22.31 30.92
CA ILE B 322 -20.25 -22.96 30.86
C ILE B 322 -20.73 -23.33 32.26
N ALA B 323 -19.79 -23.71 33.13
CA ALA B 323 -20.09 -24.05 34.51
C ALA B 323 -20.23 -22.72 35.26
N ALA B 324 -19.44 -21.73 34.84
CA ALA B 324 -19.47 -20.41 35.46
C ALA B 324 -20.74 -19.62 35.15
N ALA B 325 -21.52 -20.06 34.16
CA ALA B 325 -22.77 -19.39 33.81
C ALA B 325 -23.96 -20.18 34.38
N GLY B 326 -23.68 -20.92 35.46
CA GLY B 326 -24.68 -21.71 36.17
C GLY B 326 -24.63 -21.34 37.65
N ASN B 327 -23.59 -21.77 38.37
CA ASN B 327 -23.47 -21.46 39.81
C ASN B 327 -22.15 -21.85 40.53
N PHE B 328 -21.64 -20.92 41.34
CA PHE B 328 -20.41 -21.05 42.14
C PHE B 328 -20.49 -19.87 43.12
N SER B 329 -19.60 -19.83 44.11
CA SER B 329 -19.61 -18.74 45.10
C SER B 329 -18.56 -17.67 44.82
N VAL B 330 -18.85 -16.44 45.21
CA VAL B 330 -17.94 -15.32 44.97
C VAL B 330 -16.48 -15.60 45.32
N GLY B 331 -16.28 -16.24 46.47
CA GLY B 331 -14.94 -16.55 46.91
C GLY B 331 -14.28 -17.61 46.06
N LEU B 332 -15.05 -18.60 45.63
CA LEU B 332 -14.48 -19.68 44.80
C LEU B 332 -14.09 -19.09 43.45
N LEU B 333 -14.92 -18.22 42.91
CA LEU B 333 -14.61 -17.62 41.63
C LEU B 333 -13.30 -16.87 41.74
N LEU B 334 -13.24 -15.88 42.63
CA LEU B 334 -12.00 -15.13 42.77
C LEU B 334 -10.82 -16.05 43.01
N PHE B 335 -11.04 -17.20 43.65
CA PHE B 335 -9.94 -18.11 43.89
C PHE B 335 -9.51 -18.79 42.59
N ILE B 336 -10.48 -19.19 41.77
CA ILE B 336 -10.11 -19.83 40.52
C ILE B 336 -9.56 -18.75 39.57
N PHE B 337 -10.02 -17.52 39.77
CA PHE B 337 -9.55 -16.43 38.92
C PHE B 337 -8.05 -16.26 39.06
N ILE B 338 -7.61 -15.88 40.25
CA ILE B 338 -6.19 -15.65 40.47
C ILE B 338 -5.35 -16.89 40.24
N THR B 339 -5.92 -18.06 40.50
CA THR B 339 -5.15 -19.28 40.25
C THR B 339 -4.85 -19.31 38.76
N ARG B 340 -5.90 -19.17 37.93
CA ARG B 340 -5.71 -19.20 36.48
C ARG B 340 -4.94 -18.01 35.93
N VAL B 341 -4.92 -16.90 36.66
CA VAL B 341 -4.16 -15.75 36.19
C VAL B 341 -2.70 -16.13 36.30
N VAL B 342 -2.32 -16.80 37.39
CA VAL B 342 -0.93 -17.19 37.51
C VAL B 342 -0.64 -18.38 36.62
N THR B 343 -1.62 -19.26 36.44
CA THR B 343 -1.40 -20.42 35.62
C THR B 343 -1.27 -20.10 34.14
N THR B 344 -2.06 -19.14 33.65
CA THR B 344 -1.95 -18.78 32.23
C THR B 344 -0.61 -18.10 31.99
N LEU B 345 -0.22 -17.22 32.90
CA LEU B 345 1.05 -16.53 32.77
C LEU B 345 2.17 -17.54 32.57
N LEU B 346 2.37 -18.43 33.53
CA LEU B 346 3.41 -19.46 33.42
C LEU B 346 3.40 -20.16 32.09
N CYS B 347 2.26 -20.73 31.72
CA CYS B 347 2.15 -21.44 30.45
C CYS B 347 2.43 -20.59 29.22
N PHE B 348 2.00 -19.33 29.22
CA PHE B 348 2.21 -18.50 28.06
C PHE B 348 3.58 -17.86 28.01
N SER B 349 3.92 -17.10 29.04
CA SER B 349 5.21 -16.42 29.08
C SER B 349 6.39 -17.38 28.98
N SER B 350 6.20 -18.63 29.35
CA SER B 350 7.29 -19.60 29.27
C SER B 350 7.83 -19.61 27.85
N GLY B 351 6.91 -19.65 26.88
CA GLY B 351 7.29 -19.64 25.48
C GLY B 351 6.62 -20.75 24.68
N ALA B 352 5.92 -21.64 25.38
CA ALA B 352 5.25 -22.76 24.74
C ALA B 352 4.41 -22.33 23.55
N PRO B 353 4.22 -23.22 22.57
CA PRO B 353 3.40 -22.90 21.40
C PRO B 353 1.97 -22.93 21.93
N GLY B 354 1.29 -21.80 21.93
CA GLY B 354 -0.06 -21.80 22.45
C GLY B 354 -0.67 -20.41 22.49
N GLY B 355 -1.99 -20.36 22.52
CA GLY B 355 -2.65 -19.07 22.54
C GLY B 355 -2.95 -18.49 23.91
N ILE B 356 -3.07 -17.17 23.96
CA ILE B 356 -3.38 -16.48 25.21
C ILE B 356 -4.79 -15.88 25.08
N PHE B 357 -5.35 -16.02 23.88
CA PHE B 357 -6.68 -15.53 23.51
C PHE B 357 -7.79 -16.26 24.28
N ALA B 358 -7.99 -17.53 23.96
CA ALA B 358 -9.01 -18.32 24.64
C ALA B 358 -8.83 -18.27 26.17
N PRO B 359 -7.59 -18.40 26.66
CA PRO B 359 -7.34 -18.35 28.10
C PRO B 359 -7.82 -17.03 28.71
N MET B 360 -7.77 -15.96 27.93
CA MET B 360 -8.25 -14.69 28.42
C MET B 360 -9.77 -14.76 28.50
N LEU B 361 -10.39 -15.36 27.48
CA LEU B 361 -11.84 -15.47 27.49
C LEU B 361 -12.33 -16.08 28.80
N ALA B 362 -11.52 -16.97 29.38
CA ALA B 362 -11.90 -17.61 30.64
C ALA B 362 -11.65 -16.69 31.83
N LEU B 363 -10.49 -16.03 31.86
CA LEU B 363 -10.23 -15.12 32.96
C LEU B 363 -11.35 -14.09 32.97
N GLY B 364 -11.68 -13.60 31.79
CA GLY B 364 -12.73 -12.61 31.68
C GLY B 364 -14.09 -13.13 32.08
N THR B 365 -14.37 -14.39 31.77
CA THR B 365 -15.65 -14.94 32.10
C THR B 365 -15.77 -15.12 33.61
N LEU B 366 -14.71 -15.66 34.23
CA LEU B 366 -14.68 -15.89 35.67
C LEU B 366 -14.86 -14.60 36.44
N LEU B 367 -14.05 -13.62 36.10
CA LEU B 367 -14.08 -12.32 36.75
C LEU B 367 -15.45 -11.71 36.60
N GLY B 368 -16.08 -11.92 35.45
CA GLY B 368 -17.40 -11.37 35.22
C GLY B 368 -18.49 -12.07 36.03
N THR B 369 -18.30 -13.35 36.28
CA THR B 369 -19.27 -14.10 37.05
C THR B 369 -19.20 -13.59 38.48
N ALA B 370 -17.98 -13.38 38.98
CA ALA B 370 -17.76 -12.90 40.34
C ALA B 370 -18.45 -11.57 40.53
N PHE B 371 -18.15 -10.62 39.68
CA PHE B 371 -18.79 -9.31 39.77
C PHE B 371 -20.31 -9.53 39.82
N GLY B 372 -20.80 -10.38 38.93
CA GLY B 372 -22.23 -10.65 38.90
C GLY B 372 -22.72 -10.98 40.29
N MET B 373 -22.26 -12.10 40.83
CA MET B 373 -22.61 -12.56 42.17
C MET B 373 -22.66 -11.40 43.16
N ALA B 374 -21.57 -10.65 43.24
CA ALA B 374 -21.50 -9.52 44.15
C ALA B 374 -22.66 -8.55 43.84
N ALA B 375 -22.77 -8.16 42.58
CA ALA B 375 -23.82 -7.23 42.15
C ALA B 375 -25.21 -7.79 42.46
N ALA B 376 -25.45 -9.05 42.11
CA ALA B 376 -26.75 -9.67 42.32
C ALA B 376 -27.20 -9.60 43.79
N VAL B 377 -26.24 -9.60 44.69
CA VAL B 377 -26.55 -9.52 46.11
C VAL B 377 -26.78 -8.08 46.52
N LEU B 378 -25.78 -7.23 46.28
CA LEU B 378 -25.86 -5.83 46.62
C LEU B 378 -27.12 -5.13 46.11
N PHE B 379 -27.71 -5.64 45.03
CA PHE B 379 -28.92 -5.05 44.46
C PHE B 379 -29.92 -6.15 44.12
N PRO B 380 -30.52 -6.75 45.16
CA PRO B 380 -31.50 -7.83 44.97
C PRO B 380 -32.73 -7.36 44.22
N GLN B 381 -32.89 -6.04 44.17
CA GLN B 381 -34.02 -5.42 43.49
C GLN B 381 -34.06 -5.70 41.99
N TYR B 382 -32.86 -5.91 41.41
CA TYR B 382 -32.70 -6.17 39.98
C TYR B 382 -32.96 -7.60 39.54
N HIS B 383 -32.88 -8.54 40.48
CA HIS B 383 -33.09 -9.95 40.17
C HIS B 383 -32.05 -10.38 39.15
N LEU B 384 -30.79 -10.06 39.46
CA LEU B 384 -29.67 -10.34 38.58
C LEU B 384 -29.17 -11.78 38.59
N GLU B 385 -28.88 -12.32 37.41
CA GLU B 385 -28.30 -13.65 37.32
C GLU B 385 -26.84 -13.40 36.95
N ALA B 386 -25.94 -13.97 37.73
CA ALA B 386 -24.52 -13.76 37.48
C ALA B 386 -24.22 -14.10 36.02
N GLY B 387 -24.88 -15.15 35.51
CA GLY B 387 -24.65 -15.57 34.15
C GLY B 387 -24.52 -14.42 33.16
N THR B 388 -25.48 -13.50 33.15
CA THR B 388 -25.42 -12.40 32.21
C THR B 388 -24.11 -11.61 32.29
N PHE B 389 -23.52 -11.53 33.47
CA PHE B 389 -22.26 -10.80 33.58
C PHE B 389 -21.12 -11.69 33.13
N ALA B 390 -21.30 -13.00 33.24
CA ALA B 390 -20.27 -13.91 32.79
C ALA B 390 -20.10 -13.59 31.32
N ILE B 391 -21.21 -13.68 30.60
CA ILE B 391 -21.23 -13.39 29.18
C ILE B 391 -20.69 -12.01 28.83
N ALA B 392 -21.14 -10.99 29.54
CA ALA B 392 -20.70 -9.62 29.28
C ALA B 392 -19.20 -9.50 29.38
N GLY B 393 -18.63 -10.19 30.36
CA GLY B 393 -17.20 -10.11 30.53
C GLY B 393 -16.42 -11.16 29.79
N MET B 394 -17.07 -12.15 29.18
CA MET B 394 -16.30 -13.19 28.50
C MET B 394 -15.30 -12.62 27.52
N GLY B 395 -15.64 -11.50 26.88
CA GLY B 395 -14.72 -10.92 25.92
C GLY B 395 -14.07 -9.61 26.27
N ALA B 396 -14.39 -9.07 27.45
CA ALA B 396 -13.84 -7.76 27.84
C ALA B 396 -12.36 -7.75 28.20
N LEU B 397 -11.86 -8.81 28.81
CA LEU B 397 -10.45 -8.78 29.17
C LEU B 397 -9.60 -8.77 27.90
N MET B 398 -9.93 -9.67 26.96
CA MET B 398 -9.17 -9.74 25.72
C MET B 398 -9.36 -8.44 24.96
N ALA B 399 -10.55 -7.85 25.07
CA ALA B 399 -10.82 -6.59 24.38
C ALA B 399 -9.94 -5.45 24.90
N ALA B 400 -9.61 -5.48 26.18
CA ALA B 400 -8.78 -4.45 26.76
C ALA B 400 -7.28 -4.76 26.64
N SER B 401 -6.94 -6.04 26.52
CA SER B 401 -5.54 -6.40 26.35
C SER B 401 -5.16 -6.19 24.90
N VAL B 402 -5.78 -6.99 24.05
CA VAL B 402 -5.52 -6.94 22.62
C VAL B 402 -6.03 -5.67 21.97
N ARG B 403 -7.12 -5.13 22.51
CA ARG B 403 -7.74 -3.91 21.99
C ARG B 403 -8.47 -4.24 20.69
N ALA B 404 -9.40 -5.16 20.76
CA ALA B 404 -10.19 -5.57 19.61
C ALA B 404 -11.56 -5.80 20.21
N PRO B 405 -12.21 -4.72 20.65
CA PRO B 405 -13.54 -4.71 21.28
C PRO B 405 -14.63 -5.25 20.40
N LEU B 406 -14.55 -4.90 19.12
CA LEU B 406 -15.55 -5.33 18.18
C LEU B 406 -15.46 -6.84 17.96
N THR B 407 -14.24 -7.37 17.97
CA THR B 407 -14.02 -8.81 17.81
C THR B 407 -14.51 -9.54 19.05
N GLY B 408 -14.18 -8.99 20.22
CA GLY B 408 -14.61 -9.59 21.47
C GLY B 408 -16.12 -9.77 21.48
N ILE B 409 -16.81 -8.68 21.19
CA ILE B 409 -18.26 -8.70 21.16
C ILE B 409 -18.81 -9.75 20.20
N VAL B 410 -18.51 -9.63 18.91
CA VAL B 410 -19.01 -10.60 17.96
C VAL B 410 -18.56 -12.03 18.26
N LEU B 411 -17.34 -12.20 18.78
CA LEU B 411 -16.85 -13.56 19.09
C LEU B 411 -17.79 -14.18 20.12
N VAL B 412 -18.12 -13.42 21.16
CA VAL B 412 -18.99 -13.94 22.20
C VAL B 412 -20.37 -14.25 21.66
N LEU B 413 -20.93 -13.27 20.97
CA LEU B 413 -22.26 -13.40 20.39
C LEU B 413 -22.29 -14.71 19.63
N GLU B 414 -21.21 -15.02 18.93
CA GLU B 414 -21.13 -16.24 18.14
C GLU B 414 -21.03 -17.55 18.93
N MET B 415 -20.32 -17.54 20.05
CA MET B 415 -20.20 -18.76 20.84
C MET B 415 -21.33 -18.93 21.85
N THR B 416 -21.75 -17.80 22.41
CA THR B 416 -22.81 -17.70 23.42
C THR B 416 -24.26 -17.69 22.85
N ASP B 417 -24.48 -16.84 21.87
CA ASP B 417 -25.78 -16.69 21.23
C ASP B 417 -26.94 -16.25 22.13
N ASN B 418 -26.72 -15.12 22.79
CA ASN B 418 -27.72 -14.49 23.65
C ASN B 418 -27.83 -13.05 23.18
N TYR B 419 -28.24 -12.85 21.93
CA TYR B 419 -28.33 -11.51 21.36
C TYR B 419 -29.08 -10.50 22.25
N GLN B 420 -29.94 -11.00 23.14
CA GLN B 420 -30.68 -10.10 24.01
C GLN B 420 -29.72 -9.44 25.00
N LEU B 421 -28.47 -9.88 24.99
CA LEU B 421 -27.44 -9.34 25.85
C LEU B 421 -26.42 -8.50 25.09
N ILE B 422 -26.74 -8.08 23.87
CA ILE B 422 -25.75 -7.32 23.13
C ILE B 422 -25.39 -5.97 23.76
N LEU B 423 -26.35 -5.27 24.34
CA LEU B 423 -26.00 -4.01 25.01
C LEU B 423 -25.01 -4.24 26.16
N PRO B 424 -25.34 -5.11 27.13
CA PRO B 424 -24.38 -5.32 28.21
C PRO B 424 -23.01 -5.67 27.64
N MET B 425 -22.98 -6.58 26.68
CA MET B 425 -21.74 -6.98 26.04
C MET B 425 -20.97 -5.79 25.49
N ILE B 426 -21.59 -4.99 24.62
CA ILE B 426 -20.91 -3.82 24.05
C ILE B 426 -20.37 -2.87 25.12
N ILE B 427 -21.20 -2.58 26.11
CA ILE B 427 -20.81 -1.68 27.20
C ILE B 427 -19.55 -2.20 27.91
N THR B 428 -19.64 -3.38 28.52
CA THR B 428 -18.49 -3.91 29.22
C THR B 428 -17.25 -4.00 28.32
N CYS B 429 -17.41 -4.45 27.08
CA CYS B 429 -16.27 -4.55 26.17
C CYS B 429 -15.69 -3.25 25.66
N LEU B 430 -16.55 -2.35 25.19
CA LEU B 430 -16.06 -1.07 24.70
C LEU B 430 -15.55 -0.26 25.88
N GLY B 431 -16.28 -0.32 26.99
CA GLY B 431 -15.88 0.41 28.19
C GLY B 431 -14.46 0.05 28.62
N ALA B 432 -14.22 -1.25 28.80
CA ALA B 432 -12.90 -1.73 29.19
C ALA B 432 -11.85 -1.24 28.22
N THR B 433 -12.14 -1.34 26.93
CA THR B 433 -11.18 -0.91 25.92
C THR B 433 -10.89 0.58 26.05
N LEU B 434 -11.92 1.42 26.00
CA LEU B 434 -11.68 2.85 26.14
C LEU B 434 -10.79 3.12 27.34
N LEU B 435 -11.27 2.71 28.52
CA LEU B 435 -10.55 2.93 29.76
C LEU B 435 -9.09 2.47 29.69
N ALA B 436 -8.87 1.19 29.42
CA ALA B 436 -7.53 0.62 29.34
C ALA B 436 -6.61 1.41 28.42
N GLN B 437 -7.16 1.91 27.32
CA GLN B 437 -6.36 2.67 26.39
C GLN B 437 -5.97 3.98 27.07
N PHE B 438 -6.98 4.70 27.55
CA PHE B 438 -6.77 5.96 28.24
C PHE B 438 -5.77 5.82 29.38
N LEU B 439 -5.91 4.74 30.15
CA LEU B 439 -5.05 4.48 31.30
C LEU B 439 -3.63 4.03 30.92
N GLY B 440 -3.23 4.29 29.69
CA GLY B 440 -1.90 3.90 29.25
C GLY B 440 -1.73 2.42 28.92
N GLY B 441 -2.60 1.86 28.09
CA GLY B 441 -2.48 0.46 27.74
C GLY B 441 -2.05 0.27 26.29
N LYS B 442 -1.34 -0.81 26.01
CA LYS B 442 -0.87 -1.07 24.65
C LYS B 442 -1.35 -2.42 24.15
N PRO B 443 -1.64 -2.55 22.85
CA PRO B 443 -2.11 -3.82 22.27
C PRO B 443 -1.06 -4.90 22.58
N LEU B 444 -1.47 -5.95 23.28
CA LEU B 444 -0.55 -7.01 23.65
C LEU B 444 0.27 -7.54 22.49
N TYR B 445 -0.38 -7.78 21.36
CA TYR B 445 0.32 -8.30 20.20
C TYR B 445 1.29 -7.29 19.64
N SER B 446 0.86 -6.03 19.53
CA SER B 446 1.77 -5.01 19.03
C SER B 446 3.01 -4.96 19.92
N THR B 447 2.79 -4.95 21.23
CA THR B 447 3.88 -4.91 22.19
C THR B 447 4.81 -6.08 22.00
N ILE B 448 4.29 -7.29 22.08
CA ILE B 448 5.16 -8.46 21.90
C ILE B 448 5.96 -8.36 20.59
N LEU B 449 5.31 -7.91 19.52
CA LEU B 449 5.96 -7.78 18.22
C LEU B 449 7.08 -6.75 18.29
N ALA B 450 6.80 -5.64 18.97
CA ALA B 450 7.78 -4.59 19.13
C ALA B 450 8.98 -5.15 19.89
N ARG B 451 8.73 -5.89 20.96
CA ARG B 451 9.81 -6.45 21.75
C ARG B 451 10.56 -7.55 21.01
N THR B 452 9.84 -8.34 20.23
CA THR B 452 10.50 -9.40 19.48
C THR B 452 11.42 -8.80 18.41
N LEU B 453 11.15 -7.56 18.01
CA LEU B 453 11.99 -6.90 17.01
C LEU B 453 13.17 -6.23 17.69
N ALA B 454 12.97 -5.81 18.93
CA ALA B 454 14.03 -5.16 19.68
C ALA B 454 15.10 -6.20 20.01
N LYS B 455 14.69 -7.33 20.58
CA LYS B 455 15.63 -8.39 20.91
C LYS B 455 16.25 -8.97 19.65
N GLN B 456 15.60 -8.76 18.51
CA GLN B 456 16.11 -9.28 17.25
C GLN B 456 17.38 -8.52 16.89
N ASP B 457 17.32 -7.20 17.01
CA ASP B 457 18.47 -6.36 16.70
C ASP B 457 19.53 -6.44 17.78
N ALA B 458 19.09 -6.39 19.04
CA ALA B 458 20.00 -6.44 20.19
C ALA B 458 21.02 -7.58 20.08
N GLU B 459 20.88 -8.39 19.05
CA GLU B 459 21.79 -9.49 18.82
C GLU B 459 22.41 -9.37 17.43
N GLN B 460 21.57 -9.17 16.42
CA GLN B 460 22.04 -9.02 15.05
C GLN B 460 23.07 -7.90 14.90
N ALA B 461 22.88 -6.82 15.65
CA ALA B 461 23.79 -5.66 15.62
C ALA B 461 24.58 -5.56 16.92
N GLU B 462 24.86 -6.74 17.49
CA GLU B 462 25.60 -6.89 18.75
C GLU B 462 26.98 -7.53 18.51
N THR C 31 24.08 -18.32 0.21
CA THR C 31 23.13 -18.05 -0.86
C THR C 31 23.32 -16.67 -1.48
N PRO C 32 23.32 -15.59 -0.67
CA PRO C 32 23.51 -14.27 -1.27
C PRO C 32 24.80 -14.12 -2.09
N LEU C 33 25.96 -14.49 -1.51
CA LEU C 33 27.25 -14.40 -2.23
C LEU C 33 27.21 -15.18 -3.53
N ALA C 34 26.55 -16.32 -3.51
CA ALA C 34 26.41 -17.14 -4.70
C ALA C 34 25.76 -16.28 -5.77
N ILE C 35 24.55 -15.79 -5.48
CA ILE C 35 23.79 -14.92 -6.37
C ILE C 35 24.68 -13.78 -6.85
N LEU C 36 25.29 -13.09 -5.90
CA LEU C 36 26.19 -11.98 -6.19
C LEU C 36 27.23 -12.44 -7.20
N PHE C 37 27.83 -13.59 -6.93
CA PHE C 37 28.83 -14.16 -7.81
C PHE C 37 28.22 -14.47 -9.18
N MET C 38 27.15 -15.25 -9.17
CA MET C 38 26.46 -15.64 -10.41
C MET C 38 26.05 -14.41 -11.20
N ALA C 39 25.53 -13.40 -10.50
CA ALA C 39 25.10 -12.15 -11.11
C ALA C 39 26.26 -11.59 -11.92
N ALA C 40 27.43 -11.56 -11.30
CA ALA C 40 28.64 -11.07 -11.94
C ALA C 40 28.99 -11.91 -13.19
N VAL C 41 28.75 -13.22 -13.11
CA VAL C 41 29.03 -14.10 -14.25
C VAL C 41 28.12 -13.77 -15.43
N VAL C 42 26.81 -13.73 -15.16
CA VAL C 42 25.84 -13.40 -16.18
C VAL C 42 26.18 -12.04 -16.78
N GLY C 43 26.59 -11.13 -15.92
CA GLY C 43 26.95 -9.82 -16.43
C GLY C 43 28.07 -9.94 -17.45
N THR C 44 29.13 -10.68 -17.10
CA THR C 44 30.28 -10.83 -18.00
C THR C 44 29.92 -11.54 -19.30
N LEU C 45 29.23 -12.67 -19.17
CA LEU C 45 28.82 -13.42 -20.33
C LEU C 45 28.05 -12.51 -21.30
N THR C 46 27.00 -11.87 -20.77
CA THR C 46 26.16 -10.95 -21.55
C THR C 46 26.99 -9.90 -22.30
N GLY C 47 28.03 -9.40 -21.63
CA GLY C 47 28.91 -8.43 -22.25
C GLY C 47 29.62 -9.04 -23.45
N LEU C 48 30.18 -10.24 -23.26
CA LEU C 48 30.88 -10.95 -24.34
C LEU C 48 29.91 -11.20 -25.50
N VAL C 49 28.86 -11.99 -25.23
CA VAL C 49 27.87 -12.29 -26.25
C VAL C 49 27.39 -11.01 -26.92
N GLY C 50 27.14 -9.99 -26.11
CA GLY C 50 26.69 -8.71 -26.64
C GLY C 50 27.70 -8.16 -27.62
N VAL C 51 28.94 -7.97 -27.18
CA VAL C 51 29.95 -7.43 -28.07
C VAL C 51 30.03 -8.31 -29.30
N ALA C 52 29.93 -9.62 -29.07
CA ALA C 52 29.98 -10.61 -30.14
C ALA C 52 28.88 -10.31 -31.16
N PHE C 53 27.64 -10.26 -30.70
CA PHE C 53 26.54 -9.96 -31.57
C PHE C 53 26.77 -8.62 -32.30
N GLU C 54 27.24 -7.63 -31.57
CA GLU C 54 27.45 -6.30 -32.14
C GLU C 54 28.45 -6.23 -33.28
N LYS C 55 29.42 -7.13 -33.28
CA LYS C 55 30.42 -7.15 -34.34
C LYS C 55 29.95 -8.13 -35.40
N ALA C 56 29.28 -9.19 -34.95
CA ALA C 56 28.75 -10.20 -35.83
C ALA C 56 27.73 -9.57 -36.77
N VAL C 57 27.11 -8.47 -36.32
CA VAL C 57 26.13 -7.80 -37.14
C VAL C 57 26.86 -6.88 -38.09
N SER C 58 27.88 -6.21 -37.57
CA SER C 58 28.69 -5.29 -38.36
C SER C 58 29.29 -6.02 -39.57
N TRP C 59 29.88 -7.18 -39.32
CA TRP C 59 30.48 -7.98 -40.37
C TRP C 59 29.45 -8.29 -41.46
N VAL C 60 28.36 -8.99 -41.11
CA VAL C 60 27.34 -9.29 -42.12
C VAL C 60 27.00 -8.02 -42.89
N GLN C 61 27.11 -6.85 -42.26
CA GLN C 61 26.81 -5.61 -42.96
C GLN C 61 27.97 -5.29 -43.87
N ASN C 62 29.17 -5.48 -43.36
CA ASN C 62 30.38 -5.23 -44.11
C ASN C 62 30.40 -6.09 -45.36
N MET C 63 29.95 -7.34 -45.23
CA MET C 63 29.89 -8.23 -46.38
C MET C 63 28.95 -7.61 -47.41
N ARG C 64 27.68 -7.60 -47.07
CA ARG C 64 26.67 -7.03 -47.94
C ARG C 64 27.13 -5.71 -48.60
N ILE C 65 27.90 -4.91 -47.87
CA ILE C 65 28.37 -3.65 -48.44
C ILE C 65 29.62 -3.82 -49.31
N GLY C 66 30.53 -4.69 -48.88
CA GLY C 66 31.75 -4.93 -49.64
C GLY C 66 31.52 -5.73 -50.92
N ALA C 67 30.40 -6.45 -50.95
CA ALA C 67 30.03 -7.27 -52.11
C ALA C 67 29.05 -6.50 -52.99
N LEU C 68 28.55 -5.39 -52.46
CA LEU C 68 27.61 -4.57 -53.19
C LEU C 68 28.39 -3.44 -53.83
N VAL C 69 29.65 -3.31 -53.41
CA VAL C 69 30.52 -2.28 -53.95
C VAL C 69 31.20 -2.90 -55.17
N GLN C 70 31.28 -4.22 -55.18
CA GLN C 70 31.89 -4.94 -56.30
C GLN C 70 31.06 -4.67 -57.56
N VAL C 71 29.83 -5.17 -57.58
CA VAL C 71 28.95 -4.99 -58.73
C VAL C 71 28.48 -3.54 -58.85
N ALA C 72 29.15 -2.64 -58.14
CA ALA C 72 28.78 -1.22 -58.16
C ALA C 72 29.01 -0.53 -59.50
N ASP C 73 29.75 -1.20 -60.39
CA ASP C 73 30.06 -0.67 -61.72
C ASP C 73 28.83 -0.22 -62.48
N HIS C 74 27.92 -1.15 -62.72
CA HIS C 74 26.68 -0.87 -63.45
C HIS C 74 25.44 -1.15 -62.62
N ALA C 75 24.36 -0.44 -62.90
CA ALA C 75 23.11 -0.61 -62.18
C ALA C 75 22.38 -1.92 -62.50
N PHE C 76 22.74 -2.56 -63.60
CA PHE C 76 22.11 -3.82 -63.99
C PHE C 76 22.16 -4.86 -62.88
N LEU C 77 23.26 -4.86 -62.12
CA LEU C 77 23.41 -5.80 -61.01
C LEU C 77 23.54 -5.17 -59.63
N LEU C 78 23.45 -3.84 -59.57
CA LEU C 78 23.54 -3.14 -58.29
C LEU C 78 22.16 -3.20 -57.61
N TRP C 79 21.13 -2.73 -58.31
CA TRP C 79 19.79 -2.76 -57.75
C TRP C 79 19.38 -4.17 -57.30
N PRO C 80 19.56 -5.17 -58.17
CA PRO C 80 19.21 -6.55 -57.83
C PRO C 80 19.87 -7.05 -56.56
N LEU C 81 21.20 -7.11 -56.53
CA LEU C 81 21.91 -7.58 -55.34
C LEU C 81 21.40 -6.85 -54.11
N ALA C 82 21.45 -5.52 -54.16
CA ALA C 82 20.98 -4.69 -53.06
C ALA C 82 19.72 -5.31 -52.47
N PHE C 83 18.68 -5.40 -53.29
CA PHE C 83 17.41 -5.97 -52.87
C PHE C 83 17.53 -7.43 -52.43
N ILE C 84 18.16 -8.26 -53.25
CA ILE C 84 18.30 -9.69 -52.96
C ILE C 84 19.02 -10.03 -51.64
N LEU C 85 20.21 -9.47 -51.44
CA LEU C 85 20.98 -9.72 -50.22
C LEU C 85 20.14 -9.50 -48.96
N SER C 86 19.82 -8.25 -48.67
CA SER C 86 19.03 -7.91 -47.51
C SER C 86 17.71 -8.67 -47.46
N ALA C 87 17.02 -8.76 -48.59
CA ALA C 87 15.74 -9.47 -48.66
C ALA C 87 15.93 -10.91 -48.22
N LEU C 88 17.07 -11.50 -48.58
CA LEU C 88 17.37 -12.88 -48.21
C LEU C 88 17.76 -12.94 -46.73
N LEU C 89 18.67 -12.06 -46.32
CA LEU C 89 19.14 -11.98 -44.94
C LEU C 89 17.94 -11.79 -43.99
N ALA C 90 16.96 -11.01 -44.44
CA ALA C 90 15.76 -10.77 -43.66
C ALA C 90 14.96 -12.07 -43.52
N MET C 91 14.72 -12.75 -44.64
CA MET C 91 13.98 -14.00 -44.61
C MET C 91 14.60 -15.01 -43.66
N VAL C 92 15.93 -15.05 -43.64
CA VAL C 92 16.65 -15.93 -42.74
C VAL C 92 16.08 -15.65 -41.34
N GLY C 93 16.13 -14.38 -40.94
CA GLY C 93 15.64 -13.96 -39.64
C GLY C 93 14.20 -14.38 -39.39
N TYR C 94 13.28 -13.88 -40.22
CA TYR C 94 11.87 -14.22 -40.06
C TYR C 94 11.67 -15.73 -40.00
N PHE C 95 12.46 -16.45 -40.79
CA PHE C 95 12.34 -17.90 -40.81
C PHE C 95 12.65 -18.54 -39.44
N LEU C 96 13.89 -18.40 -38.99
CA LEU C 96 14.29 -18.97 -37.70
C LEU C 96 13.30 -18.70 -36.57
N VAL C 97 12.80 -17.47 -36.51
CA VAL C 97 11.83 -17.10 -35.48
C VAL C 97 10.58 -17.97 -35.61
N ARG C 98 9.82 -17.71 -36.68
CA ARG C 98 8.58 -18.43 -36.98
C ARG C 98 8.71 -19.96 -36.93
N LYS C 99 9.92 -20.47 -37.14
CA LYS C 99 10.14 -21.91 -37.12
C LYS C 99 10.56 -22.46 -35.74
N PHE C 100 11.73 -22.04 -35.26
CA PHE C 100 12.24 -22.54 -33.99
C PHE C 100 11.86 -21.79 -32.71
N ALA C 101 11.94 -20.47 -32.71
CA ALA C 101 11.58 -19.71 -31.51
C ALA C 101 10.72 -18.50 -31.84
N PRO C 102 9.40 -18.64 -31.71
CA PRO C 102 8.43 -17.57 -31.99
C PRO C 102 8.67 -16.32 -31.12
N GLU C 103 8.97 -16.57 -29.85
CA GLU C 103 9.23 -15.53 -28.85
C GLU C 103 10.50 -14.69 -29.09
N ALA C 104 11.24 -14.96 -30.16
CA ALA C 104 12.45 -14.20 -30.44
C ALA C 104 12.14 -13.12 -31.45
N GLY C 105 10.88 -13.01 -31.80
CA GLY C 105 10.48 -12.00 -32.75
C GLY C 105 10.38 -10.68 -32.03
N GLY C 106 10.41 -9.58 -32.79
CA GLY C 106 10.30 -8.25 -32.19
C GLY C 106 11.34 -7.95 -31.12
N SER C 107 11.00 -7.02 -30.24
CA SER C 107 11.85 -6.56 -29.15
C SER C 107 12.50 -7.64 -28.31
N GLY C 108 11.71 -8.24 -27.44
CA GLY C 108 12.23 -9.27 -26.57
C GLY C 108 12.04 -8.80 -25.14
N ILE C 109 12.03 -7.48 -24.97
CA ILE C 109 11.87 -6.91 -23.65
C ILE C 109 10.54 -7.33 -23.06
N PRO C 110 9.46 -7.25 -23.86
CA PRO C 110 8.15 -7.65 -23.34
C PRO C 110 8.23 -9.09 -22.81
N GLU C 111 8.91 -9.97 -23.55
CA GLU C 111 9.05 -11.36 -23.10
C GLU C 111 9.75 -11.45 -21.74
N ILE C 112 10.90 -10.79 -21.61
CA ILE C 112 11.62 -10.83 -20.35
C ILE C 112 10.74 -10.28 -19.23
N GLU C 113 9.97 -9.24 -19.51
CA GLU C 113 9.09 -8.75 -18.45
C GLU C 113 8.15 -9.88 -18.04
N GLY C 114 7.62 -10.60 -19.04
CA GLY C 114 6.74 -11.72 -18.78
C GLY C 114 7.40 -12.83 -17.99
N ALA C 115 8.70 -13.00 -18.18
CA ALA C 115 9.46 -14.03 -17.46
C ALA C 115 9.56 -13.67 -15.99
N LEU C 116 9.85 -12.40 -15.70
CA LEU C 116 9.97 -11.91 -14.33
C LEU C 116 8.63 -11.99 -13.57
N GLU C 117 7.54 -11.84 -14.32
CA GLU C 117 6.19 -11.90 -13.75
C GLU C 117 5.70 -13.33 -13.59
N GLU C 118 6.54 -14.30 -13.92
CA GLU C 118 6.19 -15.71 -13.81
C GLU C 118 4.95 -15.98 -14.67
N LEU C 119 5.00 -15.51 -15.91
CA LEU C 119 3.91 -15.68 -16.85
C LEU C 119 4.45 -16.03 -18.22
N ARG C 120 5.76 -16.18 -18.35
CA ARG C 120 6.35 -16.53 -19.64
C ARG C 120 7.62 -17.35 -19.46
N PRO C 121 7.84 -18.32 -20.33
CA PRO C 121 9.01 -19.20 -20.25
C PRO C 121 10.24 -18.47 -20.77
N VAL C 122 11.39 -19.10 -20.56
CA VAL C 122 12.66 -18.56 -21.02
C VAL C 122 13.39 -19.76 -21.61
N ARG C 123 13.10 -20.10 -22.87
CA ARG C 123 13.73 -21.25 -23.55
C ARG C 123 15.00 -20.75 -24.25
N TRP C 124 16.05 -20.49 -23.48
CA TRP C 124 17.30 -19.97 -24.04
C TRP C 124 17.89 -20.89 -25.08
N TRP C 125 17.65 -22.20 -24.91
CA TRP C 125 18.18 -23.18 -25.82
C TRP C 125 17.75 -22.98 -27.26
N ARG C 126 16.65 -22.28 -27.49
CA ARG C 126 16.29 -22.03 -28.87
C ARG C 126 16.29 -20.55 -29.16
N VAL C 127 16.15 -19.73 -28.11
CA VAL C 127 16.15 -18.28 -28.26
C VAL C 127 17.57 -17.73 -28.53
N LEU C 128 18.52 -18.07 -27.65
CA LEU C 128 19.89 -17.61 -27.82
C LEU C 128 20.36 -17.78 -29.25
N PRO C 129 20.29 -19.01 -29.80
CA PRO C 129 20.72 -19.22 -31.18
C PRO C 129 19.89 -18.38 -32.17
N VAL C 130 18.57 -18.56 -32.13
CA VAL C 130 17.68 -17.83 -33.01
C VAL C 130 17.86 -16.32 -32.98
N LYS C 131 17.70 -15.75 -31.79
CA LYS C 131 17.83 -14.31 -31.59
C LYS C 131 19.13 -13.77 -32.16
N PHE C 132 20.22 -14.45 -31.83
CA PHE C 132 21.55 -14.04 -32.29
C PHE C 132 21.66 -14.13 -33.80
N ILE C 133 21.40 -15.30 -34.37
CA ILE C 133 21.52 -15.47 -35.82
C ILE C 133 20.46 -14.66 -36.58
N GLY C 134 19.21 -14.74 -36.13
CA GLY C 134 18.15 -13.99 -36.78
C GLY C 134 18.46 -12.50 -36.81
N GLY C 135 18.70 -11.94 -35.62
CA GLY C 135 19.02 -10.52 -35.53
C GLY C 135 20.16 -10.21 -36.48
N MET C 136 21.15 -11.10 -36.49
CA MET C 136 22.32 -10.96 -37.33
C MET C 136 21.89 -10.81 -38.79
N GLY C 137 20.81 -11.48 -39.15
CA GLY C 137 20.31 -11.39 -40.51
C GLY C 137 19.60 -10.07 -40.71
N THR C 138 18.47 -9.94 -40.02
CA THR C 138 17.62 -8.76 -40.09
C THR C 138 18.35 -7.42 -39.94
N LEU C 139 19.14 -7.25 -38.88
CA LEU C 139 19.86 -6.00 -38.70
C LEU C 139 20.97 -5.89 -39.74
N GLY C 140 21.58 -7.03 -40.07
CA GLY C 140 22.65 -7.06 -41.05
C GLY C 140 22.11 -6.68 -42.42
N ALA C 141 20.86 -7.05 -42.67
CA ALA C 141 20.20 -6.74 -43.93
C ALA C 141 20.08 -5.23 -44.09
N GLY C 142 20.12 -4.51 -42.97
CA GLY C 142 20.03 -3.06 -43.01
C GLY C 142 18.65 -2.57 -42.60
N MET C 143 17.82 -3.47 -42.08
CA MET C 143 16.48 -3.07 -41.66
C MET C 143 16.60 -2.05 -40.53
N VAL C 144 15.50 -1.38 -40.22
CA VAL C 144 15.49 -0.39 -39.15
C VAL C 144 15.07 -1.00 -37.82
N LEU C 145 16.06 -1.58 -37.14
CA LEU C 145 15.86 -2.23 -35.86
C LEU C 145 17.12 -1.95 -35.03
N GLY C 146 16.98 -1.98 -33.71
CA GLY C 146 18.12 -1.70 -32.87
C GLY C 146 18.72 -2.97 -32.29
N ARG C 147 19.91 -2.85 -31.72
CA ARG C 147 20.58 -4.00 -31.13
C ARG C 147 20.12 -4.27 -29.71
N GLU C 148 19.60 -3.25 -29.02
CA GLU C 148 19.15 -3.40 -27.64
C GLU C 148 18.09 -4.48 -27.46
N GLY C 149 17.05 -4.43 -28.29
CA GLY C 149 16.00 -5.43 -28.20
C GLY C 149 16.64 -6.81 -28.10
N PRO C 150 17.44 -7.17 -29.11
CA PRO C 150 18.11 -8.46 -29.14
C PRO C 150 19.02 -8.71 -27.93
N THR C 151 20.00 -7.84 -27.69
CA THR C 151 20.90 -8.06 -26.55
C THR C 151 20.14 -8.25 -25.23
N VAL C 152 19.23 -7.34 -24.89
CA VAL C 152 18.48 -7.48 -23.64
C VAL C 152 17.78 -8.83 -23.51
N GLN C 153 17.33 -9.41 -24.62
CA GLN C 153 16.68 -10.72 -24.52
C GLN C 153 17.72 -11.82 -24.44
N ILE C 154 18.79 -11.67 -25.21
CA ILE C 154 19.86 -12.66 -25.18
C ILE C 154 20.35 -12.71 -23.73
N GLY C 155 20.68 -11.55 -23.19
CA GLY C 155 21.15 -11.46 -21.83
C GLY C 155 20.10 -11.98 -20.88
N GLY C 156 18.84 -11.64 -21.13
CA GLY C 156 17.79 -12.12 -20.27
C GLY C 156 17.86 -13.64 -20.20
N ASN C 157 18.03 -14.26 -21.36
CA ASN C 157 18.11 -15.71 -21.44
C ASN C 157 19.41 -16.24 -20.84
N LEU C 158 20.54 -15.59 -21.14
CA LEU C 158 21.81 -16.04 -20.56
C LEU C 158 21.65 -16.16 -19.07
N GLY C 159 20.92 -15.23 -18.47
CA GLY C 159 20.71 -15.27 -17.04
C GLY C 159 20.08 -16.61 -16.69
N ARG C 160 18.97 -16.91 -17.36
CA ARG C 160 18.25 -18.15 -17.16
C ARG C 160 19.14 -19.36 -17.32
N MET C 161 19.86 -19.41 -18.45
CA MET C 161 20.75 -20.51 -18.77
C MET C 161 21.64 -20.74 -17.57
N VAL C 162 22.55 -19.80 -17.34
CA VAL C 162 23.45 -19.91 -16.20
C VAL C 162 22.72 -20.47 -15.01
N LEU C 163 21.56 -19.89 -14.72
CA LEU C 163 20.73 -20.31 -13.59
C LEU C 163 20.43 -21.81 -13.60
N ASP C 164 20.24 -22.36 -14.79
CA ASP C 164 19.95 -23.79 -14.94
C ASP C 164 21.16 -24.70 -14.99
N VAL C 165 22.26 -24.21 -15.53
CA VAL C 165 23.45 -25.04 -15.60
C VAL C 165 24.21 -24.98 -14.29
N PHE C 166 23.52 -24.57 -13.24
CA PHE C 166 24.09 -24.50 -11.88
C PHE C 166 23.04 -24.97 -10.90
N ARG C 167 21.96 -25.51 -11.47
CA ARG C 167 20.85 -26.03 -10.70
C ARG C 167 20.50 -25.18 -9.48
N MET C 168 20.21 -23.90 -9.72
CA MET C 168 19.80 -22.95 -8.67
C MET C 168 18.28 -22.84 -8.85
N ARG C 169 17.53 -22.84 -7.76
CA ARG C 169 16.08 -22.77 -7.89
C ARG C 169 15.32 -21.93 -6.87
N SER C 170 15.93 -20.84 -6.43
CA SER C 170 15.29 -19.94 -5.49
C SER C 170 14.66 -18.79 -6.31
N ALA C 171 13.55 -18.24 -5.83
CA ALA C 171 12.93 -17.14 -6.54
C ALA C 171 13.93 -16.00 -6.65
N GLU C 172 14.66 -15.75 -5.56
CA GLU C 172 15.66 -14.69 -5.55
C GLU C 172 16.62 -14.90 -6.71
N ALA C 173 17.28 -16.05 -6.72
CA ALA C 173 18.22 -16.35 -7.78
C ALA C 173 17.60 -16.18 -9.17
N ARG C 174 16.44 -16.81 -9.37
CA ARG C 174 15.79 -16.77 -10.68
C ARG C 174 15.53 -15.37 -11.24
N HIS C 175 14.87 -14.53 -10.44
CA HIS C 175 14.56 -13.18 -10.87
C HIS C 175 15.76 -12.24 -10.92
N THR C 176 16.72 -12.43 -10.03
CA THR C 176 17.89 -11.58 -10.03
C THR C 176 18.76 -11.81 -11.27
N LEU C 177 18.97 -13.07 -11.62
CA LEU C 177 19.83 -13.34 -12.76
C LEU C 177 19.14 -12.98 -14.05
N LEU C 178 17.83 -13.22 -14.09
CA LEU C 178 17.07 -12.91 -15.29
C LEU C 178 17.15 -11.40 -15.51
N ALA C 179 17.09 -10.65 -14.40
CA ALA C 179 17.14 -9.20 -14.40
C ALA C 179 18.51 -8.70 -14.80
N THR C 180 19.53 -9.36 -14.25
CA THR C 180 20.91 -8.98 -14.55
C THR C 180 21.17 -9.13 -16.04
N GLY C 181 20.68 -10.23 -16.59
CA GLY C 181 20.86 -10.44 -18.00
C GLY C 181 20.28 -9.25 -18.72
N ALA C 182 18.98 -9.01 -18.51
CA ALA C 182 18.30 -7.88 -19.14
C ALA C 182 19.05 -6.56 -18.96
N ALA C 183 19.42 -6.25 -17.72
CA ALA C 183 20.14 -5.01 -17.45
C ALA C 183 21.46 -4.92 -18.22
N ALA C 184 22.31 -5.92 -18.04
CA ALA C 184 23.61 -5.99 -18.70
C ALA C 184 23.48 -5.93 -20.22
N GLY C 185 22.39 -6.48 -20.73
CA GLY C 185 22.13 -6.46 -22.17
C GLY C 185 21.98 -5.04 -22.67
N LEU C 186 20.98 -4.34 -22.14
CA LEU C 186 20.75 -2.95 -22.57
C LEU C 186 22.02 -2.14 -22.30
N SER C 187 22.67 -2.42 -21.18
CA SER C 187 23.90 -1.71 -20.84
C SER C 187 24.86 -1.84 -22.02
N ALA C 188 25.08 -3.06 -22.48
CA ALA C 188 25.99 -3.37 -23.60
C ALA C 188 25.54 -2.79 -24.95
N ALA C 189 24.22 -2.74 -25.17
CA ALA C 189 23.71 -2.18 -26.42
C ALA C 189 24.02 -0.68 -26.57
N PHE C 190 24.04 0.08 -25.47
CA PHE C 190 24.33 1.51 -25.58
C PHE C 190 25.57 1.97 -24.82
N ASN C 191 26.27 1.03 -24.19
CA ASN C 191 27.45 1.34 -23.39
C ASN C 191 27.00 2.37 -22.35
N ALA C 192 25.89 2.04 -21.72
CA ALA C 192 25.29 2.88 -20.73
C ALA C 192 24.95 2.06 -19.50
N PRO C 193 25.87 2.01 -18.54
CA PRO C 193 25.71 1.28 -17.29
C PRO C 193 24.50 1.76 -16.50
N LEU C 194 24.50 3.05 -16.14
CA LEU C 194 23.40 3.66 -15.37
C LEU C 194 22.02 3.38 -15.96
N ALA C 195 21.84 3.74 -17.23
CA ALA C 195 20.57 3.51 -17.90
C ALA C 195 20.16 2.05 -17.71
N GLY C 196 21.13 1.16 -17.78
CA GLY C 196 20.87 -0.26 -17.62
C GLY C 196 20.07 -0.62 -16.38
N ILE C 197 20.59 -0.33 -15.19
CA ILE C 197 19.78 -0.66 -14.03
C ILE C 197 18.55 0.23 -13.93
N LEU C 198 18.64 1.49 -14.37
CA LEU C 198 17.48 2.35 -14.27
C LEU C 198 16.32 1.74 -15.03
N PHE C 199 16.61 1.16 -16.18
CA PHE C 199 15.58 0.52 -16.99
C PHE C 199 14.95 -0.68 -16.23
N ILE C 200 15.74 -1.36 -15.41
CA ILE C 200 15.24 -2.49 -14.62
C ILE C 200 14.37 -1.98 -13.48
N ILE C 201 14.86 -0.94 -12.81
CA ILE C 201 14.17 -0.33 -11.69
C ILE C 201 12.89 0.38 -12.14
N GLU C 202 12.94 1.04 -13.28
CA GLU C 202 11.79 1.77 -13.78
C GLU C 202 10.81 1.04 -14.70
N GLU C 203 11.29 0.10 -15.51
CA GLU C 203 10.41 -0.57 -16.46
C GLU C 203 10.34 -2.10 -16.39
N MET C 204 11.49 -2.77 -16.39
CA MET C 204 11.50 -4.23 -16.37
C MET C 204 10.77 -4.92 -15.22
N ARG C 205 11.16 -4.64 -13.97
CA ARG C 205 10.53 -5.33 -12.84
C ARG C 205 9.10 -4.94 -12.53
N PRO C 206 8.25 -5.95 -12.26
CA PRO C 206 6.82 -5.86 -11.93
C PRO C 206 6.72 -5.05 -10.64
N GLN C 207 6.41 -3.78 -10.77
CA GLN C 207 6.37 -2.90 -9.63
C GLN C 207 5.59 -3.36 -8.40
N PHE C 208 4.37 -3.76 -8.65
CA PHE C 208 3.42 -4.22 -7.65
C PHE C 208 3.75 -5.58 -7.05
N ARG C 209 4.97 -6.07 -7.20
CA ARG C 209 5.33 -7.41 -6.66
C ARG C 209 6.60 -7.51 -5.81
N TYR C 210 6.65 -8.59 -5.03
CA TYR C 210 7.83 -8.86 -4.23
C TYR C 210 8.63 -9.82 -5.11
N ASN C 211 9.46 -9.29 -5.99
CA ASN C 211 10.21 -10.14 -6.90
C ASN C 211 11.46 -10.76 -6.31
N LEU C 212 11.99 -10.14 -5.26
CA LEU C 212 13.20 -10.63 -4.60
C LEU C 212 14.45 -10.45 -5.47
N ILE C 213 14.42 -9.47 -6.37
CA ILE C 213 15.53 -9.14 -7.24
C ILE C 213 16.51 -8.31 -6.42
N SER C 214 17.80 -8.56 -6.58
CA SER C 214 18.78 -7.79 -5.85
C SER C 214 19.42 -6.78 -6.80
N ILE C 215 19.04 -5.52 -6.63
CA ILE C 215 19.58 -4.45 -7.46
C ILE C 215 21.10 -4.39 -7.39
N LYS C 216 21.65 -4.47 -6.17
CA LYS C 216 23.10 -4.45 -6.01
C LYS C 216 23.72 -5.53 -6.89
N ALA C 217 23.16 -6.75 -6.83
CA ALA C 217 23.67 -7.84 -7.66
C ALA C 217 23.54 -7.49 -9.15
N VAL C 218 22.33 -7.11 -9.57
CA VAL C 218 22.10 -6.74 -10.97
C VAL C 218 23.11 -5.68 -11.40
N PHE C 219 23.36 -4.71 -10.54
CA PHE C 219 24.30 -3.63 -10.86
C PHE C 219 25.69 -4.23 -11.06
N THR C 220 26.06 -5.18 -10.20
CA THR C 220 27.34 -5.87 -10.30
C THR C 220 27.45 -6.47 -11.69
N GLY C 221 26.37 -7.11 -12.16
CA GLY C 221 26.41 -7.66 -13.50
C GLY C 221 26.62 -6.56 -14.53
N VAL C 222 25.83 -5.50 -14.42
CA VAL C 222 25.91 -4.41 -15.36
C VAL C 222 27.30 -3.81 -15.40
N ILE C 223 27.94 -3.70 -14.24
CA ILE C 223 29.26 -3.11 -14.26
C ILE C 223 30.25 -4.04 -15.00
N MET C 224 30.07 -5.35 -14.83
CA MET C 224 30.93 -6.30 -15.49
C MET C 224 30.84 -6.09 -16.98
N SER C 225 29.63 -6.22 -17.52
CA SER C 225 29.41 -6.03 -18.94
C SER C 225 30.03 -4.74 -19.45
N SER C 226 29.97 -3.69 -18.65
CA SER C 226 30.56 -2.45 -19.09
C SER C 226 32.06 -2.62 -19.23
N ILE C 227 32.69 -3.26 -18.24
CA ILE C 227 34.12 -3.51 -18.31
C ILE C 227 34.44 -4.21 -19.64
N VAL C 228 33.82 -5.38 -19.85
CA VAL C 228 34.02 -6.12 -21.09
C VAL C 228 33.94 -5.18 -22.28
N PHE C 229 32.84 -4.44 -22.36
CA PHE C 229 32.65 -3.49 -23.44
C PHE C 229 33.93 -2.64 -23.67
N ARG C 230 34.51 -2.14 -22.58
CA ARG C 230 35.71 -1.29 -22.64
C ARG C 230 36.93 -2.04 -23.15
N ILE C 231 37.05 -3.28 -22.70
CA ILE C 231 38.13 -4.15 -23.11
C ILE C 231 38.08 -4.36 -24.63
N PHE C 232 36.89 -4.42 -25.19
CA PHE C 232 36.76 -4.62 -26.62
C PHE C 232 36.57 -3.41 -27.51
N ASN C 233 36.09 -2.28 -26.97
CA ASN C 233 35.88 -1.12 -27.82
C ASN C 233 36.64 0.10 -27.34
N GLY C 234 37.28 -0.02 -26.18
CA GLY C 234 38.04 1.08 -25.65
C GLY C 234 37.21 2.22 -25.14
N GLU C 235 37.80 3.41 -25.08
CA GLU C 235 37.11 4.57 -24.58
C GLU C 235 36.01 5.08 -25.53
N ALA C 236 36.41 5.42 -26.75
CA ALA C 236 35.49 5.94 -27.78
C ALA C 236 34.04 5.60 -27.57
N PRO C 237 33.19 6.62 -27.40
CA PRO C 237 31.76 6.42 -27.19
C PRO C 237 31.10 5.98 -28.49
N ILE C 238 29.85 5.53 -28.41
CA ILE C 238 29.14 5.10 -29.60
C ILE C 238 28.85 6.35 -30.43
N ILE C 239 27.81 7.07 -30.03
CA ILE C 239 27.38 8.32 -30.66
C ILE C 239 28.34 9.40 -30.19
N GLU C 240 28.63 10.37 -31.05
CA GLU C 240 29.60 11.41 -30.71
C GLU C 240 29.22 12.83 -31.09
N VAL C 241 28.60 13.55 -30.16
CA VAL C 241 28.20 14.94 -30.37
C VAL C 241 29.30 15.75 -29.68
N GLY C 242 29.38 17.04 -29.98
CA GLY C 242 30.42 17.82 -29.32
C GLY C 242 29.82 18.38 -28.05
N LYS C 243 30.33 19.51 -27.60
CA LYS C 243 29.75 20.12 -26.42
C LYS C 243 28.84 21.20 -26.98
N LEU C 244 27.54 20.99 -26.84
CA LEU C 244 26.52 21.92 -27.32
C LEU C 244 26.46 23.16 -26.46
N SER C 245 25.61 24.10 -26.81
CA SER C 245 25.53 25.31 -26.00
C SER C 245 24.74 25.10 -24.71
N ASP C 246 24.50 26.19 -24.00
CA ASP C 246 23.77 26.13 -22.76
C ASP C 246 22.29 26.39 -23.02
N ALA C 247 21.46 26.22 -21.99
CA ALA C 247 20.02 26.45 -22.10
C ALA C 247 19.56 27.45 -21.05
N PRO C 248 19.69 28.75 -21.34
CA PRO C 248 19.25 29.77 -20.39
C PRO C 248 17.77 29.65 -20.03
N VAL C 249 17.47 29.96 -18.77
CA VAL C 249 16.13 29.89 -18.21
C VAL C 249 15.03 30.34 -19.17
N ASN C 250 15.19 31.54 -19.71
CA ASN C 250 14.25 32.17 -20.64
C ASN C 250 13.95 31.32 -21.86
N THR C 251 14.56 30.14 -21.90
CA THR C 251 14.41 29.22 -23.01
C THR C 251 13.65 27.93 -22.65
N LEU C 252 13.74 27.53 -21.39
CA LEU C 252 13.09 26.30 -20.94
C LEU C 252 11.65 26.10 -21.41
N TRP C 253 10.83 27.15 -21.37
CA TRP C 253 9.42 26.98 -21.78
C TRP C 253 9.32 26.30 -23.13
N LEU C 254 10.24 26.61 -24.04
CA LEU C 254 10.23 26.02 -25.36
C LEU C 254 10.30 24.49 -25.30
N TYR C 255 11.14 23.96 -24.41
CA TYR C 255 11.25 22.50 -24.28
C TYR C 255 9.96 21.93 -23.75
N LEU C 256 9.21 22.73 -23.00
CA LEU C 256 7.92 22.28 -22.49
C LEU C 256 7.00 22.07 -23.68
N ILE C 257 7.00 23.04 -24.59
CA ILE C 257 6.18 22.94 -25.79
C ILE C 257 6.66 21.72 -26.57
N LEU C 258 7.97 21.60 -26.74
CA LEU C 258 8.51 20.45 -27.45
C LEU C 258 8.07 19.14 -26.78
N GLY C 259 8.03 19.14 -25.45
CA GLY C 259 7.60 17.96 -24.72
C GLY C 259 6.15 17.62 -25.01
N ILE C 260 5.29 18.63 -25.11
CA ILE C 260 3.89 18.38 -25.42
C ILE C 260 3.76 17.74 -26.80
N ILE C 261 4.49 18.25 -27.80
CA ILE C 261 4.43 17.66 -29.12
C ILE C 261 4.64 16.14 -29.02
N PHE C 262 5.67 15.72 -28.27
CA PHE C 262 5.92 14.28 -28.10
C PHE C 262 4.82 13.64 -27.28
N GLY C 263 4.18 14.44 -26.44
CA GLY C 263 3.11 13.91 -25.62
C GLY C 263 1.96 13.47 -26.49
N VAL C 264 1.82 14.08 -27.67
CA VAL C 264 0.75 13.70 -28.59
C VAL C 264 1.18 12.60 -29.55
N VAL C 265 2.43 12.66 -29.99
CA VAL C 265 2.97 11.69 -30.93
C VAL C 265 3.21 10.31 -30.31
N GLY C 266 3.67 10.31 -29.05
CA GLY C 266 3.97 9.06 -28.34
C GLY C 266 2.85 8.03 -28.40
N PRO C 267 1.67 8.38 -27.87
CA PRO C 267 0.51 7.47 -27.88
C PRO C 267 0.14 7.14 -29.33
N VAL C 268 0.14 8.14 -30.20
CA VAL C 268 -0.18 7.93 -31.62
C VAL C 268 0.74 6.86 -32.22
N PHE C 269 2.03 6.96 -31.89
CA PHE C 269 3.02 6.03 -32.39
C PHE C 269 2.74 4.61 -31.89
N ASN C 270 2.37 4.46 -30.62
CA ASN C 270 2.08 3.14 -30.10
C ASN C 270 0.85 2.58 -30.78
N SER C 271 -0.08 3.46 -31.11
CA SER C 271 -1.28 3.06 -31.80
C SER C 271 -0.90 2.42 -33.12
N LEU C 272 -0.11 3.14 -33.91
CA LEU C 272 0.32 2.62 -35.20
C LEU C 272 1.10 1.33 -35.07
N VAL C 273 1.97 1.24 -34.09
CA VAL C 273 2.73 0.01 -33.92
C VAL C 273 1.79 -1.17 -33.75
N LEU C 274 0.78 -0.98 -32.91
CA LEU C 274 -0.20 -2.02 -32.68
C LEU C 274 -1.06 -2.29 -33.90
N ARG C 275 -1.51 -1.23 -34.57
CA ARG C 275 -2.32 -1.40 -35.78
C ARG C 275 -1.52 -2.22 -36.78
N THR C 276 -0.49 -1.60 -37.33
CA THR C 276 0.35 -2.23 -38.31
C THR C 276 0.70 -3.67 -37.93
N GLN C 277 0.83 -3.94 -36.64
CA GLN C 277 1.15 -5.30 -36.22
C GLN C 277 0.00 -6.25 -36.56
N ASP C 278 -1.23 -5.76 -36.38
CA ASP C 278 -2.45 -6.52 -36.67
C ASP C 278 -2.51 -6.74 -38.18
N MET C 279 -2.39 -5.64 -38.91
CA MET C 279 -2.42 -5.65 -40.35
C MET C 279 -1.65 -6.80 -40.94
N PHE C 280 -0.42 -7.02 -40.49
CA PHE C 280 0.38 -8.12 -41.00
C PHE C 280 -0.22 -9.48 -40.68
N GLN C 281 -0.84 -9.60 -39.50
CA GLN C 281 -1.47 -10.85 -39.11
C GLN C 281 -2.55 -11.20 -40.13
N ARG C 282 -3.34 -10.19 -40.50
CA ARG C 282 -4.39 -10.40 -41.48
C ARG C 282 -3.79 -10.80 -42.81
N PHE C 283 -2.60 -10.32 -43.11
CA PHE C 283 -1.97 -10.66 -44.37
C PHE C 283 -1.50 -12.11 -44.43
N HIS C 284 -0.58 -12.49 -43.55
CA HIS C 284 -0.07 -13.84 -43.56
C HIS C 284 -0.86 -14.83 -42.71
N GLY C 285 -1.83 -14.30 -41.96
CA GLY C 285 -2.62 -15.18 -41.10
C GLY C 285 -1.76 -15.96 -40.12
N GLY C 286 -0.44 -15.74 -40.18
CA GLY C 286 0.46 -16.44 -39.29
C GLY C 286 1.10 -17.65 -39.91
N GLU C 287 0.91 -17.83 -41.22
CA GLU C 287 1.50 -18.97 -41.92
C GLU C 287 2.95 -18.65 -42.33
N ILE C 288 3.89 -19.46 -41.86
CA ILE C 288 5.30 -19.25 -42.16
C ILE C 288 5.61 -18.81 -43.60
N LYS C 289 5.29 -19.67 -44.55
CA LYS C 289 5.54 -19.42 -45.97
C LYS C 289 5.37 -17.95 -46.31
N LYS C 290 4.20 -17.41 -45.99
CA LYS C 290 3.86 -16.01 -46.24
C LYS C 290 4.69 -15.01 -45.46
N TRP C 291 4.76 -15.22 -44.14
CA TRP C 291 5.48 -14.34 -43.23
C TRP C 291 6.89 -14.12 -43.75
N VAL C 292 7.62 -15.22 -43.88
CA VAL C 292 8.99 -15.15 -44.36
C VAL C 292 9.09 -14.40 -45.68
N LEU C 293 8.12 -14.60 -46.56
CA LEU C 293 8.15 -13.96 -47.85
C LEU C 293 8.06 -12.44 -47.79
N MET C 294 7.07 -11.91 -47.08
CA MET C 294 6.98 -10.45 -46.98
C MET C 294 8.19 -9.97 -46.19
N GLY C 295 8.70 -10.84 -45.31
CA GLY C 295 9.88 -10.51 -44.54
C GLY C 295 11.01 -10.18 -45.51
N GLY C 296 11.15 -11.01 -46.54
CA GLY C 296 12.17 -10.76 -47.54
C GLY C 296 11.79 -9.50 -48.28
N ALA C 297 10.49 -9.33 -48.50
CA ALA C 297 9.98 -8.16 -49.20
C ALA C 297 10.36 -6.91 -48.43
N ILE C 298 9.90 -6.85 -47.19
CA ILE C 298 10.16 -5.73 -46.32
C ILE C 298 11.68 -5.60 -46.15
N GLY C 299 12.35 -6.71 -45.95
CA GLY C 299 13.80 -6.67 -45.80
C GLY C 299 14.48 -6.08 -47.03
N GLY C 300 13.99 -6.44 -48.21
CA GLY C 300 14.56 -5.94 -49.45
C GLY C 300 14.33 -4.45 -49.62
N LEU C 301 13.16 -3.99 -49.22
CA LEU C 301 12.85 -2.58 -49.35
C LEU C 301 13.95 -1.77 -48.65
N CYS C 302 14.46 -2.29 -47.55
CA CYS C 302 15.53 -1.63 -46.81
C CYS C 302 16.86 -1.75 -47.53
N GLY C 303 16.92 -2.69 -48.47
CA GLY C 303 18.15 -2.86 -49.22
C GLY C 303 18.22 -1.74 -50.26
N ILE C 304 17.05 -1.43 -50.82
CA ILE C 304 16.97 -0.39 -51.83
C ILE C 304 17.17 0.99 -51.23
N LEU C 305 16.38 1.30 -50.21
CA LEU C 305 16.50 2.58 -49.54
C LEU C 305 17.95 2.75 -49.09
N GLY C 306 18.54 1.63 -48.65
CA GLY C 306 19.92 1.62 -48.19
C GLY C 306 20.87 2.45 -49.03
N LEU C 307 20.75 2.35 -50.36
CA LEU C 307 21.62 3.11 -51.23
C LEU C 307 21.01 4.40 -51.80
N ILE C 308 19.67 4.49 -51.81
CA ILE C 308 19.02 5.70 -52.30
C ILE C 308 18.27 6.39 -51.17
N GLU C 309 18.98 7.25 -50.45
CA GLU C 309 18.42 7.99 -49.33
C GLU C 309 18.47 7.07 -48.09
N PRO C 310 19.68 6.80 -47.58
CA PRO C 310 20.03 5.96 -46.42
C PRO C 310 19.39 6.36 -45.08
N ALA C 311 19.20 7.66 -44.88
CA ALA C 311 18.61 8.11 -43.63
C ALA C 311 17.29 7.39 -43.35
N ALA C 312 16.63 6.90 -44.40
CA ALA C 312 15.37 6.21 -44.22
C ALA C 312 15.53 4.82 -43.66
N ALA C 313 16.69 4.20 -43.88
CA ALA C 313 16.93 2.86 -43.36
C ALA C 313 18.04 2.92 -42.32
N GLY C 314 18.42 1.76 -41.80
CA GLY C 314 19.47 1.72 -40.82
C GLY C 314 18.97 1.77 -39.39
N GLY C 315 19.74 1.17 -38.48
CA GLY C 315 19.37 1.16 -37.07
C GLY C 315 18.95 2.53 -36.59
N GLY C 316 19.65 3.56 -37.04
CA GLY C 316 19.26 4.88 -36.61
C GLY C 316 20.38 5.80 -36.17
N PHE C 317 20.80 5.69 -34.91
CA PHE C 317 21.84 6.57 -34.47
C PHE C 317 23.11 6.37 -35.22
N ASN C 318 23.21 5.22 -35.88
CA ASN C 318 24.39 4.83 -36.66
C ASN C 318 25.12 6.01 -37.29
N LEU C 319 24.39 7.09 -37.56
CA LEU C 319 25.03 8.24 -38.15
C LEU C 319 24.12 9.45 -38.05
N ILE C 320 22.86 9.24 -37.66
CA ILE C 320 21.93 10.35 -37.61
C ILE C 320 21.90 11.34 -36.45
N PRO C 321 21.79 10.86 -35.20
CA PRO C 321 21.77 11.84 -34.09
C PRO C 321 22.90 12.82 -34.22
N ILE C 322 24.06 12.30 -34.62
CA ILE C 322 25.24 13.10 -34.77
C ILE C 322 25.12 14.21 -35.82
N ALA C 323 24.62 13.85 -37.00
CA ALA C 323 24.44 14.80 -38.09
C ALA C 323 23.30 15.77 -37.77
N ALA C 324 22.24 15.26 -37.15
CA ALA C 324 21.09 16.09 -36.79
C ALA C 324 21.49 17.17 -35.78
N ALA C 325 22.47 16.88 -34.93
CA ALA C 325 22.93 17.85 -33.93
C ALA C 325 23.90 18.85 -34.56
N GLY C 326 24.02 18.81 -35.89
CA GLY C 326 24.87 19.73 -36.65
C GLY C 326 24.01 20.81 -37.30
N ASN C 327 23.33 20.49 -38.40
CA ASN C 327 22.43 21.43 -39.13
C ASN C 327 21.80 20.67 -40.30
N PHE C 328 20.55 21.01 -40.64
CA PHE C 328 19.80 20.37 -41.72
C PHE C 328 18.60 21.26 -42.09
N SER C 329 17.93 20.93 -43.19
CA SER C 329 16.75 21.68 -43.65
C SER C 329 15.45 21.23 -42.98
N VAL C 330 14.76 22.13 -42.29
CA VAL C 330 13.51 21.76 -41.62
C VAL C 330 12.72 20.69 -42.38
N GLY C 331 12.38 20.98 -43.62
CA GLY C 331 11.64 20.04 -44.42
C GLY C 331 12.40 18.76 -44.68
N LEU C 332 13.69 18.88 -44.99
CA LEU C 332 14.50 17.71 -45.26
C LEU C 332 14.51 16.83 -44.02
N LEU C 333 14.57 17.51 -42.89
CA LEU C 333 14.60 16.88 -41.58
C LEU C 333 13.23 16.28 -41.30
N LEU C 334 12.21 17.10 -41.51
CA LEU C 334 10.84 16.71 -41.27
C LEU C 334 10.40 15.63 -42.27
N PHE C 335 11.11 15.53 -43.38
CA PHE C 335 10.81 14.53 -44.41
C PHE C 335 11.38 13.19 -43.99
N ILE C 336 12.63 13.22 -43.52
CA ILE C 336 13.29 12.02 -43.07
C ILE C 336 12.50 11.42 -41.91
N PHE C 337 11.98 12.31 -41.07
CA PHE C 337 11.19 11.88 -39.92
C PHE C 337 10.04 10.97 -40.35
N ILE C 338 9.28 11.40 -41.35
CA ILE C 338 8.13 10.64 -41.81
C ILE C 338 8.46 9.35 -42.55
N THR C 339 9.51 9.37 -43.36
CA THR C 339 9.88 8.15 -44.08
C THR C 339 10.44 7.16 -43.08
N ARG C 340 10.93 7.68 -41.96
CA ARG C 340 11.48 6.82 -40.92
C ARG C 340 10.40 6.27 -40.03
N VAL C 341 9.28 6.99 -39.94
CA VAL C 341 8.18 6.51 -39.13
C VAL C 341 7.62 5.28 -39.83
N VAL C 342 7.37 5.42 -41.14
CA VAL C 342 6.84 4.30 -41.92
C VAL C 342 7.83 3.13 -41.93
N THR C 343 9.10 3.43 -42.17
CA THR C 343 10.14 2.41 -42.20
C THR C 343 10.25 1.61 -40.89
N THR C 344 10.30 2.30 -39.75
CA THR C 344 10.40 1.60 -38.46
C THR C 344 9.15 0.78 -38.19
N LEU C 345 7.98 1.35 -38.46
CA LEU C 345 6.72 0.62 -38.26
C LEU C 345 6.75 -0.69 -39.04
N LEU C 346 7.12 -0.63 -40.31
CA LEU C 346 7.20 -1.83 -41.13
C LEU C 346 8.11 -2.88 -40.50
N CYS C 347 9.42 -2.59 -40.47
CA CYS C 347 10.39 -3.51 -39.89
C CYS C 347 10.02 -4.04 -38.52
N PHE C 348 9.65 -3.15 -37.62
CA PHE C 348 9.30 -3.60 -36.29
C PHE C 348 8.02 -4.39 -36.26
N SER C 349 6.92 -3.81 -36.73
CA SER C 349 5.63 -4.52 -36.70
C SER C 349 5.65 -5.84 -37.42
N SER C 350 6.42 -5.89 -38.52
CA SER C 350 6.54 -7.12 -39.31
C SER C 350 6.67 -8.32 -38.39
N GLY C 351 7.57 -8.21 -37.41
CA GLY C 351 7.79 -9.29 -36.46
C GLY C 351 9.25 -9.73 -36.39
N ALA C 352 10.11 -9.14 -37.21
CA ALA C 352 11.52 -9.50 -37.23
C ALA C 352 12.21 -9.32 -35.87
N PRO C 353 13.30 -10.07 -35.62
CA PRO C 353 14.03 -9.93 -34.35
C PRO C 353 14.71 -8.57 -34.47
N GLY C 354 14.56 -7.73 -33.46
CA GLY C 354 15.16 -6.42 -33.52
C GLY C 354 14.46 -5.49 -32.54
N GLY C 355 14.90 -4.24 -32.48
CA GLY C 355 14.29 -3.34 -31.54
C GLY C 355 13.63 -2.09 -32.07
N ILE C 356 12.64 -1.62 -31.33
CA ILE C 356 11.90 -0.41 -31.67
C ILE C 356 12.54 0.71 -30.83
N PHE C 357 13.22 0.31 -29.76
CA PHE C 357 13.86 1.24 -28.83
C PHE C 357 14.80 2.21 -29.54
N ALA C 358 16.00 1.76 -29.89
CA ALA C 358 16.99 2.60 -30.56
C ALA C 358 16.38 3.39 -31.71
N PRO C 359 15.58 2.72 -32.57
CA PRO C 359 14.97 3.43 -33.67
C PRO C 359 14.20 4.65 -33.21
N MET C 360 13.50 4.53 -32.07
CA MET C 360 12.75 5.66 -31.54
C MET C 360 13.65 6.82 -31.09
N LEU C 361 14.88 6.52 -30.68
CA LEU C 361 15.75 7.59 -30.24
C LEU C 361 16.12 8.44 -31.45
N ALA C 362 16.15 7.82 -32.62
CA ALA C 362 16.49 8.53 -33.85
C ALA C 362 15.30 9.44 -34.22
N LEU C 363 14.10 8.87 -34.20
CA LEU C 363 12.91 9.65 -34.52
C LEU C 363 12.87 10.86 -33.61
N GLY C 364 13.11 10.63 -32.33
CA GLY C 364 13.11 11.71 -31.36
C GLY C 364 14.05 12.83 -31.74
N THR C 365 15.29 12.47 -32.02
CA THR C 365 16.29 13.46 -32.38
C THR C 365 15.88 14.23 -33.64
N LEU C 366 15.30 13.52 -34.59
CA LEU C 366 14.86 14.15 -35.83
C LEU C 366 13.82 15.23 -35.57
N LEU C 367 12.73 14.82 -34.93
CA LEU C 367 11.65 15.72 -34.61
C LEU C 367 12.10 16.84 -33.68
N GLY C 368 12.99 16.51 -32.76
CA GLY C 368 13.48 17.52 -31.83
C GLY C 368 14.34 18.53 -32.54
N THR C 369 15.05 18.08 -33.56
CA THR C 369 15.90 18.98 -34.32
C THR C 369 15.07 19.86 -35.25
N ALA C 370 13.95 19.34 -35.74
CA ALA C 370 13.07 20.10 -36.63
C ALA C 370 12.44 21.23 -35.81
N PHE C 371 11.92 20.88 -34.64
CA PHE C 371 11.31 21.85 -33.75
C PHE C 371 12.32 22.95 -33.49
N GLY C 372 13.42 22.58 -32.88
CA GLY C 372 14.46 23.54 -32.54
C GLY C 372 14.94 24.34 -33.72
N MET C 373 14.91 23.73 -34.89
CA MET C 373 15.35 24.40 -36.11
C MET C 373 14.39 25.59 -36.31
N ALA C 374 13.08 25.31 -36.24
CA ALA C 374 12.07 26.33 -36.39
C ALA C 374 12.18 27.36 -35.25
N ALA C 375 12.33 26.88 -34.03
CA ALA C 375 12.45 27.75 -32.86
C ALA C 375 13.47 28.86 -33.07
N ALA C 376 14.67 28.51 -33.52
CA ALA C 376 15.72 29.49 -33.75
C ALA C 376 15.22 30.66 -34.59
N VAL C 377 14.64 30.33 -35.74
CA VAL C 377 14.10 31.31 -36.67
C VAL C 377 13.03 32.16 -36.02
N LEU C 378 12.02 31.48 -35.52
CA LEU C 378 10.88 32.11 -34.89
C LEU C 378 11.29 33.00 -33.69
N PHE C 379 12.41 32.68 -33.05
CA PHE C 379 12.90 33.45 -31.89
C PHE C 379 14.40 33.72 -32.03
N PRO C 380 14.75 34.73 -32.82
CA PRO C 380 16.17 35.08 -33.03
C PRO C 380 16.84 35.55 -31.74
N GLN C 381 16.08 36.27 -30.91
CA GLN C 381 16.59 36.83 -29.65
C GLN C 381 17.25 35.83 -28.71
N TYR C 382 16.88 34.56 -28.83
CA TYR C 382 17.44 33.51 -27.98
C TYR C 382 18.80 33.00 -28.44
N HIS C 383 19.03 33.04 -29.74
CA HIS C 383 20.29 32.55 -30.29
C HIS C 383 20.34 31.05 -29.99
N LEU C 384 19.27 30.36 -30.39
CA LEU C 384 19.14 28.93 -30.15
C LEU C 384 20.00 28.07 -31.06
N GLU C 385 19.96 26.77 -30.84
CA GLU C 385 20.69 25.78 -31.63
C GLU C 385 19.82 24.55 -31.68
N ALA C 386 19.54 24.03 -32.87
CA ALA C 386 18.70 22.85 -32.96
C ALA C 386 19.36 21.71 -32.17
N GLY C 387 20.67 21.80 -32.00
CA GLY C 387 21.38 20.78 -31.26
C GLY C 387 20.78 20.52 -29.91
N THR C 388 20.65 21.57 -29.10
CA THR C 388 20.07 21.40 -27.79
C THR C 388 18.75 20.67 -27.90
N PHE C 389 17.89 21.12 -28.81
CA PHE C 389 16.60 20.47 -28.97
C PHE C 389 16.70 19.04 -29.51
N ALA C 390 17.71 18.76 -30.32
CA ALA C 390 17.91 17.42 -30.87
C ALA C 390 18.12 16.50 -29.68
N ILE C 391 18.98 16.95 -28.77
CA ILE C 391 19.30 16.19 -27.56
C ILE C 391 18.10 16.11 -26.66
N ALA C 392 17.51 17.26 -26.38
CA ALA C 392 16.34 17.30 -25.50
C ALA C 392 15.29 16.31 -25.97
N GLY C 393 15.06 16.28 -27.28
CA GLY C 393 14.07 15.37 -27.80
C GLY C 393 14.53 13.96 -28.07
N MET C 394 15.84 13.73 -28.06
CA MET C 394 16.35 12.40 -28.34
C MET C 394 15.66 11.32 -27.53
N GLY C 395 15.47 11.57 -26.23
CA GLY C 395 14.83 10.57 -25.40
C GLY C 395 13.33 10.68 -25.16
N ALA C 396 12.72 11.79 -25.61
CA ALA C 396 11.30 12.05 -25.42
C ALA C 396 10.31 11.12 -26.10
N LEU C 397 10.52 10.82 -27.37
CA LEU C 397 9.58 9.93 -28.06
C LEU C 397 9.52 8.62 -27.30
N MET C 398 10.68 8.05 -27.03
CA MET C 398 10.73 6.81 -26.28
C MET C 398 10.07 6.98 -24.90
N ALA C 399 10.24 8.15 -24.27
CA ALA C 399 9.66 8.38 -22.95
C ALA C 399 8.12 8.45 -22.96
N ALA C 400 7.56 8.90 -24.08
CA ALA C 400 6.10 9.00 -24.21
C ALA C 400 5.52 7.67 -24.69
N SER C 401 6.32 6.82 -25.32
CA SER C 401 5.80 5.54 -25.79
C SER C 401 6.03 4.40 -24.82
N VAL C 402 7.25 4.28 -24.35
CA VAL C 402 7.61 3.22 -23.44
C VAL C 402 7.30 3.63 -22.02
N ARG C 403 7.42 4.92 -21.74
CA ARG C 403 7.16 5.48 -20.40
C ARG C 403 8.29 5.21 -19.41
N ALA C 404 9.53 5.45 -19.85
CA ALA C 404 10.71 5.28 -19.01
C ALA C 404 11.36 6.66 -19.12
N PRO C 405 10.78 7.67 -18.45
CA PRO C 405 11.29 9.04 -18.47
C PRO C 405 12.69 9.08 -17.91
N LEU C 406 12.83 8.45 -16.76
CA LEU C 406 14.10 8.44 -16.07
C LEU C 406 15.14 7.73 -16.90
N THR C 407 14.79 6.55 -17.41
CA THR C 407 15.72 5.78 -18.23
C THR C 407 16.10 6.59 -19.47
N GLY C 408 15.09 7.16 -20.13
CA GLY C 408 15.32 7.97 -21.30
C GLY C 408 16.32 9.06 -21.01
N ILE C 409 16.03 9.89 -20.01
CA ILE C 409 16.94 10.97 -19.66
C ILE C 409 18.35 10.49 -19.36
N VAL C 410 18.51 9.60 -18.39
CA VAL C 410 19.84 9.15 -18.07
C VAL C 410 20.54 8.51 -19.28
N LEU C 411 19.81 7.70 -20.04
CA LEU C 411 20.38 7.06 -21.22
C LEU C 411 21.01 8.14 -22.09
N VAL C 412 20.22 9.14 -22.46
CA VAL C 412 20.72 10.23 -23.30
C VAL C 412 21.95 10.91 -22.70
N LEU C 413 21.93 11.12 -21.39
CA LEU C 413 23.04 11.77 -20.72
C LEU C 413 24.32 11.01 -20.97
N GLU C 414 24.31 9.71 -20.67
CA GLU C 414 25.49 8.87 -20.86
C GLU C 414 25.97 8.82 -22.30
N MET C 415 25.04 8.94 -23.25
CA MET C 415 25.42 8.87 -24.63
C MET C 415 25.91 10.17 -25.24
N THR C 416 25.28 11.28 -24.88
CA THR C 416 25.66 12.57 -25.43
C THR C 416 26.51 13.43 -24.50
N ASP C 417 26.55 13.09 -23.22
CA ASP C 417 27.33 13.80 -22.21
C ASP C 417 27.34 15.34 -22.30
N ASN C 418 26.16 15.94 -22.19
CA ASN C 418 25.98 17.40 -22.22
C ASN C 418 25.12 17.85 -21.03
N TYR C 419 25.59 17.54 -19.83
CA TYR C 419 24.87 17.85 -18.59
C TYR C 419 24.35 19.29 -18.44
N GLN C 420 24.86 20.22 -19.22
CA GLN C 420 24.35 21.56 -19.05
C GLN C 420 22.93 21.62 -19.62
N LEU C 421 22.50 20.55 -20.27
CA LEU C 421 21.15 20.49 -20.83
C LEU C 421 20.22 19.54 -20.04
N ILE C 422 20.60 19.21 -18.81
CA ILE C 422 19.78 18.29 -18.00
C ILE C 422 18.34 18.74 -17.80
N LEU C 423 18.12 20.05 -17.57
CA LEU C 423 16.76 20.56 -17.42
C LEU C 423 15.98 20.37 -18.75
N PRO C 424 16.48 20.97 -19.84
CA PRO C 424 15.76 20.79 -21.10
C PRO C 424 15.43 19.31 -21.27
N MET C 425 16.40 18.44 -20.97
CA MET C 425 16.16 17.01 -21.12
C MET C 425 15.03 16.52 -20.24
N ILE C 426 15.05 16.89 -18.97
CA ILE C 426 14.01 16.46 -18.03
C ILE C 426 12.66 17.09 -18.32
N ILE C 427 12.66 18.34 -18.75
CA ILE C 427 11.41 19.01 -19.08
C ILE C 427 10.82 18.29 -20.29
N THR C 428 11.55 18.24 -21.40
CA THR C 428 10.99 17.59 -22.55
C THR C 428 10.53 16.16 -22.29
N CYS C 429 11.39 15.31 -21.73
CA CYS C 429 11.03 13.91 -21.46
C CYS C 429 9.90 13.68 -20.49
N LEU C 430 9.92 14.43 -19.39
CA LEU C 430 8.87 14.27 -18.40
C LEU C 430 7.57 14.82 -18.99
N GLY C 431 7.63 16.01 -19.57
CA GLY C 431 6.48 16.64 -20.19
C GLY C 431 5.73 15.71 -21.12
N ALA C 432 6.47 15.01 -21.98
CA ALA C 432 5.88 14.07 -22.91
C ALA C 432 5.16 12.94 -22.16
N THR C 433 5.81 12.42 -21.13
CA THR C 433 5.26 11.33 -20.33
C THR C 433 3.98 11.74 -19.60
N LEU C 434 3.97 12.95 -19.04
CA LEU C 434 2.80 13.44 -18.36
C LEU C 434 1.66 13.48 -19.36
N LEU C 435 1.86 14.27 -20.42
CA LEU C 435 0.84 14.40 -21.44
C LEU C 435 0.45 13.07 -22.11
N ALA C 436 1.38 12.14 -22.22
CA ALA C 436 1.06 10.86 -22.84
C ALA C 436 0.03 10.07 -22.03
N GLN C 437 0.03 10.18 -20.70
CA GLN C 437 -0.96 9.44 -19.93
C GLN C 437 -2.25 10.25 -19.99
N PHE C 438 -2.12 11.55 -19.75
CA PHE C 438 -3.27 12.43 -19.75
C PHE C 438 -3.98 12.39 -21.11
N LEU C 439 -3.35 11.79 -22.10
CA LEU C 439 -3.93 11.74 -23.42
C LEU C 439 -4.41 10.35 -23.81
N GLY C 440 -4.42 9.42 -22.85
CA GLY C 440 -4.87 8.08 -23.14
C GLY C 440 -3.81 7.05 -23.52
N GLY C 441 -2.55 7.47 -23.55
CA GLY C 441 -1.49 6.55 -23.92
C GLY C 441 -1.23 5.44 -22.91
N LYS C 442 -0.59 4.37 -23.39
CA LYS C 442 -0.24 3.21 -22.56
C LYS C 442 1.23 2.86 -22.83
N PRO C 443 1.96 2.36 -21.82
CA PRO C 443 3.37 1.98 -22.02
C PRO C 443 3.44 0.89 -23.09
N LEU C 444 4.22 1.15 -24.14
CA LEU C 444 4.34 0.22 -25.25
C LEU C 444 4.62 -1.23 -24.91
N TYR C 445 5.68 -1.49 -24.16
CA TYR C 445 6.03 -2.86 -23.78
C TYR C 445 4.88 -3.49 -22.99
N SER C 446 4.37 -2.77 -22.00
CA SER C 446 3.25 -3.26 -21.20
C SER C 446 2.06 -3.69 -22.08
N THR C 447 1.82 -2.95 -23.16
CA THR C 447 0.73 -3.26 -24.08
C THR C 447 1.07 -4.51 -24.88
N ILE C 448 2.26 -4.56 -25.46
CA ILE C 448 2.65 -5.74 -26.22
C ILE C 448 2.60 -7.01 -25.36
N LEU C 449 3.05 -6.91 -24.11
CA LEU C 449 3.03 -8.09 -23.25
C LEU C 449 1.56 -8.46 -23.04
N ALA C 450 0.77 -7.45 -22.69
CA ALA C 450 -0.65 -7.62 -22.47
C ALA C 450 -1.27 -8.37 -23.62
N ARG C 451 -0.93 -7.97 -24.85
CA ARG C 451 -1.49 -8.61 -26.02
C ARG C 451 -1.05 -10.06 -26.15
N THR C 452 0.17 -10.37 -25.72
CA THR C 452 0.65 -11.75 -25.84
C THR C 452 0.01 -12.66 -24.78
N LEU C 453 -0.18 -12.13 -23.57
CA LEU C 453 -0.83 -12.87 -22.48
C LEU C 453 -2.30 -13.03 -22.81
N ALA C 454 -2.85 -12.04 -23.52
CA ALA C 454 -4.24 -12.07 -23.92
C ALA C 454 -4.37 -13.14 -24.99
N LYS C 455 -3.56 -13.00 -26.04
CA LYS C 455 -3.59 -13.94 -27.15
C LYS C 455 -3.29 -15.36 -26.65
N GLN C 456 -2.39 -15.48 -25.67
CA GLN C 456 -2.03 -16.80 -25.16
C GLN C 456 -3.24 -17.61 -24.71
N ASP C 457 -3.75 -17.30 -23.52
CA ASP C 457 -4.89 -18.04 -22.98
C ASP C 457 -6.04 -18.15 -23.97
N ALA C 458 -6.20 -17.15 -24.82
CA ALA C 458 -7.26 -17.17 -25.81
C ALA C 458 -7.10 -18.34 -26.78
N GLU C 459 -6.03 -18.32 -27.58
CA GLU C 459 -5.79 -19.39 -28.55
C GLU C 459 -6.05 -20.74 -27.90
N GLN C 460 -5.17 -21.07 -26.96
CA GLN C 460 -5.25 -22.33 -26.23
C GLN C 460 -6.55 -22.58 -25.49
N GLN D 12 -6.05 -23.23 -13.82
CA GLN D 12 -7.08 -22.28 -13.42
C GLN D 12 -6.49 -21.00 -12.80
N ILE D 13 -5.47 -21.17 -11.96
CA ILE D 13 -4.81 -20.05 -11.28
C ILE D 13 -3.98 -19.20 -12.23
N VAL D 14 -3.38 -19.82 -13.24
CA VAL D 14 -2.57 -19.07 -14.19
C VAL D 14 -3.44 -18.25 -15.14
N ARG D 15 -4.56 -18.82 -15.59
CA ARG D 15 -5.45 -18.09 -16.49
C ARG D 15 -5.99 -16.88 -15.75
N LEU D 16 -6.04 -17.01 -14.44
CA LEU D 16 -6.51 -15.96 -13.56
C LEU D 16 -5.43 -14.91 -13.31
N ARG D 17 -4.23 -15.35 -12.95
CA ARG D 17 -3.14 -14.41 -12.71
C ARG D 17 -2.83 -13.58 -13.95
N ARG D 18 -3.26 -14.06 -15.13
CA ARG D 18 -3.02 -13.32 -16.37
C ARG D 18 -4.00 -12.17 -16.46
N ARG D 19 -5.26 -12.45 -16.14
CA ARG D 19 -6.29 -11.42 -16.16
C ARG D 19 -5.76 -10.27 -15.32
N ASP D 20 -5.59 -10.55 -14.03
CA ASP D 20 -5.13 -9.57 -13.06
C ASP D 20 -3.82 -8.88 -13.43
N GLN D 21 -2.97 -9.53 -14.22
CA GLN D 21 -1.72 -8.89 -14.56
C GLN D 21 -1.81 -7.94 -15.76
N ILE D 22 -2.69 -8.23 -16.71
CA ILE D 22 -2.79 -7.32 -17.85
C ILE D 22 -3.42 -6.01 -17.37
N ARG D 23 -4.08 -6.04 -16.23
CA ARG D 23 -4.69 -4.84 -15.67
C ARG D 23 -3.59 -3.99 -15.03
N ARG D 24 -2.81 -4.59 -14.12
CA ARG D 24 -1.73 -3.87 -13.43
C ARG D 24 -0.78 -3.26 -14.47
N LEU D 25 -0.77 -3.85 -15.67
CA LEU D 25 0.10 -3.42 -16.75
C LEU D 25 -0.43 -2.28 -17.60
N LEU D 26 -1.64 -2.46 -18.11
CA LEU D 26 -2.29 -1.47 -18.96
C LEU D 26 -2.71 -0.24 -18.13
N GLN D 27 -2.24 -0.18 -16.89
CA GLN D 27 -2.54 0.93 -16.00
C GLN D 27 -1.34 1.29 -15.13
N ARG D 28 -0.18 0.72 -15.49
CA ARG D 28 1.08 0.97 -14.81
C ARG D 28 1.31 2.48 -14.78
N ASP D 29 2.02 2.94 -13.75
CA ASP D 29 2.30 4.37 -13.56
C ASP D 29 1.26 5.27 -14.26
N LYS D 30 0.26 5.63 -13.47
CA LYS D 30 -0.84 6.48 -13.89
C LYS D 30 -1.01 7.27 -12.60
N THR D 31 -0.87 8.58 -12.67
CA THR D 31 -0.99 9.37 -11.46
C THR D 31 -2.15 10.35 -11.47
N PRO D 32 -2.93 10.34 -10.39
CA PRO D 32 -4.09 11.24 -10.25
C PRO D 32 -3.63 12.69 -10.46
N LEU D 33 -4.38 13.44 -11.27
CA LEU D 33 -4.00 14.81 -11.61
C LEU D 33 -3.86 15.77 -10.46
N ALA D 34 -4.57 15.50 -9.37
CA ALA D 34 -4.47 16.38 -8.22
C ALA D 34 -3.07 16.28 -7.62
N ILE D 35 -2.63 15.05 -7.38
CA ILE D 35 -1.31 14.82 -6.82
C ILE D 35 -0.27 15.43 -7.73
N LEU D 36 -0.44 15.15 -9.01
CA LEU D 36 0.47 15.64 -10.02
C LEU D 36 0.54 17.16 -9.92
N PHE D 37 -0.60 17.81 -9.98
CA PHE D 37 -0.64 19.26 -9.89
C PHE D 37 0.07 19.77 -8.64
N MET D 38 -0.24 19.16 -7.49
CA MET D 38 0.33 19.56 -6.20
C MET D 38 1.82 19.26 -6.01
N ALA D 39 2.28 18.18 -6.62
CA ALA D 39 3.68 17.83 -6.55
C ALA D 39 4.44 19.03 -7.14
N ALA D 40 3.90 19.60 -8.20
CA ALA D 40 4.51 20.76 -8.83
C ALA D 40 4.53 21.93 -7.86
N VAL D 41 3.40 22.20 -7.22
CA VAL D 41 3.31 23.29 -6.26
C VAL D 41 4.31 23.07 -5.14
N VAL D 42 4.30 21.86 -4.59
CA VAL D 42 5.21 21.48 -3.51
C VAL D 42 6.67 21.59 -3.90
N GLY D 43 6.97 21.28 -5.15
CA GLY D 43 8.35 21.35 -5.62
C GLY D 43 8.85 22.79 -5.72
N THR D 44 7.99 23.65 -6.23
CA THR D 44 8.29 25.07 -6.41
C THR D 44 8.52 25.71 -5.05
N LEU D 45 7.58 25.46 -4.17
CA LEU D 45 7.61 25.98 -2.82
C LEU D 45 8.87 25.56 -2.06
N THR D 46 9.29 24.31 -2.27
CA THR D 46 10.49 23.75 -1.62
C THR D 46 11.76 24.41 -2.13
N GLY D 47 11.80 24.68 -3.44
CA GLY D 47 12.97 25.32 -4.02
C GLY D 47 13.09 26.74 -3.48
N LEU D 48 11.95 27.43 -3.37
CA LEU D 48 11.98 28.79 -2.84
C LEU D 48 12.53 28.75 -1.44
N VAL D 49 11.80 28.11 -0.53
CA VAL D 49 12.27 28.02 0.85
C VAL D 49 13.64 27.40 0.88
N GLY D 50 13.91 26.56 -0.11
CA GLY D 50 15.19 25.91 -0.18
C GLY D 50 16.30 26.92 -0.44
N VAL D 51 16.20 27.65 -1.53
CA VAL D 51 17.23 28.62 -1.85
C VAL D 51 17.24 29.74 -0.79
N ALA D 52 16.08 30.01 -0.20
CA ALA D 52 15.95 31.05 0.82
C ALA D 52 16.86 30.71 2.01
N PHE D 53 16.86 29.44 2.39
CA PHE D 53 17.65 28.95 3.50
C PHE D 53 19.14 29.11 3.19
N GLU D 54 19.50 28.70 1.97
CA GLU D 54 20.87 28.77 1.50
C GLU D 54 21.38 30.20 1.57
N LYS D 55 20.54 31.15 1.16
CA LYS D 55 20.92 32.54 1.19
C LYS D 55 21.07 32.95 2.64
N ALA D 56 20.11 32.54 3.47
CA ALA D 56 20.12 32.88 4.89
C ALA D 56 21.37 32.37 5.61
N VAL D 57 21.76 31.13 5.37
CA VAL D 57 22.94 30.58 6.02
C VAL D 57 24.18 31.35 5.59
N SER D 58 24.23 31.68 4.30
CA SER D 58 25.35 32.42 3.74
C SER D 58 25.42 33.82 4.37
N TRP D 59 24.25 34.37 4.67
CA TRP D 59 24.15 35.68 5.28
C TRP D 59 24.78 35.64 6.66
N VAL D 60 24.21 34.82 7.55
CA VAL D 60 24.72 34.69 8.91
C VAL D 60 26.22 34.46 8.91
N GLN D 61 26.74 33.85 7.85
CA GLN D 61 28.18 33.60 7.79
C GLN D 61 28.96 34.85 7.43
N ASN D 62 28.35 35.71 6.63
CA ASN D 62 29.01 36.96 6.23
C ASN D 62 29.02 37.92 7.43
N MET D 63 27.88 38.05 8.11
CA MET D 63 27.77 38.89 9.30
C MET D 63 28.98 38.57 10.16
N ARG D 64 29.06 37.31 10.54
CA ARG D 64 30.12 36.79 11.37
C ARG D 64 31.50 37.09 10.81
N ILE D 65 31.89 36.40 9.74
CA ILE D 65 33.19 36.59 9.12
C ILE D 65 33.51 38.04 8.75
N GLY D 66 32.48 38.86 8.55
CA GLY D 66 32.70 40.24 8.19
C GLY D 66 32.89 41.13 9.40
N ALA D 67 32.02 40.97 10.39
CA ALA D 67 32.10 41.75 11.62
C ALA D 67 33.17 41.15 12.53
N LEU D 68 33.92 40.19 12.01
CA LEU D 68 34.96 39.54 12.78
C LEU D 68 36.31 39.97 12.22
N VAL D 69 36.28 40.46 10.99
CA VAL D 69 37.50 40.88 10.33
C VAL D 69 37.78 42.35 10.59
N GLN D 70 36.90 43.01 11.34
CA GLN D 70 37.11 44.42 11.66
C GLN D 70 38.03 44.49 12.88
N VAL D 71 37.92 43.49 13.75
CA VAL D 71 38.76 43.42 14.92
C VAL D 71 39.93 42.50 14.53
N ALA D 72 40.27 42.54 13.25
CA ALA D 72 41.35 41.73 12.70
C ALA D 72 42.71 42.02 13.33
N ASP D 73 43.05 43.30 13.46
CA ASP D 73 44.32 43.71 14.04
C ASP D 73 44.37 43.70 15.56
N HIS D 74 43.29 43.27 16.19
CA HIS D 74 43.21 43.20 17.65
C HIS D 74 43.28 41.75 18.10
N ALA D 75 44.45 41.14 17.97
CA ALA D 75 44.68 39.75 18.34
C ALA D 75 43.90 39.21 19.56
N PHE D 76 43.73 40.04 20.60
CA PHE D 76 43.01 39.60 21.79
C PHE D 76 41.50 39.81 21.69
N LEU D 77 41.07 40.67 20.78
CA LEU D 77 39.65 40.90 20.59
C LEU D 77 39.17 40.08 19.40
N LEU D 78 39.98 39.08 19.04
CA LEU D 78 39.64 38.21 17.92
C LEU D 78 39.25 36.83 18.42
N TRP D 79 40.19 36.10 19.03
CA TRP D 79 39.84 34.78 19.53
C TRP D 79 38.55 34.75 20.35
N PRO D 80 38.32 35.78 21.20
CA PRO D 80 37.11 35.83 22.02
C PRO D 80 35.84 35.89 21.15
N LEU D 81 35.85 36.74 20.13
CA LEU D 81 34.69 36.85 19.25
C LEU D 81 34.48 35.59 18.44
N ALA D 82 35.56 35.08 17.84
CA ALA D 82 35.49 33.87 17.06
C ALA D 82 34.73 32.82 17.86
N PHE D 83 34.98 32.77 19.16
CA PHE D 83 34.32 31.81 20.01
C PHE D 83 32.88 32.20 20.27
N ILE D 84 32.68 33.36 20.90
CA ILE D 84 31.34 33.84 21.20
C ILE D 84 30.36 33.82 20.03
N LEU D 85 30.67 34.53 18.94
CA LEU D 85 29.79 34.56 17.76
C LEU D 85 29.28 33.19 17.36
N SER D 86 30.21 32.27 17.10
CA SER D 86 29.82 30.92 16.72
C SER D 86 29.07 30.27 17.87
N ALA D 87 29.54 30.48 19.10
CA ALA D 87 28.91 29.92 20.29
C ALA D 87 27.46 30.36 20.46
N LEU D 88 27.20 31.66 20.31
CA LEU D 88 25.85 32.18 20.43
C LEU D 88 24.99 31.58 19.33
N LEU D 89 25.37 31.84 18.09
CA LEU D 89 24.66 31.31 16.91
C LEU D 89 24.33 29.84 17.08
N ALA D 90 25.33 29.04 17.41
CA ALA D 90 25.08 27.63 17.62
C ALA D 90 24.04 27.47 18.71
N MET D 91 24.24 28.12 19.85
CA MET D 91 23.27 28.00 20.92
C MET D 91 21.87 28.30 20.45
N VAL D 92 21.71 29.31 19.61
CA VAL D 92 20.39 29.66 19.08
C VAL D 92 19.76 28.41 18.47
N GLY D 93 20.56 27.68 17.71
CA GLY D 93 20.11 26.46 17.06
C GLY D 93 19.73 25.38 18.05
N TYR D 94 20.65 25.03 18.92
CA TYR D 94 20.36 24.00 19.92
C TYR D 94 19.14 24.34 20.76
N PHE D 95 19.07 25.58 21.22
CA PHE D 95 17.94 25.99 22.05
C PHE D 95 16.61 25.78 21.35
N LEU D 96 16.40 26.48 20.23
CA LEU D 96 15.15 26.38 19.48
C LEU D 96 14.73 24.94 19.26
N VAL D 97 15.71 24.06 19.09
CA VAL D 97 15.41 22.67 18.87
C VAL D 97 14.88 22.00 20.13
N ARG D 98 15.71 22.03 21.18
CA ARG D 98 15.37 21.45 22.46
C ARG D 98 14.05 21.91 23.07
N LYS D 99 13.72 23.19 22.87
CA LYS D 99 12.48 23.72 23.43
C LYS D 99 11.24 23.59 22.55
N PHE D 100 11.27 24.15 21.34
CA PHE D 100 10.12 24.14 20.43
C PHE D 100 9.89 22.94 19.52
N ALA D 101 10.95 22.32 18.98
CA ALA D 101 10.75 21.20 18.09
C ALA D 101 11.95 20.27 17.99
N PRO D 102 11.99 19.25 18.87
CA PRO D 102 13.04 18.23 18.98
C PRO D 102 13.36 17.44 17.71
N GLU D 103 12.31 17.01 16.99
CA GLU D 103 12.51 16.23 15.77
C GLU D 103 13.30 16.99 14.70
N ALA D 104 13.43 18.30 14.88
CA ALA D 104 14.16 19.15 13.95
C ALA D 104 15.66 19.13 14.23
N GLY D 105 16.04 18.51 15.33
CA GLY D 105 17.45 18.43 15.64
C GLY D 105 18.02 17.34 14.76
N GLY D 106 19.34 17.24 14.69
CA GLY D 106 19.97 16.22 13.88
C GLY D 106 19.75 16.36 12.38
N SER D 107 19.95 15.27 11.67
CA SER D 107 19.81 15.20 10.22
C SER D 107 18.45 15.62 9.72
N GLY D 108 17.42 14.92 10.16
CA GLY D 108 16.07 15.23 9.74
C GLY D 108 15.53 14.22 8.75
N ILE D 109 16.43 13.57 8.00
CA ILE D 109 15.98 12.60 7.04
C ILE D 109 15.35 11.39 7.69
N PRO D 110 15.93 10.93 8.81
CA PRO D 110 15.33 9.77 9.46
C PRO D 110 13.89 10.05 9.95
N GLU D 111 13.54 11.32 10.11
CA GLU D 111 12.17 11.66 10.53
C GLU D 111 11.27 11.61 9.30
N ILE D 112 11.71 12.21 8.21
CA ILE D 112 10.93 12.16 6.99
C ILE D 112 10.75 10.70 6.60
N GLU D 113 11.74 9.89 6.90
CA GLU D 113 11.66 8.48 6.60
C GLU D 113 10.59 7.84 7.50
N GLY D 114 10.57 8.26 8.76
CA GLY D 114 9.57 7.73 9.66
C GLY D 114 8.17 8.14 9.24
N ALA D 115 8.02 9.39 8.82
CA ALA D 115 6.72 9.89 8.38
C ALA D 115 6.19 9.04 7.24
N LEU D 116 7.04 8.68 6.29
CA LEU D 116 6.59 7.86 5.18
C LEU D 116 6.20 6.45 5.60
N GLU D 117 6.39 6.12 6.86
CA GLU D 117 6.06 4.78 7.31
C GLU D 117 5.04 4.70 8.42
N GLU D 118 4.38 5.83 8.69
CA GLU D 118 3.35 5.90 9.72
C GLU D 118 3.93 5.87 11.12
N LEU D 119 5.24 5.77 11.23
CA LEU D 119 5.91 5.70 12.53
C LEU D 119 6.29 7.04 13.10
N ARG D 120 6.05 8.10 12.37
CA ARG D 120 6.52 9.37 12.86
C ARG D 120 5.70 10.52 12.30
N PRO D 121 5.26 11.42 13.17
CA PRO D 121 4.46 12.61 12.82
C PRO D 121 5.27 13.71 12.13
N VAL D 122 4.58 14.54 11.36
CA VAL D 122 5.20 15.64 10.65
C VAL D 122 4.57 16.92 11.14
N ARG D 123 5.11 17.49 12.22
CA ARG D 123 4.57 18.71 12.80
C ARG D 123 5.15 19.96 12.15
N TRP D 124 4.77 20.17 10.89
CA TRP D 124 5.28 21.30 10.12
C TRP D 124 5.17 22.67 10.73
N TRP D 125 4.20 22.86 11.62
CA TRP D 125 4.00 24.16 12.26
C TRP D 125 5.15 24.57 13.15
N ARG D 126 5.80 23.59 13.77
CA ARG D 126 6.95 23.92 14.59
C ARG D 126 8.29 23.59 13.94
N VAL D 127 8.34 22.53 13.13
CA VAL D 127 9.60 22.15 12.49
C VAL D 127 10.06 23.12 11.38
N LEU D 128 9.12 23.60 10.56
CA LEU D 128 9.49 24.52 9.49
C LEU D 128 10.31 25.73 9.96
N PRO D 129 9.81 26.52 10.93
CA PRO D 129 10.55 27.69 11.43
C PRO D 129 11.74 27.28 12.29
N VAL D 130 11.53 26.31 13.17
CA VAL D 130 12.62 25.85 14.03
C VAL D 130 13.84 25.45 13.23
N LYS D 131 13.66 24.48 12.32
CA LYS D 131 14.73 23.93 11.49
C LYS D 131 15.40 25.00 10.66
N PHE D 132 14.59 25.91 10.13
CA PHE D 132 15.10 26.98 9.31
C PHE D 132 16.07 27.83 10.13
N ILE D 133 15.54 28.54 11.13
CA ILE D 133 16.36 29.39 11.98
C ILE D 133 17.43 28.58 12.70
N GLY D 134 17.05 27.40 13.20
CA GLY D 134 18.02 26.57 13.90
C GLY D 134 19.20 26.26 13.00
N GLY D 135 18.90 25.85 11.77
CA GLY D 135 19.94 25.52 10.81
C GLY D 135 20.69 26.76 10.41
N MET D 136 19.99 27.88 10.39
CA MET D 136 20.59 29.14 10.03
C MET D 136 21.64 29.53 11.06
N GLY D 137 21.40 29.15 12.31
CA GLY D 137 22.34 29.44 13.37
C GLY D 137 23.54 28.51 13.34
N THR D 138 23.30 27.22 13.58
CA THR D 138 24.36 26.20 13.59
C THR D 138 25.22 26.13 12.33
N LEU D 139 24.63 26.42 11.19
CA LEU D 139 25.38 26.37 9.94
C LEU D 139 26.15 27.68 9.73
N GLY D 140 25.51 28.79 10.07
CA GLY D 140 26.13 30.09 9.93
C GLY D 140 27.25 30.23 10.94
N ALA D 141 27.19 29.38 11.98
CA ALA D 141 28.19 29.36 13.03
C ALA D 141 29.50 28.90 12.43
N GLY D 142 29.44 27.88 11.58
CA GLY D 142 30.65 27.37 10.95
C GLY D 142 30.82 25.90 11.25
N MET D 143 29.88 25.35 12.02
CA MET D 143 29.91 23.94 12.39
C MET D 143 29.92 23.04 11.15
N VAL D 144 30.46 21.84 11.32
CA VAL D 144 30.54 20.87 10.23
C VAL D 144 29.20 20.19 10.01
N LEU D 145 28.29 20.88 9.33
CA LEU D 145 26.98 20.35 9.07
C LEU D 145 26.58 20.60 7.63
N GLY D 146 25.73 19.74 7.10
CA GLY D 146 25.28 19.91 5.73
C GLY D 146 23.95 20.63 5.68
N ARG D 147 23.65 21.23 4.53
CA ARG D 147 22.41 21.96 4.37
C ARG D 147 21.24 21.09 3.87
N GLU D 148 21.54 19.85 3.48
CA GLU D 148 20.50 18.96 3.00
C GLU D 148 19.65 18.48 4.16
N GLY D 149 20.27 18.32 5.32
CA GLY D 149 19.53 17.90 6.50
C GLY D 149 18.27 18.73 6.55
N PRO D 150 18.41 20.03 6.81
CA PRO D 150 17.26 20.91 6.86
C PRO D 150 16.38 20.89 5.61
N THR D 151 16.98 21.14 4.43
CA THR D 151 16.17 21.18 3.20
C THR D 151 15.32 19.96 2.93
N VAL D 152 15.84 18.76 3.18
CA VAL D 152 15.04 17.58 2.94
C VAL D 152 13.90 17.51 3.94
N GLN D 153 14.17 17.87 5.19
CA GLN D 153 13.14 17.83 6.22
C GLN D 153 12.17 18.96 5.97
N ILE D 154 12.71 20.13 5.61
CA ILE D 154 11.87 21.28 5.33
C ILE D 154 10.97 20.94 4.15
N GLY D 155 11.56 20.31 3.12
CA GLY D 155 10.82 19.94 1.94
C GLY D 155 9.71 18.96 2.30
N GLY D 156 10.07 17.96 3.12
CA GLY D 156 9.11 16.97 3.56
C GLY D 156 7.98 17.64 4.31
N ASN D 157 8.31 18.56 5.22
CA ASN D 157 7.30 19.28 5.98
C ASN D 157 6.46 20.19 5.12
N LEU D 158 7.09 20.92 4.20
CA LEU D 158 6.34 21.80 3.30
C LEU D 158 5.30 20.95 2.58
N GLY D 159 5.72 19.76 2.18
CA GLY D 159 4.82 18.85 1.49
C GLY D 159 3.61 18.50 2.32
N ARG D 160 3.83 18.14 3.57
CA ARG D 160 2.73 17.80 4.45
C ARG D 160 1.85 19.02 4.70
N MET D 161 2.47 20.19 4.81
CA MET D 161 1.70 21.41 5.06
C MET D 161 0.68 21.57 3.96
N VAL D 162 1.19 21.80 2.75
CA VAL D 162 0.36 21.97 1.57
C VAL D 162 -0.76 20.94 1.55
N LEU D 163 -0.36 19.71 1.78
CA LEU D 163 -1.28 18.60 1.80
C LEU D 163 -2.42 18.85 2.79
N ASP D 164 -2.11 19.41 3.96
CA ASP D 164 -3.12 19.68 4.98
C ASP D 164 -4.04 20.85 4.68
N VAL D 165 -3.48 21.95 4.20
CA VAL D 165 -4.30 23.11 3.91
C VAL D 165 -5.25 22.89 2.76
N PHE D 166 -4.93 22.01 1.81
CA PHE D 166 -5.88 21.78 0.72
C PHE D 166 -6.76 20.58 0.99
N ARG D 167 -6.50 19.94 2.12
CA ARG D 167 -7.27 18.79 2.56
C ARG D 167 -7.22 17.50 1.72
N MET D 168 -6.01 17.08 1.35
CA MET D 168 -5.82 15.84 0.60
C MET D 168 -5.39 14.77 1.61
N ARG D 169 -6.27 13.79 1.80
CA ARG D 169 -6.06 12.73 2.76
C ARG D 169 -5.77 11.35 2.16
N SER D 170 -5.78 11.25 0.84
CA SER D 170 -5.53 9.96 0.22
C SER D 170 -4.12 9.52 0.52
N ALA D 171 -3.96 8.28 0.98
CA ALA D 171 -2.65 7.78 1.33
C ALA D 171 -1.62 8.07 0.25
N GLU D 172 -2.05 8.00 -1.00
CA GLU D 172 -1.14 8.26 -2.13
C GLU D 172 -0.73 9.74 -2.23
N ALA D 173 -1.66 10.65 -1.99
CA ALA D 173 -1.31 12.05 -2.05
C ALA D 173 -0.38 12.33 -0.90
N ARG D 174 -0.65 11.72 0.24
CA ARG D 174 0.18 11.92 1.40
C ARG D 174 1.59 11.39 1.24
N HIS D 175 1.73 10.14 0.82
CA HIS D 175 3.05 9.58 0.63
C HIS D 175 3.81 10.22 -0.53
N THR D 176 3.10 10.58 -1.59
CA THR D 176 3.76 11.18 -2.73
C THR D 176 4.27 12.59 -2.47
N LEU D 177 3.45 13.47 -1.90
CA LEU D 177 3.93 14.83 -1.70
C LEU D 177 4.99 14.94 -0.61
N LEU D 178 4.93 14.06 0.38
CA LEU D 178 5.93 14.09 1.44
C LEU D 178 7.28 13.74 0.78
N ALA D 179 7.27 12.68 -0.02
CA ALA D 179 8.46 12.22 -0.73
C ALA D 179 8.91 13.23 -1.79
N THR D 180 7.96 13.92 -2.38
CA THR D 180 8.29 14.90 -3.41
C THR D 180 8.99 16.05 -2.73
N GLY D 181 8.54 16.39 -1.52
CA GLY D 181 9.16 17.48 -0.81
C GLY D 181 10.59 17.09 -0.47
N ALA D 182 10.78 15.85 -0.02
CA ALA D 182 12.11 15.36 0.34
C ALA D 182 13.07 15.42 -0.85
N ALA D 183 12.64 14.85 -1.98
CA ALA D 183 13.47 14.83 -3.20
C ALA D 183 13.78 16.25 -3.72
N ALA D 184 12.78 17.11 -3.72
CA ALA D 184 12.99 18.48 -4.17
C ALA D 184 13.98 19.17 -3.24
N GLY D 185 13.98 18.76 -1.97
CA GLY D 185 14.88 19.34 -0.99
C GLY D 185 16.31 18.89 -1.19
N LEU D 186 16.47 17.60 -1.47
CA LEU D 186 17.79 17.02 -1.70
C LEU D 186 18.44 17.60 -2.95
N SER D 187 17.65 17.88 -3.98
CA SER D 187 18.21 18.42 -5.20
C SER D 187 18.47 19.90 -5.05
N ALA D 188 17.81 20.53 -4.10
CA ALA D 188 18.02 21.96 -3.87
C ALA D 188 19.34 22.12 -3.14
N ALA D 189 19.65 21.17 -2.26
CA ALA D 189 20.90 21.23 -1.53
C ALA D 189 22.12 21.02 -2.43
N PHE D 190 21.98 20.32 -3.55
CA PHE D 190 23.14 20.09 -4.44
C PHE D 190 22.90 20.45 -5.89
N ASN D 191 21.75 21.03 -6.19
CA ASN D 191 21.42 21.36 -7.56
C ASN D 191 21.62 20.06 -8.36
N ALA D 192 21.08 18.99 -7.78
CA ALA D 192 21.18 17.68 -8.36
C ALA D 192 19.80 17.03 -8.51
N PRO D 193 19.05 17.38 -9.58
CA PRO D 193 17.71 16.81 -9.80
C PRO D 193 17.69 15.29 -9.83
N LEU D 194 18.47 14.67 -10.71
CA LEU D 194 18.50 13.22 -10.80
C LEU D 194 18.80 12.55 -9.48
N ALA D 195 19.70 13.13 -8.69
CA ALA D 195 20.03 12.52 -7.41
C ALA D 195 18.84 12.51 -6.48
N GLY D 196 18.15 13.64 -6.41
CA GLY D 196 16.98 13.76 -5.56
C GLY D 196 15.96 12.70 -5.88
N ILE D 197 15.57 12.61 -7.14
CA ILE D 197 14.59 11.61 -7.55
C ILE D 197 15.11 10.22 -7.30
N LEU D 198 16.42 10.03 -7.45
CA LEU D 198 16.99 8.70 -7.25
C LEU D 198 17.06 8.26 -5.82
N PHE D 199 17.31 9.21 -4.91
CA PHE D 199 17.39 8.88 -3.51
C PHE D 199 16.07 8.24 -3.08
N ILE D 200 14.98 8.66 -3.71
CA ILE D 200 13.64 8.16 -3.37
C ILE D 200 13.40 6.78 -3.94
N ILE D 201 13.69 6.61 -5.23
CA ILE D 201 13.50 5.33 -5.89
C ILE D 201 14.31 4.24 -5.21
N GLU D 202 15.57 4.54 -4.96
CA GLU D 202 16.49 3.60 -4.34
C GLU D 202 16.23 3.40 -2.86
N GLU D 203 15.48 4.28 -2.21
CA GLU D 203 15.25 4.10 -0.78
C GLU D 203 13.81 3.80 -0.37
N MET D 204 12.88 3.80 -1.30
CA MET D 204 11.48 3.54 -0.94
C MET D 204 10.82 2.40 -1.72
N ARG D 205 11.59 1.45 -2.24
CA ARG D 205 11.00 0.37 -3.03
C ARG D 205 9.62 -0.06 -2.52
N PRO D 206 9.51 -0.36 -1.23
CA PRO D 206 8.23 -0.79 -0.66
C PRO D 206 7.09 0.21 -0.90
N GLN D 207 7.39 1.50 -0.81
CA GLN D 207 6.38 2.52 -1.07
C GLN D 207 5.81 2.36 -2.48
N PHE D 208 6.62 1.91 -3.42
CA PHE D 208 6.14 1.76 -4.79
C PHE D 208 5.46 0.43 -5.01
N ARG D 209 5.84 -0.58 -4.23
CA ARG D 209 5.23 -1.87 -4.42
C ARG D 209 3.76 -1.68 -4.08
N TYR D 210 3.48 -0.90 -3.04
CA TYR D 210 2.10 -0.54 -2.68
C TYR D 210 2.08 0.62 -3.64
N ASN D 211 0.96 0.97 -4.22
CA ASN D 211 1.00 2.03 -5.21
C ASN D 211 0.91 3.44 -4.62
N LEU D 212 1.74 3.73 -3.61
CA LEU D 212 1.73 5.01 -2.90
C LEU D 212 2.54 6.17 -3.46
N ILE D 213 3.60 5.89 -4.21
CA ILE D 213 4.39 6.96 -4.79
C ILE D 213 4.47 6.78 -6.31
N SER D 214 4.62 7.88 -7.02
CA SER D 214 4.75 7.80 -8.47
C SER D 214 5.99 8.58 -8.87
N ILE D 215 6.79 7.99 -9.75
CA ILE D 215 8.00 8.65 -10.21
C ILE D 215 7.68 9.98 -10.89
N LYS D 216 6.62 10.01 -11.68
CA LYS D 216 6.22 11.22 -12.38
C LYS D 216 5.96 12.37 -11.41
N ALA D 217 5.23 12.09 -10.33
CA ALA D 217 4.92 13.11 -9.34
C ALA D 217 6.20 13.67 -8.70
N VAL D 218 7.01 12.78 -8.17
CA VAL D 218 8.24 13.19 -7.55
C VAL D 218 9.12 13.96 -8.54
N PHE D 219 9.16 13.49 -9.79
CA PHE D 219 9.98 14.13 -10.82
C PHE D 219 9.48 15.53 -11.13
N THR D 220 8.17 15.66 -11.19
CA THR D 220 7.54 16.94 -11.43
C THR D 220 8.00 17.88 -10.32
N GLY D 221 7.81 17.46 -9.08
CA GLY D 221 8.24 18.30 -7.97
C GLY D 221 9.73 18.64 -8.01
N VAL D 222 10.56 17.64 -8.23
CA VAL D 222 11.98 17.88 -8.26
C VAL D 222 12.37 18.86 -9.36
N ILE D 223 11.81 18.69 -10.55
CA ILE D 223 12.21 19.61 -11.59
C ILE D 223 11.75 21.04 -11.32
N MET D 224 10.69 21.22 -10.54
CA MET D 224 10.28 22.60 -10.27
C MET D 224 11.33 23.25 -9.38
N SER D 225 11.80 22.52 -8.37
CA SER D 225 12.80 23.10 -7.49
C SER D 225 14.09 23.36 -8.25
N SER D 226 14.38 22.51 -9.22
CA SER D 226 15.58 22.67 -10.01
C SER D 226 15.50 23.96 -10.79
N ILE D 227 14.31 24.29 -11.28
CA ILE D 227 14.17 25.52 -12.03
C ILE D 227 14.31 26.75 -11.13
N VAL D 228 13.64 26.78 -9.98
CA VAL D 228 13.75 27.96 -9.12
C VAL D 228 15.21 28.15 -8.73
N PHE D 229 15.94 27.06 -8.59
CA PHE D 229 17.33 27.15 -8.24
C PHE D 229 18.04 27.99 -9.31
N ARG D 230 17.87 27.62 -10.57
CA ARG D 230 18.51 28.33 -11.69
C ARG D 230 18.09 29.77 -11.72
N ILE D 231 16.81 30.01 -11.44
CA ILE D 231 16.31 31.37 -11.42
C ILE D 231 17.09 32.22 -10.42
N PHE D 232 17.34 31.69 -9.22
CA PHE D 232 18.05 32.44 -8.21
C PHE D 232 19.56 32.24 -8.15
N ASN D 233 20.09 31.27 -8.88
CA ASN D 233 21.53 31.01 -8.80
C ASN D 233 22.30 30.89 -10.09
N GLY D 234 21.62 30.88 -11.23
CA GLY D 234 22.32 30.78 -12.49
C GLY D 234 22.98 29.43 -12.79
N GLU D 235 23.72 29.41 -13.89
CA GLU D 235 24.42 28.22 -14.36
C GLU D 235 25.60 27.79 -13.48
N ALA D 236 26.23 28.75 -12.82
CA ALA D 236 27.38 28.48 -11.95
C ALA D 236 27.13 27.28 -11.02
N PRO D 237 27.91 26.20 -11.18
CA PRO D 237 27.85 24.95 -10.40
C PRO D 237 28.33 25.10 -8.95
N ILE D 238 27.76 24.31 -8.05
CA ILE D 238 28.13 24.37 -6.63
C ILE D 238 29.65 24.30 -6.50
N ILE D 239 30.27 23.28 -7.09
CA ILE D 239 31.72 23.15 -7.04
C ILE D 239 32.25 22.82 -8.43
N GLU D 240 33.40 23.39 -8.76
CA GLU D 240 34.01 23.19 -10.06
C GLU D 240 35.31 22.41 -9.95
N VAL D 241 35.33 21.20 -10.46
CA VAL D 241 36.54 20.38 -10.49
C VAL D 241 36.98 20.64 -11.93
N GLY D 242 38.05 20.03 -12.39
CA GLY D 242 38.42 20.27 -13.78
C GLY D 242 37.94 19.11 -14.63
N LYS D 243 38.58 18.92 -15.77
CA LYS D 243 38.27 17.79 -16.64
C LYS D 243 39.35 16.87 -16.12
N LEU D 244 39.01 15.91 -15.28
CA LEU D 244 40.03 15.01 -14.78
C LEU D 244 40.42 14.06 -15.89
N SER D 245 41.54 13.36 -15.72
CA SER D 245 41.98 12.44 -16.74
C SER D 245 41.06 11.23 -16.88
N ASP D 246 41.40 10.36 -17.84
CA ASP D 246 40.64 9.14 -18.08
C ASP D 246 41.00 8.08 -17.06
N ALA D 247 40.34 6.93 -17.15
CA ALA D 247 40.61 5.82 -16.24
C ALA D 247 40.69 4.52 -17.02
N PRO D 248 41.85 4.24 -17.63
CA PRO D 248 42.08 3.03 -18.40
C PRO D 248 41.69 1.76 -17.67
N VAL D 249 41.28 0.77 -18.45
CA VAL D 249 40.83 -0.53 -17.94
C VAL D 249 41.76 -1.16 -16.91
N ASN D 250 43.07 -1.00 -17.15
CA ASN D 250 44.09 -1.56 -16.27
C ASN D 250 44.19 -0.85 -14.92
N THR D 251 43.37 0.18 -14.74
CA THR D 251 43.36 0.96 -13.50
C THR D 251 42.28 0.49 -12.53
N LEU D 252 41.12 0.17 -13.08
CA LEU D 252 39.97 -0.27 -12.29
C LEU D 252 40.19 -1.13 -11.04
N TRP D 253 40.96 -2.22 -11.12
CA TRP D 253 41.15 -3.06 -9.92
C TRP D 253 41.48 -2.20 -8.67
N LEU D 254 42.17 -1.09 -8.88
CA LEU D 254 42.52 -0.22 -7.77
C LEU D 254 41.27 0.27 -7.06
N TYR D 255 40.33 0.83 -7.83
CA TYR D 255 39.06 1.34 -7.30
C TYR D 255 38.28 0.29 -6.50
N LEU D 256 38.43 -0.98 -6.89
CA LEU D 256 37.77 -2.04 -6.16
C LEU D 256 38.39 -2.13 -4.77
N ILE D 257 39.69 -1.86 -4.67
CA ILE D 257 40.40 -1.88 -3.38
C ILE D 257 39.92 -0.67 -2.57
N LEU D 258 40.02 0.52 -3.17
CA LEU D 258 39.57 1.75 -2.54
C LEU D 258 38.14 1.52 -2.06
N GLY D 259 37.37 0.82 -2.89
CA GLY D 259 36.00 0.53 -2.53
C GLY D 259 35.98 -0.32 -1.27
N ILE D 260 36.96 -1.24 -1.16
CA ILE D 260 37.06 -2.11 0.01
C ILE D 260 37.39 -1.34 1.28
N ILE D 261 38.24 -0.33 1.18
CA ILE D 261 38.56 0.48 2.34
C ILE D 261 37.28 1.13 2.90
N PHE D 262 36.49 1.70 1.99
CA PHE D 262 35.23 2.34 2.40
C PHE D 262 34.25 1.35 2.99
N GLY D 263 34.10 0.20 2.36
CA GLY D 263 33.18 -0.79 2.90
C GLY D 263 33.49 -1.08 4.36
N VAL D 264 34.72 -0.79 4.79
CA VAL D 264 35.09 -1.04 6.17
C VAL D 264 34.89 0.23 6.99
N VAL D 265 35.37 1.35 6.46
CA VAL D 265 35.23 2.62 7.16
C VAL D 265 33.76 2.92 7.36
N GLY D 266 32.95 2.63 6.34
CA GLY D 266 31.52 2.89 6.37
C GLY D 266 30.86 2.50 7.69
N PRO D 267 30.71 1.20 7.94
CA PRO D 267 30.10 0.69 9.16
C PRO D 267 30.76 1.21 10.45
N VAL D 268 32.07 1.43 10.41
CA VAL D 268 32.81 1.93 11.57
C VAL D 268 32.37 3.35 11.89
N PHE D 269 32.32 4.17 10.85
CA PHE D 269 31.91 5.55 11.00
C PHE D 269 30.49 5.58 11.59
N ASN D 270 29.57 4.77 11.05
CA ASN D 270 28.20 4.75 11.56
C ASN D 270 28.15 4.49 13.05
N SER D 271 28.91 3.51 13.52
CA SER D 271 28.91 3.21 14.95
C SER D 271 29.45 4.43 15.70
N LEU D 272 30.56 4.98 15.24
CA LEU D 272 31.09 6.17 15.91
C LEU D 272 29.99 7.20 16.03
N VAL D 273 29.22 7.37 14.96
CA VAL D 273 28.13 8.35 14.98
C VAL D 273 27.20 8.05 16.15
N LEU D 274 26.76 6.80 16.25
CA LEU D 274 25.86 6.39 17.32
C LEU D 274 26.48 6.53 18.72
N ARG D 275 27.65 5.92 18.91
CA ARG D 275 28.33 5.98 20.19
C ARG D 275 28.59 7.40 20.69
N THR D 276 29.09 8.26 19.82
CA THR D 276 29.35 9.64 20.20
C THR D 276 28.02 10.29 20.57
N GLN D 277 26.97 9.84 19.90
CA GLN D 277 25.64 10.37 20.12
C GLN D 277 25.21 10.00 21.54
N ASP D 278 25.74 8.88 22.03
CA ASP D 278 25.48 8.38 23.39
C ASP D 278 26.28 9.16 24.42
N MET D 279 27.58 9.30 24.19
CA MET D 279 28.43 10.03 25.09
C MET D 279 27.70 11.33 25.39
N PHE D 280 27.44 12.11 24.36
CA PHE D 280 26.75 13.36 24.56
C PHE D 280 25.50 13.21 25.40
N GLN D 281 24.85 12.06 25.29
CA GLN D 281 23.62 11.80 26.04
C GLN D 281 23.88 11.71 27.54
N ARG D 282 24.83 10.87 27.92
CA ARG D 282 25.18 10.68 29.33
C ARG D 282 25.53 12.04 29.93
N PHE D 283 26.22 12.86 29.15
CA PHE D 283 26.67 14.18 29.58
C PHE D 283 25.58 15.12 30.04
N HIS D 284 24.72 15.56 29.13
CA HIS D 284 23.64 16.49 29.47
C HIS D 284 22.39 15.78 29.97
N GLY D 285 22.39 14.44 29.92
CA GLY D 285 21.25 13.68 30.38
C GLY D 285 19.97 13.96 29.62
N GLY D 286 19.86 15.14 29.04
CA GLY D 286 18.67 15.52 28.30
C GLY D 286 18.21 16.90 28.70
N GLU D 287 18.77 17.42 29.79
CA GLU D 287 18.39 18.75 30.28
C GLU D 287 18.67 19.84 29.27
N ILE D 288 17.69 20.70 29.07
CA ILE D 288 17.79 21.80 28.11
C ILE D 288 19.02 22.68 28.28
N LYS D 289 19.38 23.05 29.50
CA LYS D 289 20.54 23.91 29.66
C LYS D 289 21.90 23.26 29.52
N LYS D 290 22.02 21.98 29.86
CA LYS D 290 23.30 21.31 29.69
C LYS D 290 23.56 21.17 28.19
N TRP D 291 22.51 20.75 27.49
CA TRP D 291 22.54 20.54 26.05
C TRP D 291 22.88 21.84 25.34
N VAL D 292 22.16 22.89 25.67
CA VAL D 292 22.37 24.18 25.04
C VAL D 292 23.73 24.81 25.31
N LEU D 293 24.43 24.30 26.31
CA LEU D 293 25.74 24.85 26.61
C LEU D 293 26.81 24.04 25.92
N MET D 294 26.70 22.71 25.99
CA MET D 294 27.68 21.86 25.34
C MET D 294 27.55 22.03 23.82
N GLY D 295 26.45 22.66 23.41
CA GLY D 295 26.22 22.92 22.02
C GLY D 295 26.96 24.18 21.63
N GLY D 296 26.96 25.14 22.55
CA GLY D 296 27.63 26.41 22.31
C GLY D 296 29.14 26.25 22.35
N ALA D 297 29.60 25.24 23.09
CA ALA D 297 31.01 24.96 23.22
C ALA D 297 31.49 24.37 21.91
N ILE D 298 30.79 23.31 21.50
CA ILE D 298 31.09 22.60 20.27
C ILE D 298 30.97 23.60 19.13
N GLY D 299 29.98 24.50 19.23
CA GLY D 299 29.77 25.50 18.20
C GLY D 299 30.86 26.57 18.19
N GLY D 300 31.26 27.02 19.37
CA GLY D 300 32.30 28.02 19.48
C GLY D 300 33.62 27.41 19.05
N LEU D 301 33.75 26.11 19.33
CA LEU D 301 34.94 25.34 19.02
C LEU D 301 35.21 25.46 17.52
N CYS D 302 34.13 25.45 16.73
CA CYS D 302 34.21 25.58 15.28
C CYS D 302 34.57 27.00 14.87
N GLY D 303 34.22 27.97 15.72
CA GLY D 303 34.54 29.36 15.47
C GLY D 303 36.05 29.53 15.45
N ILE D 304 36.71 28.86 16.39
CA ILE D 304 38.16 28.87 16.49
C ILE D 304 38.78 28.18 15.29
N LEU D 305 38.46 26.89 15.09
CA LEU D 305 39.02 26.18 13.95
C LEU D 305 38.77 27.01 12.69
N GLY D 306 37.63 27.68 12.66
CA GLY D 306 37.29 28.49 11.52
C GLY D 306 38.39 29.36 10.95
N LEU D 307 39.13 30.03 11.84
CA LEU D 307 40.21 30.88 11.39
C LEU D 307 41.57 30.18 11.54
N ILE D 308 41.64 29.21 12.45
CA ILE D 308 42.85 28.43 12.66
C ILE D 308 42.48 26.98 12.32
N GLU D 309 43.00 26.47 11.19
CA GLU D 309 42.72 25.08 10.75
C GLU D 309 41.33 25.02 10.09
N PRO D 310 41.09 25.86 9.07
CA PRO D 310 39.82 25.96 8.34
C PRO D 310 39.33 24.67 7.69
N ALA D 311 40.26 23.82 7.28
CA ALA D 311 39.88 22.56 6.64
C ALA D 311 39.15 21.64 7.59
N ALA D 312 39.36 21.82 8.90
CA ALA D 312 38.72 20.98 9.89
C ALA D 312 37.26 21.36 10.15
N ALA D 313 36.87 22.53 9.67
CA ALA D 313 35.51 23.00 9.87
C ALA D 313 34.80 23.24 8.54
N GLY D 314 33.65 23.91 8.62
CA GLY D 314 32.89 24.20 7.42
C GLY D 314 32.03 23.03 6.98
N GLY D 315 31.00 23.34 6.20
CA GLY D 315 30.12 22.31 5.70
C GLY D 315 30.84 21.12 5.08
N GLY D 316 31.95 21.39 4.39
CA GLY D 316 32.70 20.30 3.79
C GLY D 316 33.18 20.58 2.39
N PHE D 317 32.27 20.53 1.43
CA PHE D 317 32.71 20.78 0.07
C PHE D 317 32.91 22.25 -0.11
N ASN D 318 32.36 23.02 0.83
CA ASN D 318 32.42 24.49 0.84
C ASN D 318 33.77 25.01 0.35
N LEU D 319 34.76 24.14 0.38
CA LEU D 319 36.07 24.55 -0.05
C LEU D 319 36.92 23.32 -0.37
N ILE D 320 36.53 22.16 0.14
CA ILE D 320 37.38 20.99 -0.04
C ILE D 320 37.44 20.03 -1.26
N PRO D 321 36.36 19.28 -1.60
CA PRO D 321 36.56 18.40 -2.76
C PRO D 321 37.06 19.07 -4.02
N ILE D 322 37.41 20.35 -3.92
CA ILE D 322 37.89 21.06 -5.08
C ILE D 322 39.39 21.31 -4.96
N ALA D 323 39.85 21.55 -3.74
CA ALA D 323 41.26 21.77 -3.47
C ALA D 323 41.91 20.38 -3.42
N ALA D 324 41.15 19.39 -2.93
CA ALA D 324 41.63 18.01 -2.83
C ALA D 324 41.76 17.33 -4.19
N ALA D 325 41.18 17.90 -5.23
CA ALA D 325 41.29 17.32 -6.57
C ALA D 325 42.34 18.10 -7.39
N GLY D 326 43.28 18.71 -6.67
CA GLY D 326 44.36 19.47 -7.27
C GLY D 326 45.68 18.95 -6.69
N ASN D 327 45.98 19.26 -5.43
CA ASN D 327 47.24 18.80 -4.79
C ASN D 327 47.43 19.06 -3.27
N PHE D 328 47.91 18.03 -2.58
CA PHE D 328 48.19 18.03 -1.13
C PHE D 328 49.03 16.76 -0.93
N SER D 329 49.61 16.58 0.27
CA SER D 329 50.44 15.40 0.55
C SER D 329 49.69 14.33 1.31
N VAL D 330 50.07 13.07 1.09
CA VAL D 330 49.41 11.95 1.76
C VAL D 330 49.21 12.12 3.27
N GLY D 331 50.24 12.64 3.94
CA GLY D 331 50.15 12.84 5.36
C GLY D 331 49.20 13.95 5.73
N LEU D 332 49.17 15.02 4.94
CA LEU D 332 48.28 16.14 5.24
C LEU D 332 46.83 15.69 5.05
N LEU D 333 46.59 14.90 4.00
CA LEU D 333 45.25 14.43 3.77
C LEU D 333 44.79 13.60 4.96
N LEU D 334 45.51 12.53 5.27
CA LEU D 334 45.11 11.71 6.40
C LEU D 334 44.95 12.57 7.67
N PHE D 335 45.71 13.64 7.79
CA PHE D 335 45.58 14.48 8.96
C PHE D 335 44.27 15.27 8.92
N ILE D 336 43.92 15.80 7.75
CA ILE D 336 42.66 16.52 7.67
C ILE D 336 41.51 15.53 7.74
N PHE D 337 41.77 14.31 7.29
CA PHE D 337 40.73 13.30 7.32
C PHE D 337 40.26 13.04 8.75
N ILE D 338 41.16 12.54 9.58
CA ILE D 338 40.82 12.22 10.96
C ILE D 338 40.38 13.44 11.73
N THR D 339 40.92 14.60 11.40
CA THR D 339 40.49 15.80 12.10
C THR D 339 39.00 15.96 11.82
N ARG D 340 38.63 15.95 10.54
CA ARG D 340 37.23 16.11 10.17
C ARG D 340 36.33 14.96 10.58
N VAL D 341 36.91 13.78 10.78
CA VAL D 341 36.11 12.65 11.21
C VAL D 341 35.67 12.96 12.64
N VAL D 342 36.58 13.49 13.45
CA VAL D 342 36.20 13.80 14.82
C VAL D 342 35.35 15.08 14.85
N THR D 343 35.64 16.00 13.94
CA THR D 343 34.89 17.24 13.92
C THR D 343 33.45 17.06 13.46
N THR D 344 33.22 16.18 12.48
CA THR D 344 31.84 15.98 12.00
C THR D 344 31.06 15.27 13.10
N LEU D 345 31.68 14.27 13.73
CA LEU D 345 31.03 13.55 14.81
C LEU D 345 30.48 14.54 15.84
N LEU D 346 31.36 15.31 16.46
CA LEU D 346 30.95 16.29 17.45
C LEU D 346 29.78 17.13 17.01
N CYS D 347 29.92 17.77 15.85
CA CYS D 347 28.84 18.61 15.33
C CYS D 347 27.54 17.88 15.05
N PHE D 348 27.61 16.65 14.57
CA PHE D 348 26.39 15.92 14.26
C PHE D 348 25.78 15.24 15.45
N SER D 349 26.53 14.36 16.09
CA SER D 349 26.03 13.63 17.25
C SER D 349 25.56 14.54 18.38
N SER D 350 26.07 15.76 18.44
CA SER D 350 25.65 16.68 19.49
C SER D 350 24.15 16.81 19.46
N GLY D 351 23.60 16.99 18.25
CA GLY D 351 22.18 17.11 18.07
C GLY D 351 21.77 18.30 17.24
N ALA D 352 22.74 19.16 16.93
CA ALA D 352 22.49 20.36 16.15
C ALA D 352 21.70 20.09 14.89
N PRO D 353 20.93 21.09 14.42
CA PRO D 353 20.13 20.92 13.21
C PRO D 353 21.17 20.96 12.09
N GLY D 354 21.35 19.87 11.37
CA GLY D 354 22.35 19.87 10.31
C GLY D 354 22.51 18.52 9.66
N GLY D 355 23.04 18.51 8.44
CA GLY D 355 23.21 17.26 7.74
C GLY D 355 24.53 16.56 7.93
N ILE D 356 24.53 15.25 7.73
CA ILE D 356 25.74 14.46 7.87
C ILE D 356 26.11 13.93 6.47
N PHE D 357 25.24 14.21 5.52
CA PHE D 357 25.36 13.81 4.11
C PHE D 357 26.56 14.52 3.43
N ALA D 358 26.44 15.82 3.23
CA ALA D 358 27.51 16.58 2.61
C ALA D 358 28.84 16.36 3.34
N PRO D 359 28.84 16.39 4.68
CA PRO D 359 30.07 16.18 5.46
C PRO D 359 30.71 14.84 5.13
N MET D 360 29.89 13.85 4.81
CA MET D 360 30.43 12.55 4.44
C MET D 360 31.07 12.68 3.08
N LEU D 361 30.43 13.41 2.17
CA LEU D 361 31.00 13.58 0.84
C LEU D 361 32.44 14.09 0.92
N ALA D 362 32.73 14.87 1.96
CA ALA D 362 34.09 15.39 2.13
C ALA D 362 35.02 14.35 2.75
N LEU D 363 34.55 13.64 3.76
CA LEU D 363 35.40 12.62 4.34
C LEU D 363 35.75 11.64 3.24
N GLY D 364 34.76 11.28 2.45
CA GLY D 364 34.98 10.36 1.37
C GLY D 364 35.91 10.89 0.30
N THR D 365 35.82 12.19 0.03
CA THR D 365 36.67 12.76 -1.00
C THR D 365 38.11 12.80 -0.52
N LEU D 366 38.32 13.22 0.73
CA LEU D 366 39.65 13.31 1.32
C LEU D 366 40.33 11.95 1.34
N LEU D 367 39.62 10.97 1.89
CA LEU D 367 40.14 9.62 2.00
C LEU D 367 40.48 9.08 0.63
N GLY D 368 39.68 9.44 -0.37
CA GLY D 368 39.94 8.97 -1.71
C GLY D 368 41.14 9.63 -2.36
N THR D 369 41.39 10.87 -1.99
CA THR D 369 42.53 11.58 -2.54
C THR D 369 43.78 10.92 -1.98
N ALA D 370 43.76 10.62 -0.68
CA ALA D 370 44.89 10.00 0.01
C ALA D 370 45.24 8.69 -0.67
N PHE D 371 44.26 7.81 -0.79
CA PHE D 371 44.49 6.53 -1.45
C PHE D 371 45.13 6.81 -2.81
N GLY D 372 44.56 7.76 -3.54
CA GLY D 372 45.10 8.10 -4.85
C GLY D 372 46.60 8.31 -4.76
N MET D 373 47.00 9.35 -4.03
CA MET D 373 48.41 9.69 -3.82
C MET D 373 49.25 8.44 -3.58
N ALA D 374 48.86 7.64 -2.59
CA ALA D 374 49.58 6.41 -2.29
C ALA D 374 49.66 5.53 -3.54
N ALA D 375 48.51 5.27 -4.15
CA ALA D 375 48.45 4.45 -5.35
C ALA D 375 49.30 5.03 -6.49
N ALA D 376 49.17 6.32 -6.74
CA ALA D 376 49.91 6.98 -7.81
C ALA D 376 51.42 6.78 -7.68
N VAL D 377 51.89 6.64 -6.44
CA VAL D 377 53.31 6.44 -6.21
C VAL D 377 53.66 4.97 -6.38
N LEU D 378 53.00 4.12 -5.62
CA LEU D 378 53.23 2.68 -5.67
C LEU D 378 53.19 2.10 -7.09
N PHE D 379 52.46 2.74 -7.99
CA PHE D 379 52.35 2.26 -9.37
C PHE D 379 52.50 3.43 -10.32
N PRO D 380 53.73 3.95 -10.45
CA PRO D 380 54.02 5.09 -11.34
C PRO D 380 53.77 4.74 -12.79
N GLN D 381 53.67 3.44 -13.07
CA GLN D 381 53.43 2.95 -14.42
C GLN D 381 52.08 3.39 -14.98
N TYR D 382 51.11 3.59 -14.09
CA TYR D 382 49.76 3.99 -14.46
C TYR D 382 49.55 5.47 -14.74
N HIS D 383 50.46 6.31 -14.24
CA HIS D 383 50.37 7.76 -14.45
C HIS D 383 49.06 8.23 -13.84
N LEU D 384 48.84 7.83 -12.59
CA LEU D 384 47.63 8.15 -11.86
C LEU D 384 47.55 9.55 -11.28
N GLU D 385 46.39 10.19 -11.42
CA GLU D 385 46.19 11.51 -10.81
C GLU D 385 45.28 11.23 -9.63
N ALA D 386 45.70 11.68 -8.45
CA ALA D 386 44.91 11.44 -7.26
C ALA D 386 43.48 11.90 -7.49
N GLY D 387 43.34 13.02 -8.20
CA GLY D 387 42.03 13.57 -8.48
C GLY D 387 40.98 12.53 -8.82
N THR D 388 41.27 11.65 -9.78
CA THR D 388 40.28 10.64 -10.16
C THR D 388 39.80 9.80 -9.00
N PHE D 389 40.66 9.58 -8.01
CA PHE D 389 40.23 8.78 -6.87
C PHE D 389 39.45 9.66 -5.91
N ALA D 390 39.73 10.96 -5.93
CA ALA D 390 38.98 11.87 -5.07
C ALA D 390 37.54 11.68 -5.50
N ILE D 391 37.29 11.90 -6.79
CA ILE D 391 35.98 11.75 -7.36
C ILE D 391 35.35 10.39 -7.10
N ALA D 392 36.10 9.32 -7.33
CA ALA D 392 35.58 7.98 -7.14
C ALA D 392 35.08 7.78 -5.72
N GLY D 393 35.82 8.35 -4.77
CA GLY D 393 35.43 8.18 -3.40
C GLY D 393 34.53 9.26 -2.87
N MET D 394 34.30 10.34 -3.61
CA MET D 394 33.46 11.41 -3.08
C MET D 394 32.12 10.90 -2.57
N GLY D 395 31.58 9.86 -3.20
CA GLY D 395 30.29 9.34 -2.77
C GLY D 395 30.28 7.97 -2.15
N ALA D 396 31.45 7.33 -2.03
CA ALA D 396 31.50 5.98 -1.48
C ALA D 396 31.26 5.86 0.02
N LEU D 397 31.71 6.83 0.80
CA LEU D 397 31.50 6.70 2.24
C LEU D 397 30.02 6.79 2.53
N MET D 398 29.34 7.78 1.96
CA MET D 398 27.91 7.95 2.19
C MET D 398 27.18 6.74 1.62
N ALA D 399 27.69 6.19 0.52
CA ALA D 399 27.06 5.04 -0.08
C ALA D 399 27.12 3.81 0.83
N ALA D 400 28.18 3.69 1.62
CA ALA D 400 28.31 2.56 2.52
C ALA D 400 27.65 2.83 3.88
N SER D 401 27.52 4.09 4.26
CA SER D 401 26.85 4.40 5.52
C SER D 401 25.36 4.34 5.30
N VAL D 402 24.87 5.24 4.47
CA VAL D 402 23.45 5.33 4.17
C VAL D 402 22.95 4.14 3.36
N ARG D 403 23.82 3.61 2.52
CA ARG D 403 23.48 2.48 1.65
C ARG D 403 22.58 2.95 0.51
N ALA D 404 23.08 3.92 -0.25
CA ALA D 404 22.36 4.47 -1.37
C ALA D 404 23.45 4.69 -2.40
N PRO D 405 24.03 3.60 -2.92
CA PRO D 405 25.10 3.58 -3.91
C PRO D 405 24.75 4.26 -5.21
N LEU D 406 23.52 4.04 -5.65
CA LEU D 406 23.05 4.60 -6.89
C LEU D 406 22.93 6.12 -6.76
N THR D 407 22.53 6.59 -5.59
CA THR D 407 22.41 8.03 -5.34
C THR D 407 23.79 8.66 -5.26
N GLY D 408 24.69 7.98 -4.56
CA GLY D 408 26.05 8.46 -4.44
C GLY D 408 26.66 8.70 -5.82
N ILE D 409 26.57 7.69 -6.66
CA ILE D 409 27.09 7.76 -8.00
C ILE D 409 26.51 8.94 -8.78
N VAL D 410 25.20 8.93 -9.00
CA VAL D 410 24.59 10.01 -9.74
C VAL D 410 24.80 11.39 -9.11
N LEU D 411 24.83 11.45 -7.77
CA LEU D 411 25.03 12.74 -7.10
C LEU D 411 26.37 13.30 -7.53
N VAL D 412 27.41 12.46 -7.50
CA VAL D 412 28.74 12.91 -7.88
C VAL D 412 28.79 13.33 -9.33
N LEU D 413 28.28 12.45 -10.18
CA LEU D 413 28.27 12.68 -11.61
C LEU D 413 27.69 14.08 -11.83
N GLU D 414 26.65 14.41 -11.07
CA GLU D 414 26.00 15.70 -11.20
C GLU D 414 26.78 16.90 -10.71
N MET D 415 27.54 16.76 -9.63
CA MET D 415 28.31 17.89 -9.13
C MET D 415 29.69 18.00 -9.77
N THR D 416 30.29 16.84 -10.04
CA THR D 416 31.60 16.69 -10.65
C THR D 416 31.63 16.80 -12.20
N ASP D 417 30.75 16.06 -12.84
CA ASP D 417 30.64 16.03 -14.30
C ASP D 417 31.88 15.55 -15.06
N ASN D 418 32.31 14.35 -14.70
CA ASN D 418 33.44 13.69 -15.35
C ASN D 418 32.94 12.30 -15.74
N TYR D 419 31.94 12.26 -16.61
CA TYR D 419 31.35 10.99 -17.00
C TYR D 419 32.36 9.93 -17.44
N GLN D 420 33.56 10.37 -17.87
CA GLN D 420 34.57 9.42 -18.28
C GLN D 420 35.06 8.62 -17.07
N LEU D 421 34.61 9.01 -15.90
CA LEU D 421 34.98 8.33 -14.67
C LEU D 421 33.83 7.53 -14.07
N ILE D 422 32.78 7.25 -14.85
CA ILE D 422 31.67 6.53 -14.28
C ILE D 422 32.01 5.10 -13.82
N LEU D 423 32.86 4.39 -14.54
CA LEU D 423 33.24 3.06 -14.07
C LEU D 423 33.94 3.12 -12.70
N PRO D 424 35.02 3.90 -12.58
CA PRO D 424 35.68 3.96 -11.27
C PRO D 424 34.65 4.31 -10.19
N MET D 425 33.83 5.31 -10.46
CA MET D 425 32.79 5.72 -9.52
C MET D 425 31.90 4.55 -9.10
N ILE D 426 31.28 3.88 -10.06
CA ILE D 426 30.40 2.75 -9.74
C ILE D 426 31.10 1.67 -8.93
N ILE D 427 32.32 1.31 -9.34
CA ILE D 427 33.09 0.29 -8.64
C ILE D 427 33.31 0.69 -7.16
N THR D 428 34.00 1.80 -6.93
CA THR D 428 34.25 2.21 -5.56
C THR D 428 32.96 2.33 -4.74
N CYS D 429 31.90 2.91 -5.33
CA CYS D 429 30.63 3.06 -4.61
C CYS D 429 29.85 1.79 -4.37
N LEU D 430 29.67 0.98 -5.40
CA LEU D 430 28.94 -0.26 -5.24
C LEU D 430 29.77 -1.21 -4.38
N GLY D 431 31.07 -1.24 -4.63
CA GLY D 431 31.97 -2.09 -3.86
C GLY D 431 31.84 -1.84 -2.37
N ALA D 432 32.03 -0.58 -1.97
CA ALA D 432 31.91 -0.20 -0.59
C ALA D 432 30.58 -0.64 -0.02
N THR D 433 29.51 -0.39 -0.76
CA THR D 433 28.19 -0.76 -0.29
C THR D 433 28.09 -2.26 -0.09
N LEU D 434 28.37 -3.04 -1.13
CA LEU D 434 28.29 -4.50 -0.96
C LEU D 434 29.04 -4.93 0.29
N LEU D 435 30.33 -4.61 0.32
CA LEU D 435 31.19 -4.98 1.44
C LEU D 435 30.61 -4.58 2.80
N ALA D 436 30.37 -3.29 2.99
CA ALA D 436 29.82 -2.78 4.26
C ALA D 436 28.56 -3.52 4.69
N GLN D 437 27.72 -3.87 3.73
CA GLN D 437 26.50 -4.59 4.06
C GLN D 437 26.88 -5.95 4.57
N PHE D 438 27.65 -6.67 3.77
CA PHE D 438 28.12 -8.01 4.11
C PHE D 438 28.80 -8.03 5.48
N LEU D 439 29.64 -7.03 5.73
CA LEU D 439 30.38 -6.92 6.97
C LEU D 439 29.54 -6.50 8.18
N GLY D 440 28.22 -6.64 8.06
CA GLY D 440 27.34 -6.27 9.16
C GLY D 440 27.10 -4.78 9.31
N GLY D 441 26.71 -4.11 8.24
CA GLY D 441 26.44 -2.68 8.32
C GLY D 441 24.95 -2.36 8.18
N LYS D 442 24.50 -1.30 8.83
CA LYS D 442 23.09 -0.92 8.77
C LYS D 442 22.92 0.50 8.24
N PRO D 443 21.84 0.77 7.50
CA PRO D 443 21.59 2.10 6.96
C PRO D 443 21.56 3.11 8.11
N LEU D 444 22.44 4.09 8.07
CA LEU D 444 22.51 5.06 9.16
C LEU D 444 21.17 5.68 9.52
N TYR D 445 20.40 6.06 8.52
CA TYR D 445 19.09 6.67 8.75
C TYR D 445 18.13 5.67 9.37
N SER D 446 18.10 4.45 8.84
CA SER D 446 17.21 3.44 9.40
C SER D 446 17.55 3.26 10.88
N THR D 447 18.84 3.12 11.16
CA THR D 447 19.31 2.93 12.53
C THR D 447 18.88 4.08 13.42
N ILE D 448 19.23 5.30 13.05
CA ILE D 448 18.83 6.44 13.87
C ILE D 448 17.31 6.44 14.12
N LEU D 449 16.54 6.13 13.08
CA LEU D 449 15.08 6.11 13.18
C LEU D 449 14.64 5.02 14.16
N ALA D 450 15.29 3.86 14.07
CA ALA D 450 14.97 2.77 14.96
C ALA D 450 15.26 3.19 16.40
N ARG D 451 16.40 3.82 16.62
CA ARG D 451 16.76 4.26 17.96
C ARG D 451 15.88 5.39 18.46
N THR D 452 15.48 6.28 17.56
CA THR D 452 14.63 7.39 17.98
C THR D 452 13.25 6.85 18.38
N LEU D 453 12.88 5.67 17.87
CA LEU D 453 11.60 5.08 18.23
C LEU D 453 11.72 4.30 19.52
N ALA D 454 12.91 3.76 19.77
CA ALA D 454 13.14 2.99 20.98
C ALA D 454 13.12 3.95 22.17
N LYS D 455 13.88 5.04 22.09
CA LYS D 455 13.92 6.01 23.18
C LYS D 455 12.56 6.69 23.31
N GLN D 456 11.75 6.62 22.27
CA GLN D 456 10.42 7.25 22.31
C GLN D 456 9.55 6.47 23.27
N ASP D 457 9.58 5.15 23.17
CA ASP D 457 8.80 4.30 24.05
C ASP D 457 9.39 4.21 25.44
N ALA D 458 10.72 4.07 25.51
CA ALA D 458 11.42 3.97 26.78
C ALA D 458 11.03 5.06 27.77
N GLU D 459 10.19 5.97 27.32
CA GLU D 459 9.72 7.06 28.15
C GLU D 459 8.20 7.04 28.20
N GLN D 460 7.57 6.99 27.02
CA GLN D 460 6.11 6.96 26.93
C GLN D 460 5.50 5.81 27.75
N ALA D 461 6.18 4.67 27.76
CA ALA D 461 5.71 3.48 28.50
C ALA D 461 6.61 3.22 29.72
N GLU D 462 7.12 4.32 30.27
CA GLU D 462 8.00 4.31 31.45
C GLU D 462 7.31 4.91 32.68
#